data_1DQA
#
_entry.id   1DQA
#
_cell.length_a   73.918
_cell.length_b   172.630
_cell.length_c   73.991
_cell.angle_alpha   90.00
_cell.angle_beta   117.50
_cell.angle_gamma   90.00
#
_symmetry.space_group_name_H-M   'P 1 21 1'
#
loop_
_entity.id
_entity.type
_entity.pdbx_description
1 polymer 'PROTEIN (HMG-COA REDUCTASE)'
2 non-polymer 'COENZYME A'
3 non-polymer '3-HYDROXY-3-METHYL-GLUTARIC ACID'
4 non-polymer 'NADP NICOTINAMIDE-ADENINE-DINUCLEOTIDE PHOSPHATE'
5 water water
#
_entity_poly.entity_id   1
_entity_poly.type   'polypeptide(L)'
_entity_poly.pdbx_seq_one_letter_code
;GAMASSVLVTQEPEIELPREPRPNEECLQILGNAEKGAKFLSDAEIIQLVNAKHIPAYKLETLIETHERGVSIRRQLLSK
KLSEPSSLQYLPYRDYNYSLVMGACCENVIGYMPIPVGVAGPLCLDEKEFQVPMATTEGCLVASTNRGCRAIGLGGGASS
RVLADGMTRGPVVRLPRACDSAEVKAWLETSEGFAVIKEAFDSTSRFARLQKLHTSIAGRNLYIRFQSRSGDAMGMNMIS
KGTEKALSKLHEYFPEMQILAVSGNYCTDKKPAAINWIEGRGKSVVCEAVIPAKVVREVLKTTTEAMIEVNINKNLVGSA
MAGSIGGYNAHAANIVTAIYIACGQDAAQNVGSSNCITLMEASGPTNEDLYISCTMPSIEIGTVGGGTNLLPQQACLQML
GVQGACKDNPGENARQLARIVCGTVMAGELSLMAALAAGHLVKSHMIHNRSKINLQDLQGACTKKTA
;
_entity_poly.pdbx_strand_id   A,B,C,D
#
loop_
_chem_comp.id
_chem_comp.type
_chem_comp.name
_chem_comp.formula
COA non-polymer 'COENZYME A' 'C21 H36 N7 O16 P3 S'
MAH non-polymer '3-HYDROXY-3-METHYL-GLUTARIC ACID' 'C6 H10 O5'
NAP non-polymer 'NADP NICOTINAMIDE-ADENINE-DINUCLEOTIDE PHOSPHATE' 'C21 H28 N7 O17 P3'
#
# COMPACT_ATOMS: atom_id res chain seq x y z
N LEU A 41 49.05 9.78 -32.99
CA LEU A 41 48.63 11.13 -32.51
C LEU A 41 48.78 11.28 -31.02
N SER A 42 48.88 12.52 -30.54
CA SER A 42 49.02 12.76 -29.11
C SER A 42 47.62 12.97 -28.51
N ASP A 43 47.58 13.07 -27.18
CA ASP A 43 46.34 13.29 -26.46
C ASP A 43 45.77 14.67 -26.81
N ALA A 44 46.65 15.68 -26.76
CA ALA A 44 46.26 17.06 -27.08
C ALA A 44 45.69 17.17 -28.49
N GLU A 45 46.30 16.43 -29.43
CA GLU A 45 45.86 16.45 -30.82
C GLU A 45 44.51 15.77 -31.00
N ILE A 46 44.33 14.63 -30.33
CA ILE A 46 43.06 13.90 -30.41
C ILE A 46 41.93 14.79 -29.88
N ILE A 47 42.21 15.50 -28.79
CA ILE A 47 41.24 16.41 -28.17
C ILE A 47 40.85 17.54 -29.12
N GLN A 48 41.87 18.18 -29.71
CA GLN A 48 41.64 19.28 -30.64
C GLN A 48 40.77 18.84 -31.80
N LEU A 49 40.95 17.60 -32.23
CA LEU A 49 40.17 17.04 -33.33
C LEU A 49 38.73 16.81 -32.87
N VAL A 50 38.57 16.40 -31.62
CA VAL A 50 37.25 16.15 -31.04
C VAL A 50 36.46 17.44 -31.01
N ASN A 51 36.99 18.44 -30.31
CA ASN A 51 36.33 19.74 -30.18
C ASN A 51 36.01 20.36 -31.54
N ALA A 52 37.07 20.43 -32.35
CA ALA A 52 36.96 20.99 -33.68
C ALA A 52 35.83 20.30 -34.43
N LYS A 53 35.67 19.00 -34.31
CA LYS A 53 34.69 18.35 -35.21
C LYS A 53 33.52 18.02 -34.47
N HIS A 54 33.27 18.90 -33.66
CA HIS A 54 32.24 18.65 -32.75
C HIS A 54 31.83 17.15 -32.59
N ILE A 55 32.79 16.15 -32.31
CA ILE A 55 32.64 14.61 -32.09
C ILE A 55 32.13 14.17 -30.70
N PRO A 56 31.08 13.25 -30.58
CA PRO A 56 30.54 12.84 -29.28
C PRO A 56 31.63 12.19 -28.42
N ALA A 57 31.72 12.61 -27.17
CA ALA A 57 32.69 12.06 -26.22
C ALA A 57 32.43 10.57 -26.05
N TYR A 58 31.16 10.16 -26.15
CA TYR A 58 30.80 8.75 -26.01
C TYR A 58 31.28 7.85 -27.15
N LYS A 59 31.67 8.46 -28.27
CA LYS A 59 32.16 7.71 -29.43
C LYS A 59 33.69 7.54 -29.47
N LEU A 60 34.37 8.12 -28.49
CA LEU A 60 35.83 8.07 -28.42
C LEU A 60 36.46 6.68 -28.62
N GLU A 61 35.85 5.63 -28.06
CA GLU A 61 36.40 4.27 -28.20
C GLU A 61 36.38 3.74 -29.62
N THR A 62 35.43 4.22 -30.43
CA THR A 62 35.33 3.77 -31.83
C THR A 62 36.35 4.52 -32.69
N LEU A 63 36.96 5.55 -32.10
CA LEU A 63 37.94 6.38 -32.79
C LEU A 63 39.36 5.94 -32.45
N ILE A 64 39.62 5.72 -31.16
CA ILE A 64 40.94 5.29 -30.69
C ILE A 64 41.01 3.75 -30.72
N GLU A 65 42.22 3.20 -30.64
CA GLU A 65 42.40 1.76 -30.67
C GLU A 65 42.16 1.11 -29.30
N THR A 66 42.90 1.58 -28.30
CA THR A 66 42.78 1.06 -26.95
C THR A 66 41.65 1.71 -26.14
N HIS A 67 40.93 0.88 -25.39
CA HIS A 67 39.83 1.34 -24.54
C HIS A 67 40.29 2.28 -23.45
N GLU A 68 41.38 1.93 -22.77
CA GLU A 68 41.89 2.75 -21.68
C GLU A 68 42.23 4.17 -22.09
N ARG A 69 42.84 4.33 -23.26
CA ARG A 69 43.20 5.66 -23.74
C ARG A 69 41.95 6.49 -24.03
N GLY A 70 40.88 5.84 -24.52
CA GLY A 70 39.66 6.56 -24.78
C GLY A 70 39.10 7.11 -23.48
N VAL A 71 39.18 6.31 -22.42
CA VAL A 71 38.72 6.70 -21.11
C VAL A 71 39.59 7.86 -20.61
N SER A 72 40.90 7.75 -20.81
CA SER A 72 41.82 8.82 -20.41
C SER A 72 41.48 10.15 -21.10
N ILE A 73 41.25 10.08 -22.40
CA ILE A 73 40.91 11.25 -23.20
C ILE A 73 39.58 11.81 -22.70
N ARG A 74 38.60 10.93 -22.47
CA ARG A 74 37.28 11.38 -21.98
C ARG A 74 37.45 12.14 -20.65
N ARG A 75 38.27 11.61 -19.76
CA ARG A 75 38.53 12.25 -18.47
C ARG A 75 39.14 13.63 -18.67
N GLN A 76 40.01 13.75 -19.67
CA GLN A 76 40.66 15.03 -19.97
C GLN A 76 39.66 16.05 -20.51
N LEU A 77 38.78 15.59 -21.41
CA LEU A 77 37.73 16.44 -21.99
C LEU A 77 36.78 16.92 -20.89
N LEU A 78 36.49 16.02 -19.95
CA LEU A 78 35.59 16.32 -18.85
C LEU A 78 36.17 17.28 -17.84
N SER A 79 37.45 17.09 -17.51
CA SER A 79 38.13 17.94 -16.52
C SER A 79 38.02 19.42 -16.82
N LYS A 80 38.01 19.76 -18.10
CA LYS A 80 37.91 21.15 -18.54
C LYS A 80 36.54 21.74 -18.25
N LYS A 81 35.53 20.88 -18.09
CA LYS A 81 34.18 21.36 -17.84
C LYS A 81 33.81 21.36 -16.36
N LEU A 82 34.79 21.12 -15.49
CA LEU A 82 34.51 21.07 -14.06
C LEU A 82 34.93 22.33 -13.29
N SER A 83 34.13 22.69 -12.30
CA SER A 83 34.44 23.84 -11.46
C SER A 83 35.75 23.53 -10.70
N GLU A 84 36.00 22.24 -10.45
CA GLU A 84 37.22 21.77 -9.77
C GLU A 84 37.86 20.79 -10.76
N PRO A 85 38.73 21.30 -11.65
CA PRO A 85 39.44 20.50 -12.67
C PRO A 85 40.18 19.28 -12.15
N SER A 86 40.62 19.33 -10.90
CA SER A 86 41.35 18.22 -10.32
C SER A 86 40.45 17.15 -9.67
N SER A 87 39.13 17.31 -9.80
CA SER A 87 38.15 16.37 -9.22
C SER A 87 38.44 14.89 -9.44
N LEU A 88 38.82 14.55 -10.66
CA LEU A 88 39.07 13.16 -11.06
C LEU A 88 40.35 12.50 -10.55
N GLN A 89 41.19 13.27 -9.87
CA GLN A 89 42.46 12.76 -9.37
C GLN A 89 42.38 11.40 -8.65
N TYR A 90 41.45 11.28 -7.72
CA TYR A 90 41.30 10.02 -6.97
C TYR A 90 40.24 9.04 -7.49
N LEU A 91 39.73 9.29 -8.69
CA LEU A 91 38.76 8.37 -9.32
C LEU A 91 39.66 7.50 -10.21
N PRO A 92 39.81 6.22 -9.87
CA PRO A 92 40.66 5.32 -10.66
C PRO A 92 40.10 4.92 -12.00
N TYR A 93 41.00 4.53 -12.90
CA TYR A 93 40.60 4.10 -14.24
C TYR A 93 41.58 3.13 -14.89
N ARG A 94 42.85 3.14 -14.45
CA ARG A 94 43.86 2.25 -15.03
C ARG A 94 43.79 0.79 -14.63
N ASP A 95 44.33 -0.05 -15.50
CA ASP A 95 44.40 -1.51 -15.31
C ASP A 95 43.07 -2.20 -15.11
N TYR A 96 42.05 -1.75 -15.83
CA TYR A 96 40.75 -2.39 -15.74
C TYR A 96 40.36 -2.83 -17.14
N ASN A 97 39.73 -3.99 -17.25
CA ASN A 97 39.33 -4.53 -18.55
C ASN A 97 38.06 -3.88 -19.10
N TYR A 98 38.21 -2.80 -19.87
CA TYR A 98 37.06 -2.10 -20.42
C TYR A 98 36.35 -2.80 -21.59
N SER A 99 37.02 -3.76 -22.21
CA SER A 99 36.43 -4.48 -23.34
C SER A 99 35.13 -5.21 -22.99
N LEU A 100 35.07 -5.76 -21.78
CA LEU A 100 33.89 -6.48 -21.31
C LEU A 100 32.74 -5.51 -21.01
N VAL A 101 33.10 -4.29 -20.58
CA VAL A 101 32.16 -3.24 -20.22
C VAL A 101 31.46 -2.55 -21.40
N MET A 102 32.24 -2.20 -22.42
CA MET A 102 31.71 -1.51 -23.58
C MET A 102 30.72 -2.36 -24.36
N GLY A 103 29.60 -1.73 -24.72
CA GLY A 103 28.56 -2.45 -25.47
C GLY A 103 27.80 -3.45 -24.62
N ALA A 104 27.97 -3.39 -23.30
CA ALA A 104 27.26 -4.33 -22.45
C ALA A 104 26.88 -3.81 -21.08
N CYS A 105 27.76 -3.05 -20.45
CA CYS A 105 27.49 -2.60 -19.10
C CYS A 105 27.50 -1.12 -18.79
N CYS A 106 28.14 -0.30 -19.63
CA CYS A 106 28.21 1.13 -19.33
C CYS A 106 28.69 1.96 -20.53
N GLU A 107 28.23 3.20 -20.61
CA GLU A 107 28.63 4.10 -21.70
C GLU A 107 29.32 5.32 -21.12
N ASN A 108 30.06 6.04 -21.98
CA ASN A 108 30.74 7.27 -21.58
C ASN A 108 31.54 7.06 -20.30
N VAL A 109 32.32 5.98 -20.26
CA VAL A 109 33.10 5.60 -19.10
C VAL A 109 34.29 6.50 -18.75
N ILE A 110 34.35 6.90 -17.48
CA ILE A 110 35.43 7.75 -16.97
C ILE A 110 36.29 7.10 -15.89
N GLY A 111 36.01 5.82 -15.59
CA GLY A 111 36.75 5.08 -14.59
C GLY A 111 35.89 4.04 -13.89
N TYR A 112 36.29 3.63 -12.70
CA TYR A 112 35.53 2.67 -11.91
C TYR A 112 35.48 3.10 -10.46
N MET A 113 34.43 2.66 -9.77
CA MET A 113 34.24 2.99 -8.36
C MET A 113 34.43 1.75 -7.52
N PRO A 114 35.50 1.72 -6.70
CA PRO A 114 35.80 0.58 -5.83
C PRO A 114 34.87 0.54 -4.62
N ILE A 115 34.17 -0.57 -4.44
CA ILE A 115 33.29 -0.72 -3.27
C ILE A 115 33.93 -1.81 -2.41
N PRO A 116 34.25 -1.51 -1.12
CA PRO A 116 34.87 -2.54 -0.28
C PRO A 116 34.05 -3.83 -0.20
N VAL A 117 34.73 -4.98 -0.28
CA VAL A 117 34.05 -6.27 -0.18
C VAL A 117 34.57 -6.96 1.07
N GLY A 118 33.65 -7.39 1.92
CA GLY A 118 34.01 -8.13 3.12
C GLY A 118 33.42 -9.54 2.99
N VAL A 119 33.70 -10.44 3.94
CA VAL A 119 33.15 -11.78 3.87
C VAL A 119 32.47 -12.18 5.17
N ALA A 120 31.30 -12.79 5.05
CA ALA A 120 30.53 -13.27 6.21
C ALA A 120 30.37 -14.78 6.03
N GLY A 121 30.61 -15.54 7.09
CA GLY A 121 30.48 -16.99 6.97
C GLY A 121 31.37 -17.73 7.96
N PRO A 122 31.32 -19.07 7.95
CA PRO A 122 30.48 -19.80 7.00
C PRO A 122 28.97 -19.75 7.27
N LEU A 123 28.22 -19.67 6.19
CA LEU A 123 26.76 -19.71 6.29
C LEU A 123 26.43 -21.18 6.05
N CYS A 124 25.96 -21.86 7.10
CA CYS A 124 25.59 -23.29 7.03
C CYS A 124 24.17 -23.38 6.53
N LEU A 125 24.03 -23.78 5.28
CA LEU A 125 22.73 -23.83 4.63
C LEU A 125 22.55 -25.07 3.78
N ASP A 126 21.48 -25.79 4.08
CA ASP A 126 21.12 -27.02 3.36
C ASP A 126 22.30 -27.98 3.26
N GLU A 127 22.92 -28.23 4.41
CA GLU A 127 24.07 -29.13 4.53
C GLU A 127 25.35 -28.66 3.82
N LYS A 128 25.37 -27.41 3.37
CA LYS A 128 26.56 -26.85 2.71
C LYS A 128 27.06 -25.64 3.50
N GLU A 129 28.28 -25.21 3.21
CA GLU A 129 28.85 -24.05 3.90
C GLU A 129 29.27 -23.03 2.86
N PHE A 130 28.77 -21.80 3.02
CA PHE A 130 29.07 -20.73 2.06
C PHE A 130 29.83 -19.58 2.71
N GLN A 131 30.75 -18.98 1.93
CA GLN A 131 31.52 -17.82 2.37
C GLN A 131 30.93 -16.71 1.49
N VAL A 132 30.09 -15.88 2.10
CA VAL A 132 29.35 -14.85 1.37
C VAL A 132 30.03 -13.49 1.23
N PRO A 133 30.28 -13.08 -0.02
CA PRO A 133 30.91 -11.79 -0.29
C PRO A 133 29.87 -10.69 -0.24
N MET A 134 30.24 -9.56 0.36
CA MET A 134 29.34 -8.42 0.54
C MET A 134 30.07 -7.10 0.26
N ALA A 135 29.62 -6.37 -0.76
CA ALA A 135 30.21 -5.09 -1.13
C ALA A 135 29.41 -3.98 -0.46
N THR A 136 30.05 -3.22 0.41
CA THR A 136 29.33 -2.17 1.13
C THR A 136 30.26 -1.09 1.68
N THR A 137 29.67 0.05 2.05
CA THR A 137 30.40 1.14 2.71
C THR A 137 29.75 1.38 4.07
N GLU A 138 28.82 0.50 4.45
CA GLU A 138 28.18 0.64 5.75
C GLU A 138 28.91 -0.18 6.82
N GLY A 139 29.57 0.52 7.75
CA GLY A 139 30.26 -0.17 8.83
C GLY A 139 29.22 -0.96 9.62
N CYS A 140 29.66 -2.07 10.22
CA CYS A 140 28.84 -3.00 11.00
C CYS A 140 28.09 -4.05 10.19
N LEU A 141 27.81 -3.78 8.92
CA LEU A 141 27.03 -4.74 8.13
C LEU A 141 27.67 -6.13 8.04
N VAL A 142 28.93 -6.19 7.61
CA VAL A 142 29.60 -7.48 7.49
C VAL A 142 29.78 -8.14 8.87
N ALA A 143 30.11 -7.33 9.89
CA ALA A 143 30.29 -7.89 11.24
C ALA A 143 28.99 -8.53 11.75
N SER A 144 27.87 -7.81 11.57
CA SER A 144 26.56 -8.28 12.04
C SER A 144 26.13 -9.54 11.31
N THR A 145 26.26 -9.53 9.99
CA THR A 145 25.88 -10.67 9.16
C THR A 145 26.72 -11.90 9.54
N ASN A 146 28.00 -11.66 9.83
CA ASN A 146 28.93 -12.72 10.23
C ASN A 146 28.47 -13.27 11.59
N ARG A 147 28.03 -12.40 12.50
CA ARG A 147 27.55 -12.85 13.80
C ARG A 147 26.32 -13.75 13.64
N GLY A 148 25.39 -13.33 12.79
CA GLY A 148 24.19 -14.11 12.52
C GLY A 148 24.55 -15.48 11.97
N CYS A 149 25.50 -15.53 11.02
CA CYS A 149 25.96 -16.82 10.45
C CYS A 149 26.52 -17.69 11.57
N ARG A 150 27.29 -17.08 12.48
CA ARG A 150 27.86 -17.83 13.61
C ARG A 150 26.74 -18.42 14.48
N ALA A 151 25.68 -17.66 14.73
CA ALA A 151 24.56 -18.16 15.53
C ALA A 151 23.87 -19.33 14.82
N ILE A 152 23.62 -19.17 13.53
CA ILE A 152 22.99 -20.23 12.73
C ILE A 152 23.85 -21.51 12.73
N GLY A 153 25.17 -21.33 12.61
CA GLY A 153 26.09 -22.46 12.56
C GLY A 153 26.10 -23.26 13.85
N LEU A 154 26.13 -22.55 14.98
CA LEU A 154 26.12 -23.22 16.28
C LEU A 154 24.77 -23.88 16.53
N GLY A 155 23.75 -23.47 15.78
CA GLY A 155 22.43 -24.05 15.93
C GLY A 155 22.16 -25.22 14.99
N GLY A 156 23.19 -25.71 14.31
CA GLY A 156 22.99 -26.84 13.42
C GLY A 156 22.64 -26.52 11.98
N GLY A 157 22.64 -25.24 11.60
CA GLY A 157 22.35 -24.85 10.23
C GLY A 157 20.94 -24.42 9.87
N ALA A 158 20.85 -23.81 8.68
CA ALA A 158 19.59 -23.31 8.16
C ALA A 158 19.12 -24.20 6.99
N SER A 159 17.82 -24.16 6.70
CA SER A 159 17.23 -24.93 5.61
C SER A 159 16.42 -23.95 4.74
N SER A 160 16.48 -24.13 3.43
CA SER A 160 15.74 -23.26 2.50
C SER A 160 15.07 -24.03 1.36
N ARG A 161 14.08 -23.39 0.74
CA ARG A 161 13.35 -23.96 -0.38
C ARG A 161 12.96 -22.87 -1.36
N VAL A 162 13.13 -23.14 -2.65
CA VAL A 162 12.70 -22.20 -3.68
C VAL A 162 11.25 -22.62 -3.93
N LEU A 163 10.34 -21.64 -3.84
CA LEU A 163 8.92 -21.87 -3.99
C LEU A 163 8.34 -21.64 -5.37
N ALA A 164 9.00 -20.80 -6.15
CA ALA A 164 8.52 -20.42 -7.47
C ALA A 164 9.68 -19.76 -8.17
N ASP A 165 9.66 -19.77 -9.49
CA ASP A 165 10.72 -19.18 -10.28
C ASP A 165 10.11 -18.66 -11.55
N GLY A 166 10.10 -17.35 -11.71
CA GLY A 166 9.56 -16.76 -12.91
C GLY A 166 9.65 -15.25 -12.98
N MET A 167 10.47 -14.76 -13.90
CA MET A 167 10.62 -13.32 -14.11
C MET A 167 9.35 -12.86 -14.86
N THR A 168 9.01 -11.58 -14.75
CA THR A 168 7.79 -11.10 -15.41
C THR A 168 7.95 -9.81 -16.19
N ARG A 169 7.00 -9.57 -17.08
CA ARG A 169 6.90 -8.34 -17.87
C ARG A 169 5.40 -8.05 -17.99
N GLY A 170 5.03 -6.80 -17.71
CA GLY A 170 3.64 -6.42 -17.75
C GLY A 170 3.29 -5.24 -18.64
N PRO A 171 3.20 -5.47 -19.95
CA PRO A 171 2.86 -4.44 -20.92
C PRO A 171 1.43 -3.95 -20.78
N VAL A 172 1.18 -2.76 -21.32
CA VAL A 172 -0.17 -2.23 -21.37
C VAL A 172 -0.55 -2.06 -22.85
N VAL A 173 -1.71 -2.58 -23.21
CA VAL A 173 -2.24 -2.46 -24.57
C VAL A 173 -3.64 -1.86 -24.38
N ARG A 174 -4.25 -1.37 -25.47
CA ARG A 174 -5.59 -0.77 -25.41
C ARG A 174 -6.41 -1.23 -26.62
N LEU A 175 -7.71 -1.33 -26.42
CA LEU A 175 -8.68 -1.69 -27.45
C LEU A 175 -9.58 -0.47 -27.59
N PRO A 176 -10.39 -0.40 -28.66
CA PRO A 176 -11.29 0.75 -28.85
C PRO A 176 -12.24 0.97 -27.67
N ARG A 177 -12.76 -0.12 -27.11
CA ARG A 177 -13.68 -0.07 -25.97
C ARG A 177 -13.39 -1.18 -24.94
N ALA A 178 -13.91 -0.99 -23.74
CA ALA A 178 -13.74 -1.94 -22.64
C ALA A 178 -14.37 -3.28 -22.99
N CYS A 179 -15.46 -3.24 -23.74
CA CYS A 179 -16.13 -4.48 -24.17
C CYS A 179 -15.19 -5.30 -25.06
N ASP A 180 -14.28 -4.61 -25.77
CA ASP A 180 -13.31 -5.28 -26.63
C ASP A 180 -12.15 -5.85 -25.79
N SER A 181 -11.66 -5.07 -24.83
CA SER A 181 -10.56 -5.55 -23.99
C SER A 181 -11.01 -6.75 -23.16
N ALA A 182 -12.29 -6.75 -22.78
CA ALA A 182 -12.87 -7.84 -22.02
C ALA A 182 -12.83 -9.12 -22.87
N GLU A 183 -13.04 -8.97 -24.18
CA GLU A 183 -13.01 -10.09 -25.12
C GLU A 183 -11.59 -10.65 -25.23
N VAL A 184 -10.63 -9.74 -25.32
CA VAL A 184 -9.22 -10.13 -25.40
C VAL A 184 -8.80 -10.86 -24.14
N LYS A 185 -9.24 -10.37 -22.98
CA LYS A 185 -8.91 -11.01 -21.70
C LYS A 185 -9.44 -12.46 -21.72
N ALA A 186 -10.69 -12.63 -22.16
CA ALA A 186 -11.33 -13.94 -22.25
C ALA A 186 -10.53 -14.87 -23.16
N TRP A 187 -10.11 -14.35 -24.31
CA TRP A 187 -9.34 -15.11 -25.30
C TRP A 187 -8.01 -15.58 -24.70
N LEU A 188 -7.29 -14.68 -24.03
CA LEU A 188 -6.02 -15.02 -23.40
C LEU A 188 -6.19 -16.04 -22.27
N GLU A 189 -7.42 -16.14 -21.75
CA GLU A 189 -7.72 -17.07 -20.67
C GLU A 189 -8.12 -18.47 -21.13
N THR A 190 -8.13 -18.69 -22.44
CA THR A 190 -8.44 -20.00 -23.02
C THR A 190 -7.12 -20.78 -23.19
N SER A 191 -7.20 -22.10 -23.11
CA SER A 191 -6.01 -22.92 -23.26
C SER A 191 -5.41 -22.75 -24.66
N GLU A 192 -6.26 -22.55 -25.66
CA GLU A 192 -5.81 -22.34 -27.03
C GLU A 192 -5.18 -20.96 -27.23
N GLY A 193 -5.76 -19.94 -26.60
CA GLY A 193 -5.21 -18.60 -26.71
C GLY A 193 -3.86 -18.56 -26.03
N PHE A 194 -3.77 -19.19 -24.86
CA PHE A 194 -2.52 -19.20 -24.14
C PHE A 194 -1.48 -20.00 -24.94
N ALA A 195 -1.94 -21.04 -25.63
CA ALA A 195 -1.02 -21.86 -26.43
C ALA A 195 -0.36 -21.05 -27.55
N VAL A 196 -1.15 -20.32 -28.31
CA VAL A 196 -0.58 -19.52 -29.39
C VAL A 196 0.40 -18.49 -28.86
N ILE A 197 0.05 -17.87 -27.74
CA ILE A 197 0.91 -16.85 -27.12
C ILE A 197 2.21 -17.46 -26.63
N LYS A 198 2.11 -18.62 -25.98
CA LYS A 198 3.29 -19.33 -25.46
C LYS A 198 4.26 -19.68 -26.60
N GLU A 199 3.70 -20.15 -27.72
CA GLU A 199 4.50 -20.55 -28.88
C GLU A 199 5.31 -19.38 -29.43
N ALA A 200 4.68 -18.23 -29.57
CA ALA A 200 5.37 -17.06 -30.07
C ALA A 200 6.40 -16.60 -29.04
N PHE A 201 5.98 -16.57 -27.78
CA PHE A 201 6.88 -16.13 -26.70
C PHE A 201 8.16 -16.94 -26.65
N ASP A 202 8.00 -18.26 -26.57
CA ASP A 202 9.15 -19.16 -26.46
C ASP A 202 10.09 -19.23 -27.66
N SER A 203 9.59 -18.90 -28.86
CA SER A 203 10.41 -18.94 -30.07
C SER A 203 11.62 -18.01 -30.05
N THR A 204 11.64 -17.05 -29.14
CA THR A 204 12.74 -16.09 -29.06
C THR A 204 13.95 -16.53 -28.24
N SER A 205 13.86 -17.68 -27.58
CA SER A 205 14.96 -18.11 -26.73
C SER A 205 15.02 -19.62 -26.50
N ARG A 206 16.22 -20.12 -26.14
CA ARG A 206 16.38 -21.53 -25.83
C ARG A 206 16.02 -21.77 -24.37
N PHE A 207 15.91 -20.68 -23.59
CA PHE A 207 15.62 -20.80 -22.16
C PHE A 207 14.31 -20.21 -21.65
N ALA A 208 13.87 -19.11 -22.25
CA ALA A 208 12.63 -18.45 -21.85
C ALA A 208 11.42 -19.34 -22.19
N ARG A 209 10.72 -19.82 -21.16
CA ARG A 209 9.54 -20.66 -21.33
C ARG A 209 8.38 -20.07 -20.54
N LEU A 210 7.34 -19.63 -21.25
CA LEU A 210 6.17 -19.00 -20.63
C LEU A 210 5.40 -19.95 -19.73
N GLN A 211 5.20 -19.55 -18.48
CA GLN A 211 4.50 -20.39 -17.54
C GLN A 211 3.05 -20.01 -17.33
N LYS A 212 2.79 -18.70 -17.26
CA LYS A 212 1.43 -18.25 -17.06
C LYS A 212 1.23 -16.79 -17.37
N LEU A 213 -0.04 -16.41 -17.37
CA LEU A 213 -0.47 -15.06 -17.63
C LEU A 213 -1.43 -14.59 -16.54
N HIS A 214 -1.32 -13.32 -16.17
CA HIS A 214 -2.28 -12.71 -15.25
C HIS A 214 -2.70 -11.47 -16.01
N THR A 215 -3.96 -11.42 -16.41
CA THR A 215 -4.49 -10.31 -17.21
C THR A 215 -5.51 -9.49 -16.43
N SER A 216 -5.36 -8.15 -16.44
CA SER A 216 -6.28 -7.27 -15.72
C SER A 216 -6.69 -6.08 -16.58
N ILE A 217 -7.93 -5.67 -16.37
CA ILE A 217 -8.51 -4.58 -17.12
C ILE A 217 -8.66 -3.30 -16.32
N ALA A 218 -8.58 -2.17 -17.04
CA ALA A 218 -8.81 -0.84 -16.49
C ALA A 218 -9.54 -0.20 -17.67
N GLY A 219 -10.85 -0.42 -17.76
CA GLY A 219 -11.59 0.14 -18.88
C GLY A 219 -11.13 -0.53 -20.17
N ARG A 220 -10.76 0.28 -21.16
CA ARG A 220 -10.30 -0.24 -22.44
C ARG A 220 -8.82 -0.65 -22.46
N ASN A 221 -8.14 -0.42 -21.34
CA ASN A 221 -6.74 -0.82 -21.21
C ASN A 221 -6.70 -2.26 -20.73
N LEU A 222 -5.68 -3.00 -21.16
CA LEU A 222 -5.51 -4.36 -20.71
C LEU A 222 -4.03 -4.46 -20.33
N TYR A 223 -3.78 -4.96 -19.12
CA TYR A 223 -2.43 -5.14 -18.59
C TYR A 223 -2.23 -6.66 -18.55
N ILE A 224 -1.17 -7.13 -19.19
CA ILE A 224 -0.92 -8.56 -19.28
C ILE A 224 0.39 -8.88 -18.64
N ARG A 225 0.33 -9.65 -17.55
CA ARG A 225 1.55 -10.02 -16.85
C ARG A 225 2.02 -11.38 -17.33
N PHE A 226 3.08 -11.39 -18.14
CA PHE A 226 3.67 -12.61 -18.66
C PHE A 226 4.64 -13.11 -17.58
N GLN A 227 4.60 -14.40 -17.26
CA GLN A 227 5.53 -14.92 -16.27
C GLN A 227 6.22 -16.12 -16.89
N SER A 228 7.55 -16.09 -16.86
CA SER A 228 8.34 -17.10 -17.54
C SER A 228 9.67 -17.43 -16.87
N ARG A 229 10.10 -18.68 -17.07
CA ARG A 229 11.39 -19.15 -16.58
C ARG A 229 12.42 -18.48 -17.48
N SER A 230 13.68 -18.46 -17.05
CA SER A 230 14.71 -17.80 -17.83
C SER A 230 16.07 -18.45 -17.63
N GLY A 231 16.10 -19.75 -17.39
CA GLY A 231 17.38 -20.42 -17.16
C GLY A 231 18.09 -19.76 -16.00
N ASP A 232 19.40 -19.53 -16.12
CA ASP A 232 20.17 -18.89 -15.03
C ASP A 232 20.24 -17.35 -15.11
N ALA A 233 19.51 -16.76 -16.04
CA ALA A 233 19.52 -15.30 -16.19
C ALA A 233 18.45 -14.64 -15.32
N MET A 234 18.66 -13.38 -14.96
CA MET A 234 17.65 -12.63 -14.20
C MET A 234 16.46 -12.56 -15.16
N GLY A 235 16.77 -12.45 -16.45
CA GLY A 235 15.77 -12.52 -17.50
C GLY A 235 15.02 -11.32 -18.04
N MET A 236 15.25 -10.14 -17.50
CA MET A 236 14.52 -8.98 -17.98
C MET A 236 14.59 -8.75 -19.49
N ASN A 237 15.78 -8.78 -20.08
CA ASN A 237 15.90 -8.61 -21.54
C ASN A 237 15.25 -9.77 -22.29
N MET A 238 15.55 -10.98 -21.86
CA MET A 238 15.02 -12.21 -22.45
C MET A 238 13.48 -12.18 -22.46
N ILE A 239 12.91 -11.88 -21.31
CA ILE A 239 11.46 -11.81 -21.15
C ILE A 239 10.84 -10.67 -21.97
N SER A 240 11.50 -9.50 -21.99
CA SER A 240 10.99 -8.35 -22.77
C SER A 240 10.94 -8.72 -24.26
N LYS A 241 11.98 -9.41 -24.72
CA LYS A 241 12.08 -9.86 -26.11
C LYS A 241 10.94 -10.83 -26.43
N GLY A 242 10.70 -11.80 -25.54
CA GLY A 242 9.60 -12.74 -25.72
C GLY A 242 8.23 -12.07 -25.67
N THR A 243 8.08 -11.07 -24.81
CA THR A 243 6.82 -10.34 -24.68
C THR A 243 6.51 -9.58 -25.98
N GLU A 244 7.52 -8.92 -26.53
CA GLU A 244 7.35 -8.16 -27.77
C GLU A 244 6.86 -9.08 -28.89
N LYS A 245 7.41 -10.28 -28.97
CA LYS A 245 6.99 -11.23 -30.01
C LYS A 245 5.54 -11.71 -29.80
N ALA A 246 5.19 -12.03 -28.55
CA ALA A 246 3.85 -12.50 -28.21
C ALA A 246 2.81 -11.41 -28.49
N LEU A 247 3.15 -10.16 -28.23
CA LEU A 247 2.22 -9.08 -28.48
C LEU A 247 1.97 -8.95 -30.00
N SER A 248 3.01 -9.10 -30.82
CA SER A 248 2.86 -9.02 -32.29
C SER A 248 1.90 -10.10 -32.76
N LYS A 249 2.03 -11.27 -32.16
CA LYS A 249 1.16 -12.40 -32.50
C LYS A 249 -0.28 -12.07 -32.06
N LEU A 250 -0.43 -11.55 -30.85
CA LEU A 250 -1.75 -11.18 -30.33
C LEU A 250 -2.42 -10.19 -31.30
N HIS A 251 -1.63 -9.24 -31.80
CA HIS A 251 -2.10 -8.24 -32.73
C HIS A 251 -2.66 -8.84 -34.04
N GLU A 252 -2.16 -10.00 -34.44
CA GLU A 252 -2.66 -10.66 -35.64
C GLU A 252 -4.13 -11.09 -35.41
N TYR A 253 -4.46 -11.47 -34.18
CA TYR A 253 -5.84 -11.86 -33.85
C TYR A 253 -6.71 -10.64 -33.56
N PHE A 254 -6.13 -9.59 -32.98
CA PHE A 254 -6.87 -8.38 -32.67
C PHE A 254 -6.15 -7.16 -33.27
N PRO A 255 -6.30 -6.94 -34.59
CA PRO A 255 -5.66 -5.81 -35.28
C PRO A 255 -6.00 -4.43 -34.77
N GLU A 256 -7.15 -4.29 -34.10
CA GLU A 256 -7.52 -2.98 -33.56
C GLU A 256 -6.81 -2.70 -32.22
N MET A 257 -6.06 -3.69 -31.72
CA MET A 257 -5.32 -3.53 -30.47
C MET A 257 -4.11 -2.61 -30.64
N GLN A 258 -4.00 -1.62 -29.76
CA GLN A 258 -2.87 -0.70 -29.78
C GLN A 258 -1.90 -1.13 -28.67
N ILE A 259 -0.64 -1.34 -29.02
CA ILE A 259 0.35 -1.71 -28.01
C ILE A 259 0.96 -0.38 -27.51
N LEU A 260 0.62 0.04 -26.30
CA LEU A 260 1.13 1.33 -25.78
C LEU A 260 2.57 1.29 -25.28
N ALA A 261 2.91 0.28 -24.47
CA ALA A 261 4.27 0.15 -23.95
C ALA A 261 4.54 -1.28 -23.54
N VAL A 262 5.75 -1.75 -23.86
CA VAL A 262 6.18 -3.11 -23.55
C VAL A 262 6.20 -3.31 -22.02
N SER A 263 6.41 -2.23 -21.27
CA SER A 263 6.33 -2.26 -19.81
C SER A 263 5.27 -1.24 -19.41
N GLY A 264 4.14 -1.72 -18.88
CA GLY A 264 3.09 -0.83 -18.44
C GLY A 264 3.05 -0.72 -16.92
N ASN A 265 4.20 -1.03 -16.30
CA ASN A 265 4.40 -1.02 -14.84
C ASN A 265 3.61 -2.12 -14.11
N TYR A 266 3.16 -3.13 -14.84
CA TYR A 266 2.40 -4.21 -14.21
C TYR A 266 3.29 -5.42 -13.96
N CYS A 267 4.59 -5.28 -14.21
CA CYS A 267 5.55 -6.39 -14.02
C CYS A 267 5.72 -6.88 -12.58
N THR A 268 6.13 -6.03 -11.62
CA THR A 268 6.47 -4.61 -11.79
C THR A 268 7.98 -4.57 -11.58
N ASP A 269 8.70 -3.77 -12.37
CA ASP A 269 10.14 -3.71 -12.25
C ASP A 269 10.66 -2.41 -11.64
N LYS A 270 11.39 -2.57 -10.53
CA LYS A 270 12.06 -1.48 -9.83
C LYS A 270 11.23 -0.37 -9.21
N LYS A 271 10.00 -0.71 -8.82
CA LYS A 271 9.09 0.19 -8.12
C LYS A 271 8.36 -0.69 -7.10
N PRO A 272 8.02 -0.13 -5.93
CA PRO A 272 7.31 -0.93 -4.93
C PRO A 272 5.92 -1.27 -5.51
N ALA A 273 5.47 -2.50 -5.32
CA ALA A 273 4.18 -2.89 -5.86
C ALA A 273 3.66 -4.12 -5.17
N ALA A 274 2.40 -4.06 -4.76
CA ALA A 274 1.78 -5.18 -4.07
C ALA A 274 1.79 -6.45 -4.92
N ILE A 275 1.67 -6.29 -6.24
CA ILE A 275 1.64 -7.45 -7.13
C ILE A 275 2.83 -8.38 -7.01
N ASN A 276 4.03 -7.81 -6.81
CA ASN A 276 5.25 -8.59 -6.64
C ASN A 276 5.24 -9.36 -5.30
N TRP A 277 4.73 -8.70 -4.26
CA TRP A 277 4.63 -9.26 -2.93
C TRP A 277 3.66 -10.44 -2.91
N ILE A 278 2.52 -10.25 -3.57
CA ILE A 278 1.47 -11.27 -3.56
C ILE A 278 1.63 -12.40 -4.57
N GLU A 279 2.03 -12.07 -5.79
CA GLU A 279 2.18 -13.09 -6.82
C GLU A 279 3.61 -13.59 -6.99
N GLY A 280 4.56 -12.85 -6.43
CA GLY A 280 5.98 -13.20 -6.55
C GLY A 280 6.56 -12.66 -7.86
N ARG A 281 7.88 -12.54 -7.93
CA ARG A 281 8.57 -12.11 -9.15
C ARG A 281 9.97 -12.66 -9.06
N GLY A 282 10.44 -13.29 -10.14
CA GLY A 282 11.76 -13.90 -10.08
C GLY A 282 11.65 -15.13 -9.17
N LYS A 283 12.52 -15.21 -8.16
CA LYS A 283 12.53 -16.35 -7.24
C LYS A 283 11.84 -16.12 -5.89
N SER A 284 10.91 -17.03 -5.52
CA SER A 284 10.24 -16.91 -4.22
C SER A 284 10.93 -17.94 -3.34
N VAL A 285 11.51 -17.47 -2.23
CA VAL A 285 12.30 -18.32 -1.35
C VAL A 285 11.91 -18.26 0.13
N VAL A 286 12.13 -19.35 0.85
CA VAL A 286 11.86 -19.40 2.28
C VAL A 286 13.05 -20.12 2.96
N CYS A 287 13.43 -19.65 4.14
CA CYS A 287 14.51 -20.26 4.93
C CYS A 287 14.16 -20.17 6.40
N GLU A 288 14.79 -21.02 7.19
CA GLU A 288 14.48 -21.11 8.61
C GLU A 288 15.64 -21.76 9.36
N ALA A 289 15.68 -21.53 10.65
CA ALA A 289 16.69 -22.13 11.52
C ALA A 289 16.18 -22.05 12.95
N VAL A 290 16.82 -22.82 13.84
CA VAL A 290 16.49 -22.78 15.25
C VAL A 290 17.79 -22.44 15.98
N ILE A 291 17.77 -21.38 16.76
CA ILE A 291 18.96 -20.97 17.50
C ILE A 291 18.80 -21.37 18.96
N PRO A 292 19.69 -22.25 19.46
CA PRO A 292 19.62 -22.70 20.86
C PRO A 292 19.65 -21.50 21.84
N ALA A 293 18.91 -21.60 22.96
CA ALA A 293 18.88 -20.52 23.96
C ALA A 293 20.27 -20.04 24.39
N LYS A 294 21.18 -20.99 24.62
CA LYS A 294 22.55 -20.67 25.02
C LYS A 294 23.30 -19.80 24.00
N VAL A 295 23.05 -20.08 22.72
CA VAL A 295 23.65 -19.33 21.61
C VAL A 295 23.06 -17.91 21.52
N VAL A 296 21.74 -17.80 21.69
CA VAL A 296 21.10 -16.49 21.65
C VAL A 296 21.72 -15.63 22.75
N ARG A 297 21.97 -16.24 23.92
CA ARG A 297 22.55 -15.51 25.04
C ARG A 297 24.02 -15.11 24.85
N GLU A 298 24.87 -16.10 24.53
CA GLU A 298 26.31 -15.85 24.39
C GLU A 298 26.75 -15.17 23.12
N VAL A 299 26.19 -15.58 21.99
CA VAL A 299 26.57 -14.99 20.72
C VAL A 299 25.79 -13.71 20.41
N LEU A 300 24.48 -13.77 20.57
CA LEU A 300 23.62 -12.63 20.25
C LEU A 300 23.38 -11.62 21.38
N LYS A 301 23.87 -11.96 22.57
CA LYS A 301 23.79 -11.09 23.77
C LYS A 301 22.36 -10.68 24.20
N THR A 302 21.40 -11.60 24.04
CA THR A 302 20.03 -11.31 24.41
C THR A 302 19.31 -12.62 24.73
N THR A 303 17.97 -12.62 24.69
CA THR A 303 17.22 -13.83 25.00
C THR A 303 16.19 -14.08 23.91
N THR A 304 15.76 -15.33 23.78
CA THR A 304 14.76 -15.71 22.80
C THR A 304 13.49 -14.85 22.99
N GLU A 305 13.10 -14.68 24.25
CA GLU A 305 11.89 -13.89 24.58
C GLU A 305 12.01 -12.44 24.09
N ALA A 306 13.15 -11.80 24.35
CA ALA A 306 13.33 -10.41 23.92
C ALA A 306 13.30 -10.32 22.40
N MET A 307 13.90 -11.32 21.75
CA MET A 307 13.94 -11.37 20.30
C MET A 307 12.52 -11.40 19.72
N ILE A 308 11.69 -12.29 20.27
CA ILE A 308 10.31 -12.43 19.82
C ILE A 308 9.52 -11.14 20.01
N GLU A 309 9.64 -10.53 21.19
CA GLU A 309 8.93 -9.30 21.49
C GLU A 309 9.31 -8.18 20.52
N VAL A 310 10.61 -8.04 20.24
CA VAL A 310 11.02 -7.00 19.30
C VAL A 310 10.53 -7.34 17.90
N ASN A 311 10.64 -8.61 17.49
CA ASN A 311 10.19 -8.98 16.15
C ASN A 311 8.72 -8.68 15.88
N ILE A 312 7.87 -9.05 16.83
CA ILE A 312 6.43 -8.83 16.67
C ILE A 312 6.08 -7.34 16.67
N ASN A 313 6.67 -6.60 17.60
CA ASN A 313 6.36 -5.18 17.70
C ASN A 313 7.02 -4.22 16.73
N LYS A 314 8.07 -4.70 16.05
CA LYS A 314 8.78 -3.91 15.08
C LYS A 314 8.45 -4.38 13.65
N ASN A 315 8.79 -5.63 13.35
CA ASN A 315 8.56 -6.19 12.01
C ASN A 315 7.11 -6.43 11.59
N LEU A 316 6.23 -6.61 12.57
CA LEU A 316 4.81 -6.80 12.25
C LEU A 316 4.02 -5.55 12.58
N VAL A 317 3.89 -5.22 13.87
CA VAL A 317 3.11 -4.04 14.27
C VAL A 317 3.71 -2.72 13.78
N GLY A 318 5.02 -2.56 13.93
CA GLY A 318 5.67 -1.33 13.46
C GLY A 318 5.51 -1.08 11.97
N SER A 319 5.76 -2.12 11.16
CA SER A 319 5.61 -1.98 9.70
C SER A 319 4.14 -1.73 9.33
N ALA A 320 3.22 -2.32 10.10
CA ALA A 320 1.80 -2.09 9.84
C ALA A 320 1.46 -0.63 10.13
N MET A 321 1.99 -0.08 11.23
CA MET A 321 1.73 1.32 11.57
C MET A 321 2.24 2.28 10.49
N ALA A 322 3.40 1.94 9.93
CA ALA A 322 4.06 2.70 8.86
C ALA A 322 3.39 2.57 7.50
N GLY A 323 2.44 1.64 7.37
CA GLY A 323 1.78 1.44 6.09
C GLY A 323 2.68 0.76 5.06
N SER A 324 3.39 -0.27 5.49
CA SER A 324 4.31 -1.00 4.59
C SER A 324 3.63 -2.14 3.83
N ILE A 325 3.99 -2.30 2.57
CA ILE A 325 3.51 -3.43 1.77
C ILE A 325 4.82 -4.15 1.45
N GLY A 326 5.03 -5.33 2.06
CA GLY A 326 6.24 -6.08 1.79
C GLY A 326 7.47 -5.81 2.66
N GLY A 327 7.41 -4.79 3.54
CA GLY A 327 8.56 -4.49 4.39
C GLY A 327 8.43 -4.95 5.83
N TYR A 328 8.14 -6.23 6.02
CA TYR A 328 7.96 -6.79 7.36
C TYR A 328 9.25 -7.45 7.83
N ASN A 329 10.31 -6.65 7.83
CA ASN A 329 11.64 -7.12 8.19
C ASN A 329 12.46 -5.93 8.69
N ALA A 330 13.61 -6.23 9.27
CA ALA A 330 14.51 -5.21 9.84
C ALA A 330 15.44 -4.56 8.81
N HIS A 331 16.22 -5.37 8.10
CA HIS A 331 17.12 -4.79 7.08
C HIS A 331 17.51 -5.73 5.94
N ALA A 332 16.56 -6.48 5.41
CA ALA A 332 16.81 -7.38 4.29
C ALA A 332 17.51 -6.61 3.14
N ALA A 333 17.10 -5.37 2.92
CA ALA A 333 17.68 -4.50 1.87
C ALA A 333 19.20 -4.34 1.96
N ASN A 334 19.73 -4.30 3.18
CA ASN A 334 21.17 -4.16 3.38
C ASN A 334 21.91 -5.37 2.81
N ILE A 335 21.45 -6.56 3.21
CA ILE A 335 22.09 -7.79 2.77
C ILE A 335 21.91 -7.99 1.27
N VAL A 336 20.68 -7.82 0.79
CA VAL A 336 20.40 -7.95 -0.63
C VAL A 336 21.32 -7.03 -1.46
N THR A 337 21.37 -5.75 -1.08
CA THR A 337 22.20 -4.77 -1.80
C THR A 337 23.70 -5.11 -1.83
N ALA A 338 24.25 -5.48 -0.68
CA ALA A 338 25.68 -5.81 -0.58
C ALA A 338 26.03 -7.03 -1.44
N ILE A 339 25.20 -8.08 -1.38
CA ILE A 339 25.47 -9.26 -2.19
C ILE A 339 25.29 -8.93 -3.67
N TYR A 340 24.25 -8.16 -3.98
CA TYR A 340 23.98 -7.81 -5.38
C TYR A 340 25.15 -7.07 -6.03
N ILE A 341 25.67 -6.07 -5.32
CA ILE A 341 26.79 -5.28 -5.84
C ILE A 341 28.04 -6.17 -5.98
N ALA A 342 28.24 -7.08 -5.04
CA ALA A 342 29.42 -7.96 -5.10
C ALA A 342 29.36 -8.97 -6.25
N CYS A 343 28.16 -9.47 -6.54
CA CYS A 343 27.95 -10.50 -7.53
C CYS A 343 27.41 -10.08 -8.90
N GLY A 344 27.57 -8.81 -9.25
CA GLY A 344 27.12 -8.35 -10.56
C GLY A 344 25.64 -8.34 -10.84
N GLN A 345 24.83 -8.27 -9.80
CA GLN A 345 23.38 -8.22 -9.96
C GLN A 345 22.97 -6.78 -10.25
N ASP A 346 21.69 -6.55 -10.47
CA ASP A 346 21.21 -5.20 -10.72
C ASP A 346 20.80 -4.63 -9.36
N ALA A 347 21.63 -3.80 -8.75
CA ALA A 347 21.33 -3.23 -7.42
C ALA A 347 20.01 -2.43 -7.35
N ALA A 348 19.60 -1.83 -8.46
CA ALA A 348 18.34 -1.08 -8.48
C ALA A 348 17.15 -2.02 -8.19
N GLN A 349 17.35 -3.34 -8.39
CA GLN A 349 16.27 -4.31 -8.10
C GLN A 349 16.12 -4.61 -6.60
N ASN A 350 16.95 -3.96 -5.79
CA ASN A 350 16.82 -4.08 -4.34
C ASN A 350 15.38 -3.62 -3.96
N VAL A 351 14.81 -2.70 -4.75
CA VAL A 351 13.46 -2.20 -4.45
C VAL A 351 12.47 -3.36 -4.14
N GLY A 352 12.32 -4.29 -5.07
CA GLY A 352 11.44 -5.42 -4.86
C GLY A 352 12.12 -6.70 -4.36
N SER A 353 13.40 -6.89 -4.68
CA SER A 353 14.13 -8.09 -4.24
C SER A 353 14.25 -8.17 -2.73
N SER A 354 14.18 -7.02 -2.08
CA SER A 354 14.22 -6.87 -0.62
C SER A 354 12.92 -7.24 0.11
N ASN A 355 11.81 -7.40 -0.61
CA ASN A 355 10.53 -7.75 0.08
C ASN A 355 10.81 -8.94 0.98
N CYS A 356 10.37 -8.87 2.23
CA CYS A 356 10.64 -9.94 3.16
C CYS A 356 9.81 -9.88 4.42
N ILE A 357 9.34 -11.04 4.88
CA ILE A 357 8.67 -11.08 6.16
C ILE A 357 9.51 -12.00 7.03
N THR A 358 9.98 -11.46 8.15
CA THR A 358 10.81 -12.18 9.12
C THR A 358 9.94 -12.54 10.31
N LEU A 359 9.88 -13.83 10.65
CA LEU A 359 9.05 -14.29 11.77
C LEU A 359 9.90 -15.01 12.81
N MET A 360 9.54 -14.87 14.09
CA MET A 360 10.26 -15.52 15.18
C MET A 360 9.30 -16.10 16.22
N GLU A 361 9.68 -17.22 16.81
CA GLU A 361 8.85 -17.83 17.86
C GLU A 361 9.68 -18.76 18.71
N ALA A 362 9.15 -19.12 19.87
CA ALA A 362 9.80 -20.02 20.82
C ALA A 362 9.74 -21.45 20.28
N SER A 363 10.79 -22.22 20.56
CA SER A 363 10.90 -23.59 20.09
C SER A 363 11.63 -24.46 21.11
N GLY A 364 11.61 -25.77 20.87
CA GLY A 364 12.28 -26.69 21.77
C GLY A 364 11.41 -27.19 22.89
N PRO A 365 11.83 -28.29 23.54
CA PRO A 365 11.12 -28.94 24.66
C PRO A 365 10.65 -27.96 25.74
N THR A 366 11.51 -26.99 26.06
CA THR A 366 11.21 -26.00 27.09
C THR A 366 10.78 -24.65 26.51
N ASN A 367 10.69 -24.57 25.18
CA ASN A 367 10.30 -23.33 24.51
C ASN A 367 11.29 -22.21 24.87
N GLU A 368 12.56 -22.56 24.95
CA GLU A 368 13.66 -21.64 25.27
C GLU A 368 14.45 -21.26 24.01
N ASP A 369 14.36 -22.08 22.97
CA ASP A 369 15.09 -21.85 21.73
C ASP A 369 14.37 -20.90 20.77
N LEU A 370 15.12 -20.30 19.86
CA LEU A 370 14.54 -19.33 18.93
C LEU A 370 14.36 -19.86 17.51
N TYR A 371 13.12 -19.94 17.08
CA TYR A 371 12.84 -20.37 15.73
C TYR A 371 12.70 -19.07 14.90
N ILE A 372 13.35 -19.04 13.74
CA ILE A 372 13.26 -17.88 12.88
C ILE A 372 13.05 -18.32 11.44
N SER A 373 12.26 -17.56 10.69
CA SER A 373 12.07 -17.83 9.28
C SER A 373 12.00 -16.48 8.51
N CYS A 374 12.52 -16.47 7.30
CA CYS A 374 12.44 -15.29 6.42
C CYS A 374 11.84 -15.82 5.12
N THR A 375 10.85 -15.09 4.60
CA THR A 375 10.21 -15.47 3.36
C THR A 375 10.33 -14.29 2.41
N MET A 376 10.96 -14.54 1.27
CA MET A 376 11.21 -13.50 0.26
C MET A 376 10.58 -13.94 -1.05
N PRO A 377 9.39 -13.38 -1.36
CA PRO A 377 8.68 -13.75 -2.59
C PRO A 377 9.15 -13.21 -3.92
N SER A 378 10.06 -12.23 -3.93
CA SER A 378 10.46 -11.63 -5.18
C SER A 378 11.95 -11.29 -5.37
N ILE A 379 12.81 -12.30 -5.24
CA ILE A 379 14.24 -12.12 -5.42
C ILE A 379 14.55 -12.18 -6.94
N GLU A 380 14.99 -11.04 -7.49
CA GLU A 380 15.31 -10.92 -8.92
C GLU A 380 16.81 -11.09 -9.05
N ILE A 381 17.20 -12.25 -9.56
CA ILE A 381 18.62 -12.57 -9.59
C ILE A 381 19.03 -13.47 -10.78
N GLY A 382 20.33 -13.51 -11.07
CA GLY A 382 20.84 -14.33 -12.18
C GLY A 382 22.34 -14.55 -12.08
N THR A 383 22.86 -15.55 -12.79
CA THR A 383 24.30 -15.84 -12.73
C THR A 383 24.97 -15.76 -14.10
N VAL A 384 24.16 -15.39 -15.09
CA VAL A 384 24.61 -15.20 -16.47
C VAL A 384 24.00 -13.85 -16.86
N GLY A 385 24.69 -13.09 -17.71
CA GLY A 385 24.19 -11.80 -18.15
C GLY A 385 24.49 -10.58 -17.28
N GLY A 386 24.30 -9.41 -17.86
CA GLY A 386 24.52 -8.17 -17.16
C GLY A 386 25.89 -8.06 -16.55
N GLY A 387 25.95 -7.55 -15.32
CA GLY A 387 27.21 -7.41 -14.62
C GLY A 387 27.92 -8.73 -14.29
N THR A 388 27.23 -9.86 -14.41
CA THR A 388 27.88 -11.13 -14.12
C THR A 388 28.88 -11.51 -15.22
N ASN A 389 28.97 -10.68 -16.26
CA ASN A 389 29.92 -10.92 -17.37
C ASN A 389 31.29 -10.37 -17.00
N LEU A 390 31.34 -9.51 -15.98
CA LEU A 390 32.60 -8.92 -15.56
C LEU A 390 33.39 -9.84 -14.63
N LEU A 391 34.71 -9.86 -14.80
CA LEU A 391 35.57 -10.75 -14.02
C LEU A 391 35.57 -10.63 -12.49
N PRO A 392 35.65 -9.40 -11.93
CA PRO A 392 35.64 -9.35 -10.47
C PRO A 392 34.33 -9.92 -9.94
N GLN A 393 33.22 -9.56 -10.56
CA GLN A 393 31.96 -10.09 -10.06
C GLN A 393 31.84 -11.59 -10.26
N GLN A 394 32.50 -12.13 -11.30
CA GLN A 394 32.46 -13.59 -11.51
C GLN A 394 33.27 -14.25 -10.39
N ALA A 395 34.27 -13.53 -9.88
CA ALA A 395 35.08 -14.05 -8.77
C ALA A 395 34.20 -14.25 -7.54
N CYS A 396 33.32 -13.29 -7.25
CA CYS A 396 32.42 -13.42 -6.10
C CYS A 396 31.40 -14.54 -6.35
N LEU A 397 30.93 -14.67 -7.59
CA LEU A 397 30.00 -15.74 -7.95
C LEU A 397 30.71 -17.09 -7.81
N GLN A 398 31.98 -17.15 -8.19
CA GLN A 398 32.77 -18.39 -8.05
C GLN A 398 33.00 -18.79 -6.59
N MET A 399 33.17 -17.81 -5.70
CA MET A 399 33.35 -18.11 -4.26
C MET A 399 32.14 -18.89 -3.75
N LEU A 400 30.98 -18.55 -4.31
CA LEU A 400 29.71 -19.15 -3.92
C LEU A 400 29.39 -20.45 -4.66
N GLY A 401 30.17 -20.75 -5.70
CA GLY A 401 29.98 -21.96 -6.48
C GLY A 401 28.81 -21.87 -7.45
N VAL A 402 28.50 -20.64 -7.89
CA VAL A 402 27.35 -20.44 -8.77
C VAL A 402 27.59 -19.63 -10.02
N GLN A 403 28.86 -19.38 -10.38
CA GLN A 403 29.14 -18.56 -11.55
C GLN A 403 28.73 -19.19 -12.88
N GLY A 404 28.08 -18.38 -13.72
CA GLY A 404 27.65 -18.81 -15.03
C GLY A 404 26.48 -19.76 -15.13
N ALA A 405 26.36 -20.38 -16.30
CA ALA A 405 25.29 -21.32 -16.57
C ALA A 405 25.46 -22.68 -15.90
N CYS A 406 24.36 -23.28 -15.48
CA CYS A 406 24.41 -24.64 -14.94
C CYS A 406 24.01 -25.45 -16.18
N LYS A 407 25.00 -25.93 -16.92
CA LYS A 407 24.73 -26.67 -18.15
C LYS A 407 23.88 -27.92 -18.01
N ASP A 408 24.06 -28.66 -16.92
CA ASP A 408 23.28 -29.87 -16.67
C ASP A 408 21.83 -29.55 -16.35
N ASN A 409 21.60 -28.42 -15.69
CA ASN A 409 20.25 -28.04 -15.29
C ASN A 409 20.13 -26.53 -15.27
N PRO A 410 19.80 -25.92 -16.43
CA PRO A 410 19.65 -24.47 -16.56
C PRO A 410 18.73 -23.87 -15.49
N GLY A 411 19.28 -22.93 -14.71
CA GLY A 411 18.49 -22.31 -13.66
C GLY A 411 18.93 -22.71 -12.27
N GLU A 412 19.63 -23.83 -12.15
CA GLU A 412 20.08 -24.29 -10.83
C GLU A 412 21.05 -23.34 -10.14
N ASN A 413 21.96 -22.70 -10.88
CA ASN A 413 22.92 -21.76 -10.26
C ASN A 413 22.20 -20.52 -9.70
N ALA A 414 21.28 -19.97 -10.50
CA ALA A 414 20.49 -18.81 -10.08
C ALA A 414 19.63 -19.17 -8.87
N ARG A 415 19.03 -20.36 -8.88
CA ARG A 415 18.21 -20.79 -7.74
C ARG A 415 19.07 -20.92 -6.49
N GLN A 416 20.26 -21.47 -6.65
CA GLN A 416 21.14 -21.64 -5.52
C GLN A 416 21.56 -20.27 -4.98
N LEU A 417 21.81 -19.31 -5.87
CA LEU A 417 22.20 -17.97 -5.42
C LEU A 417 21.02 -17.36 -4.65
N ALA A 418 19.79 -17.53 -5.14
CA ALA A 418 18.61 -16.98 -4.44
C ALA A 418 18.52 -17.57 -3.02
N ARG A 419 18.83 -18.86 -2.88
CA ARG A 419 18.76 -19.49 -1.56
C ARG A 419 19.78 -18.88 -0.61
N ILE A 420 20.98 -18.62 -1.14
CA ILE A 420 22.07 -18.02 -0.37
C ILE A 420 21.68 -16.60 0.08
N VAL A 421 21.05 -15.85 -0.81
CA VAL A 421 20.59 -14.50 -0.45
C VAL A 421 19.58 -14.56 0.70
N CYS A 422 18.58 -15.43 0.61
CA CYS A 422 17.56 -15.54 1.66
C CYS A 422 18.18 -15.97 2.99
N GLY A 423 19.08 -16.95 2.94
CA GLY A 423 19.74 -17.42 4.16
C GLY A 423 20.62 -16.34 4.81
N THR A 424 21.30 -15.56 3.97
CA THR A 424 22.17 -14.48 4.48
C THR A 424 21.33 -13.35 5.06
N VAL A 425 20.18 -13.08 4.44
CA VAL A 425 19.26 -12.07 4.96
C VAL A 425 18.84 -12.53 6.35
N MET A 426 18.51 -13.82 6.47
CA MET A 426 18.11 -14.38 7.77
C MET A 426 19.23 -14.21 8.80
N ALA A 427 20.48 -14.41 8.40
CA ALA A 427 21.59 -14.20 9.35
C ALA A 427 21.65 -12.73 9.78
N GLY A 428 21.46 -11.82 8.82
CA GLY A 428 21.48 -10.40 9.09
C GLY A 428 20.33 -9.95 10.01
N GLU A 429 19.12 -10.44 9.73
CA GLU A 429 17.95 -10.17 10.57
C GLU A 429 18.23 -10.62 12.03
N LEU A 430 18.75 -11.83 12.18
CA LEU A 430 19.05 -12.36 13.52
C LEU A 430 19.96 -11.40 14.31
N SER A 431 21.07 -10.98 13.71
CA SER A 431 22.00 -10.08 14.40
C SER A 431 21.46 -8.67 14.68
N LEU A 432 20.79 -8.04 13.71
CA LEU A 432 20.26 -6.71 13.96
C LEU A 432 19.17 -6.75 15.04
N MET A 433 18.26 -7.72 14.96
CA MET A 433 17.18 -7.82 15.94
C MET A 433 17.75 -8.01 17.35
N ALA A 434 18.82 -8.77 17.45
CA ALA A 434 19.46 -9.01 18.73
C ALA A 434 20.09 -7.71 19.22
N ALA A 435 20.73 -6.96 18.33
CA ALA A 435 21.33 -5.69 18.75
C ALA A 435 20.24 -4.70 19.18
N LEU A 436 19.10 -4.70 18.49
CA LEU A 436 18.01 -3.80 18.86
C LEU A 436 17.44 -4.15 20.24
N ALA A 437 17.28 -5.46 20.47
CA ALA A 437 16.76 -5.99 21.72
C ALA A 437 17.66 -5.67 22.92
N ALA A 438 18.97 -5.73 22.70
CA ALA A 438 19.96 -5.46 23.75
C ALA A 438 20.42 -4.01 23.89
N GLY A 439 19.93 -3.11 23.04
CA GLY A 439 20.31 -1.71 23.10
C GLY A 439 21.72 -1.45 22.60
N HIS A 440 22.16 -2.25 21.63
CA HIS A 440 23.51 -2.20 21.06
C HIS A 440 23.67 -1.55 19.70
N LEU A 441 22.57 -1.10 19.10
CA LEU A 441 22.64 -0.52 17.76
C LEU A 441 23.53 0.71 17.63
N VAL A 442 23.21 1.78 18.35
CA VAL A 442 23.98 3.00 18.23
C VAL A 442 25.44 2.76 18.64
N LYS A 443 25.66 2.05 19.75
CA LYS A 443 27.02 1.76 20.25
C LYS A 443 27.87 1.05 19.21
N SER A 444 27.31 -0.01 18.60
CA SER A 444 28.06 -0.75 17.58
C SER A 444 28.44 0.15 16.42
N HIS A 445 27.52 1.02 15.99
CA HIS A 445 27.83 1.92 14.88
C HIS A 445 28.87 2.99 15.26
N MET A 446 28.95 3.33 16.53
CA MET A 446 29.95 4.30 16.97
C MET A 446 31.35 3.63 16.81
N ILE A 447 31.42 2.32 17.00
CA ILE A 447 32.70 1.64 16.88
C ILE A 447 33.15 1.24 15.46
N HIS A 448 32.21 0.77 14.63
CA HIS A 448 32.56 0.34 13.27
C HIS A 448 32.07 1.19 12.12
N ASN A 449 31.26 2.21 12.39
CA ASN A 449 30.65 3.04 11.35
C ASN A 449 30.75 4.56 11.62
N LEU B 41 56.09 -13.96 11.72
CA LEU B 41 56.41 -12.79 10.86
C LEU B 41 56.04 -12.94 9.38
N SER B 42 56.20 -14.13 8.80
CA SER B 42 55.83 -14.32 7.40
C SER B 42 54.34 -14.57 7.38
N ASP B 43 53.69 -14.40 6.22
CA ASP B 43 52.25 -14.66 6.11
C ASP B 43 52.00 -16.12 6.52
N ALA B 44 52.86 -17.02 6.09
CA ALA B 44 52.69 -18.43 6.43
C ALA B 44 52.76 -18.66 7.95
N GLU B 45 53.69 -17.99 8.62
CA GLU B 45 53.83 -18.14 10.08
C GLU B 45 52.58 -17.58 10.74
N ILE B 46 52.13 -16.41 10.29
CA ILE B 46 50.94 -15.77 10.82
C ILE B 46 49.72 -16.66 10.65
N ILE B 47 49.61 -17.30 9.48
CA ILE B 47 48.50 -18.19 9.19
C ILE B 47 48.50 -19.39 10.16
N GLN B 48 49.70 -19.84 10.55
CA GLN B 48 49.80 -20.97 11.49
C GLN B 48 49.43 -20.51 12.89
N LEU B 49 50.00 -19.38 13.32
CA LEU B 49 49.74 -18.80 14.64
C LEU B 49 48.24 -18.61 14.82
N VAL B 50 47.60 -18.03 13.81
CA VAL B 50 46.17 -17.78 13.82
C VAL B 50 45.40 -19.09 13.89
N ASN B 51 45.80 -20.04 13.03
CA ASN B 51 45.15 -21.35 12.95
C ASN B 51 45.19 -22.22 14.20
N ALA B 52 45.92 -21.77 15.22
CA ALA B 52 45.99 -22.51 16.47
C ALA B 52 44.63 -22.38 17.18
N LYS B 53 43.62 -21.96 16.40
CA LYS B 53 42.24 -21.71 16.86
C LYS B 53 42.26 -20.51 17.78
N HIS B 54 43.43 -19.88 17.84
CA HIS B 54 43.65 -18.73 18.69
C HIS B 54 43.11 -17.39 18.21
N ILE B 55 43.03 -17.16 16.90
CA ILE B 55 42.56 -15.86 16.42
C ILE B 55 41.61 -15.84 15.21
N PRO B 56 40.47 -15.14 15.36
CA PRO B 56 39.48 -15.04 14.27
C PRO B 56 39.97 -14.09 13.18
N ALA B 57 39.67 -14.47 11.94
CA ALA B 57 40.08 -13.71 10.76
C ALA B 57 39.76 -12.21 10.81
N TYR B 58 38.62 -11.83 11.37
CA TYR B 58 38.28 -10.40 11.40
C TYR B 58 39.22 -9.52 12.22
N LYS B 59 40.04 -10.14 13.05
CA LYS B 59 40.99 -9.41 13.88
C LYS B 59 42.40 -9.28 13.29
N LEU B 60 42.60 -9.70 12.04
CA LEU B 60 43.93 -9.68 11.43
C LEU B 60 44.63 -8.32 11.41
N GLU B 61 43.91 -7.26 11.07
CA GLU B 61 44.54 -5.93 11.01
C GLU B 61 45.07 -5.51 12.36
N THR B 62 44.31 -5.83 13.41
CA THR B 62 44.73 -5.52 14.78
C THR B 62 45.60 -6.68 15.22
N LEU B 63 46.77 -6.79 14.58
CA LEU B 63 47.74 -7.84 14.85
C LEU B 63 48.99 -7.52 14.01
N ILE B 64 48.77 -7.03 12.79
CA ILE B 64 49.85 -6.64 11.89
C ILE B 64 49.75 -5.12 11.75
N GLU B 65 50.77 -4.49 11.19
CA GLU B 65 50.70 -3.03 11.04
C GLU B 65 50.81 -2.57 9.60
N THR B 66 49.79 -2.95 8.83
CA THR B 66 49.64 -2.62 7.43
C THR B 66 48.32 -3.26 7.03
N HIS B 67 47.31 -2.42 6.80
CA HIS B 67 45.98 -2.89 6.43
C HIS B 67 45.95 -3.84 5.25
N GLU B 68 46.64 -3.49 4.17
CA GLU B 68 46.63 -4.37 2.99
C GLU B 68 47.15 -5.78 3.28
N ARG B 69 48.13 -5.89 4.18
CA ARG B 69 48.66 -7.22 4.49
C ARG B 69 47.62 -8.06 5.23
N GLY B 70 46.78 -7.40 6.02
CA GLY B 70 45.73 -8.13 6.73
C GLY B 70 44.78 -8.68 5.69
N VAL B 71 44.43 -7.85 4.72
CA VAL B 71 43.56 -8.24 3.63
C VAL B 71 44.16 -9.42 2.86
N SER B 72 45.46 -9.33 2.57
CA SER B 72 46.14 -10.38 1.82
C SER B 72 46.10 -11.71 2.58
N ILE B 73 46.33 -11.65 3.88
CA ILE B 73 46.34 -12.87 4.68
C ILE B 73 44.93 -13.44 4.81
N ARG B 74 43.92 -12.56 4.93
CA ARG B 74 42.54 -13.04 5.03
C ARG B 74 42.17 -13.77 3.76
N ARG B 75 42.61 -13.24 2.62
CA ARG B 75 42.36 -13.84 1.32
C ARG B 75 42.95 -15.25 1.22
N GLN B 76 44.17 -15.40 1.73
CA GLN B 76 44.86 -16.69 1.71
C GLN B 76 44.12 -17.72 2.55
N LEU B 77 43.71 -17.30 3.74
CA LEU B 77 42.95 -18.14 4.67
C LEU B 77 41.62 -18.58 4.04
N LEU B 78 40.94 -17.62 3.40
CA LEU B 78 39.66 -17.86 2.75
C LEU B 78 39.79 -18.83 1.58
N SER B 79 40.87 -18.70 0.82
CA SER B 79 41.13 -19.56 -0.32
C SER B 79 41.08 -21.05 -0.02
N LYS B 80 41.65 -21.46 1.10
CA LYS B 80 41.64 -22.88 1.45
C LYS B 80 40.28 -23.40 1.91
N LYS B 81 39.29 -22.51 2.01
CA LYS B 81 37.94 -22.90 2.44
C LYS B 81 36.96 -22.90 1.25
N LEU B 82 37.48 -22.59 0.06
CA LEU B 82 36.66 -22.52 -1.14
C LEU B 82 36.71 -23.79 -2.00
N SER B 83 35.57 -24.16 -2.58
CA SER B 83 35.50 -25.34 -3.44
C SER B 83 36.36 -25.11 -4.69
N GLU B 84 36.61 -23.83 -4.99
CA GLU B 84 37.45 -23.43 -6.11
C GLU B 84 38.43 -22.39 -5.56
N PRO B 85 39.55 -22.85 -4.97
CA PRO B 85 40.59 -22.00 -4.38
C PRO B 85 41.06 -20.78 -5.16
N SER B 86 41.13 -20.88 -6.48
CA SER B 86 41.60 -19.77 -7.29
C SER B 86 40.54 -18.76 -7.71
N SER B 87 39.36 -18.80 -7.11
CA SER B 87 38.31 -17.87 -7.48
C SER B 87 38.60 -16.41 -7.10
N LEU B 88 39.46 -16.19 -6.11
CA LEU B 88 39.78 -14.83 -5.69
C LEU B 88 40.76 -14.09 -6.60
N GLN B 89 41.42 -14.83 -7.49
CA GLN B 89 42.40 -14.24 -8.37
C GLN B 89 41.93 -12.99 -9.11
N TYR B 90 40.67 -12.97 -9.53
CA TYR B 90 40.15 -11.80 -10.23
C TYR B 90 39.46 -10.74 -9.37
N LEU B 91 39.45 -10.95 -8.06
CA LEU B 91 38.88 -9.97 -7.14
C LEU B 91 40.08 -9.09 -6.74
N PRO B 92 40.11 -7.83 -7.20
CA PRO B 92 41.21 -6.92 -6.87
C PRO B 92 41.31 -6.59 -5.39
N TYR B 93 42.50 -6.21 -4.94
CA TYR B 93 42.69 -5.82 -3.54
C TYR B 93 43.88 -4.87 -3.30
N ARG B 94 44.85 -4.87 -4.20
CA ARG B 94 46.03 -4.03 -4.03
C ARG B 94 45.86 -2.54 -4.28
N ASP B 95 46.75 -1.78 -3.64
CA ASP B 95 46.81 -0.33 -3.77
C ASP B 95 45.50 0.40 -3.55
N TYR B 96 44.86 0.11 -2.44
CA TYR B 96 43.60 0.74 -2.10
C TYR B 96 43.75 1.25 -0.66
N ASN B 97 43.14 2.38 -0.35
CA ASN B 97 43.27 2.92 0.99
C ASN B 97 42.34 2.27 2.02
N TYR B 98 42.78 1.16 2.58
CA TYR B 98 41.98 0.45 3.58
C TYR B 98 41.92 1.16 4.93
N SER B 99 42.83 2.10 5.17
CA SER B 99 42.84 2.82 6.46
C SER B 99 41.57 3.66 6.62
N LEU B 100 41.02 4.14 5.51
CA LEU B 100 39.80 4.95 5.57
C LEU B 100 38.57 4.04 5.74
N VAL B 101 38.70 2.79 5.31
CA VAL B 101 37.63 1.79 5.38
C VAL B 101 37.47 1.16 6.79
N MET B 102 38.57 0.66 7.36
CA MET B 102 38.50 0.03 8.68
C MET B 102 37.97 0.96 9.77
N GLY B 103 36.98 0.45 10.50
CA GLY B 103 36.36 1.23 11.56
C GLY B 103 35.33 2.23 11.05
N ALA B 104 35.00 2.16 9.76
CA ALA B 104 34.02 3.08 9.22
C ALA B 104 33.07 2.54 8.17
N CYS B 105 33.58 1.74 7.25
CA CYS B 105 32.77 1.26 6.14
C CYS B 105 32.65 -0.23 5.86
N CYS B 106 33.50 -1.06 6.46
CA CYS B 106 33.44 -2.50 6.15
C CYS B 106 34.37 -3.30 7.05
N GLU B 107 33.99 -4.54 7.36
CA GLU B 107 34.80 -5.43 8.19
C GLU B 107 35.15 -6.71 7.42
N ASN B 108 36.15 -7.42 7.93
CA ASN B 108 36.58 -8.71 7.35
C ASN B 108 36.78 -8.54 5.85
N VAL B 109 37.50 -7.49 5.49
CA VAL B 109 37.75 -7.12 4.10
C VAL B 109 38.64 -8.06 3.29
N ILE B 110 38.24 -8.37 2.06
CA ILE B 110 39.02 -9.27 1.19
C ILE B 110 39.38 -8.62 -0.15
N GLY B 111 39.00 -7.36 -0.32
CA GLY B 111 39.29 -6.64 -1.55
C GLY B 111 38.24 -5.58 -1.84
N TYR B 112 38.06 -5.26 -3.12
CA TYR B 112 37.07 -4.27 -3.49
C TYR B 112 36.45 -4.65 -4.81
N MET B 113 35.24 -4.16 -5.04
CA MET B 113 34.53 -4.45 -6.26
C MET B 113 34.44 -3.21 -7.13
N PRO B 114 35.11 -3.24 -8.31
CA PRO B 114 35.09 -2.10 -9.24
C PRO B 114 33.74 -2.03 -9.98
N ILE B 115 33.07 -0.89 -9.93
CA ILE B 115 31.81 -0.72 -10.66
C ILE B 115 32.11 0.36 -11.68
N PRO B 116 31.86 0.08 -12.98
CA PRO B 116 32.12 1.07 -14.01
C PRO B 116 31.36 2.36 -13.73
N VAL B 117 32.04 3.48 -13.99
CA VAL B 117 31.47 4.81 -13.81
C VAL B 117 31.44 5.53 -15.16
N GLY B 118 30.26 5.97 -15.54
CA GLY B 118 30.07 6.73 -16.76
C GLY B 118 29.57 8.12 -16.40
N VAL B 119 29.54 9.04 -17.36
CA VAL B 119 29.07 10.39 -17.08
C VAL B 119 27.92 10.80 -18.00
N ALA B 120 26.90 11.44 -17.43
CA ALA B 120 25.76 11.95 -18.19
C ALA B 120 25.68 13.47 -17.98
N GLY B 121 25.44 14.20 -19.06
CA GLY B 121 25.39 15.63 -18.91
C GLY B 121 25.90 16.38 -20.13
N PRO B 122 25.94 17.72 -20.06
CA PRO B 122 25.54 18.52 -18.90
C PRO B 122 24.05 18.49 -18.57
N LEU B 123 23.75 18.47 -17.28
CA LEU B 123 22.39 18.55 -16.80
C LEU B 123 22.24 20.04 -16.46
N CYS B 124 21.39 20.73 -17.20
CA CYS B 124 21.14 22.16 -17.02
C CYS B 124 20.03 22.29 -16.01
N LEU B 125 20.44 22.61 -14.78
CA LEU B 125 19.57 22.70 -13.62
C LEU B 125 19.78 23.98 -12.82
N ASP B 126 18.69 24.72 -12.62
CA ASP B 126 18.71 25.96 -11.87
C ASP B 126 19.85 26.88 -12.30
N GLU B 127 19.96 27.07 -13.61
CA GLU B 127 20.99 27.94 -14.19
C GLU B 127 22.45 27.50 -13.97
N LYS B 128 22.65 26.21 -13.69
CA LYS B 128 23.97 25.65 -13.51
C LYS B 128 24.08 24.47 -14.47
N GLU B 129 25.30 23.93 -14.65
CA GLU B 129 25.50 22.77 -15.50
C GLU B 129 26.27 21.74 -14.69
N PHE B 130 25.73 20.52 -14.61
CA PHE B 130 26.35 19.43 -13.85
C PHE B 130 26.70 18.25 -14.74
N GLN B 131 27.85 17.64 -14.45
CA GLN B 131 28.31 16.46 -15.18
C GLN B 131 28.09 15.39 -14.11
N VAL B 132 27.08 14.56 -14.33
CA VAL B 132 26.68 13.53 -13.37
C VAL B 132 27.32 12.17 -13.47
N PRO B 133 28.05 11.76 -12.41
CA PRO B 133 28.72 10.45 -12.37
C PRO B 133 27.71 9.36 -12.00
N MET B 134 27.76 8.24 -12.72
CA MET B 134 26.85 7.13 -12.52
C MET B 134 27.60 5.79 -12.58
N ALA B 135 27.55 5.04 -11.48
CA ALA B 135 28.18 3.73 -11.37
C ALA B 135 27.14 2.65 -11.64
N THR B 136 27.34 1.87 -12.69
CA THR B 136 26.38 0.85 -13.05
C THR B 136 26.97 -0.21 -13.97
N THR B 137 26.28 -1.34 -14.05
CA THR B 137 26.68 -2.40 -14.95
C THR B 137 25.51 -2.63 -15.89
N GLU B 138 24.49 -1.77 -15.82
CA GLU B 138 23.34 -1.90 -16.73
C GLU B 138 23.59 -1.14 -18.04
N GLY B 139 23.74 -1.88 -19.14
CA GLY B 139 23.95 -1.25 -20.44
C GLY B 139 22.77 -0.35 -20.80
N CYS B 140 23.07 0.79 -21.42
CA CYS B 140 22.08 1.79 -21.86
C CYS B 140 21.65 2.79 -20.80
N LEU B 141 21.92 2.51 -19.53
CA LEU B 141 21.50 3.45 -18.47
C LEU B 141 22.14 4.83 -18.64
N VAL B 142 23.47 4.89 -18.76
CA VAL B 142 24.19 6.16 -18.91
C VAL B 142 23.79 6.86 -20.23
N ALA B 143 23.71 6.09 -21.30
CA ALA B 143 23.33 6.62 -22.62
C ALA B 143 21.93 7.26 -22.57
N SER B 144 20.99 6.55 -21.97
CA SER B 144 19.60 7.01 -21.87
C SER B 144 19.51 8.30 -21.04
N THR B 145 20.19 8.32 -19.91
CA THR B 145 20.21 9.46 -19.00
C THR B 145 20.86 10.67 -19.69
N ASN B 146 21.92 10.41 -20.45
CA ASN B 146 22.64 11.44 -21.22
C ASN B 146 21.69 12.05 -22.24
N ARG B 147 20.90 11.19 -22.89
CA ARG B 147 19.93 11.63 -23.89
C ARG B 147 18.85 12.52 -23.25
N GLY B 148 18.41 12.15 -22.04
CA GLY B 148 17.41 12.96 -21.35
C GLY B 148 18.03 14.32 -21.03
N CYS B 149 19.29 14.33 -20.58
CA CYS B 149 19.98 15.58 -20.27
C CYS B 149 20.05 16.47 -21.50
N ARG B 150 20.34 15.86 -22.65
CA ARG B 150 20.43 16.58 -23.91
C ARG B 150 19.08 17.23 -24.26
N ALA B 151 17.97 16.50 -24.08
CA ALA B 151 16.64 17.05 -24.36
C ALA B 151 16.32 18.23 -23.42
N ILE B 152 16.71 18.10 -22.16
CA ILE B 152 16.49 19.16 -21.17
C ILE B 152 17.31 20.42 -21.52
N GLY B 153 18.57 20.22 -21.94
CA GLY B 153 19.45 21.33 -22.28
C GLY B 153 18.91 22.11 -23.47
N LEU B 154 18.55 21.39 -24.54
CA LEU B 154 18.02 22.01 -25.73
C LEU B 154 16.66 22.62 -25.45
N GLY B 155 16.06 22.23 -24.32
CA GLY B 155 14.76 22.74 -23.92
C GLY B 155 14.83 23.96 -23.01
N GLY B 156 16.04 24.45 -22.77
CA GLY B 156 16.18 25.63 -21.93
C GLY B 156 16.45 25.34 -20.47
N GLY B 157 16.64 24.06 -20.13
CA GLY B 157 16.95 23.69 -18.76
C GLY B 157 15.83 23.33 -17.81
N ALA B 158 16.22 22.81 -16.65
CA ALA B 158 15.28 22.39 -15.62
C ALA B 158 15.36 23.28 -14.38
N SER B 159 14.26 23.28 -13.61
CA SER B 159 14.19 24.04 -12.35
C SER B 159 13.77 23.08 -11.25
N SER B 160 14.37 23.21 -10.07
CA SER B 160 14.04 22.37 -8.93
C SER B 160 13.89 23.15 -7.63
N ARG B 161 13.21 22.55 -6.65
CA ARG B 161 13.04 23.14 -5.33
C ARG B 161 13.09 22.06 -4.24
N VAL B 162 13.73 22.40 -3.13
CA VAL B 162 13.74 21.50 -1.98
C VAL B 162 12.55 21.95 -1.13
N LEU B 163 11.65 21.01 -0.87
CA LEU B 163 10.42 21.29 -0.13
C LEU B 163 10.51 21.00 1.37
N ALA B 164 11.38 20.07 1.74
CA ALA B 164 11.51 19.70 3.13
C ALA B 164 12.84 18.99 3.33
N ASP B 165 13.29 18.96 4.59
CA ASP B 165 14.54 18.33 4.92
C ASP B 165 14.52 17.81 6.35
N GLY B 166 14.46 16.49 6.50
CA GLY B 166 14.49 15.92 7.83
C GLY B 166 14.60 14.41 7.87
N MET B 167 15.73 13.91 8.37
CA MET B 167 15.93 12.47 8.52
C MET B 167 15.09 12.03 9.74
N THR B 168 14.70 10.76 9.78
CA THR B 168 13.85 10.30 10.87
C THR B 168 14.25 8.98 11.48
N ARG B 169 13.75 8.75 12.71
CA ARG B 169 13.96 7.49 13.43
C ARG B 169 12.65 7.29 14.17
N GLY B 170 12.10 6.08 14.07
CA GLY B 170 10.84 5.80 14.71
C GLY B 170 10.86 4.65 15.68
N PRO B 171 11.33 4.88 16.92
CA PRO B 171 11.40 3.84 17.92
C PRO B 171 10.03 3.37 18.38
N VAL B 172 10.00 2.19 18.97
CA VAL B 172 8.80 1.64 19.55
C VAL B 172 9.05 1.50 21.06
N VAL B 173 8.16 2.08 21.85
CA VAL B 173 8.24 1.98 23.31
C VAL B 173 6.89 1.44 23.80
N ARG B 174 6.83 0.98 25.05
CA ARG B 174 5.60 0.41 25.64
C ARG B 174 5.36 0.89 27.06
N LEU B 175 4.08 1.08 27.39
CA LEU B 175 3.66 1.49 28.73
C LEU B 175 2.78 0.33 29.26
N PRO B 176 2.49 0.29 30.58
CA PRO B 176 1.66 -0.78 31.12
C PRO B 176 0.27 -0.88 30.47
N ARG B 177 -0.32 0.28 30.16
CA ARG B 177 -1.65 0.34 29.55
C ARG B 177 -1.76 1.36 28.42
N ALA B 178 -2.80 1.18 27.58
CA ALA B 178 -3.06 2.09 26.48
C ALA B 178 -3.43 3.44 27.08
N CYS B 179 -4.07 3.44 28.26
CA CYS B 179 -4.41 4.72 28.88
C CYS B 179 -3.12 5.48 29.19
N ASP B 180 -2.08 4.73 29.53
CA ASP B 180 -0.77 5.31 29.84
C ASP B 180 -0.07 5.82 28.59
N SER B 181 -0.02 5.01 27.54
CA SER B 181 0.63 5.43 26.29
C SER B 181 -0.08 6.67 25.73
N ALA B 182 -1.40 6.72 25.88
CA ALA B 182 -2.17 7.87 25.44
C ALA B 182 -1.73 9.14 26.21
N GLU B 183 -1.47 8.99 27.50
CA GLU B 183 -1.00 10.12 28.32
C GLU B 183 0.39 10.58 27.84
N VAL B 184 1.27 9.64 27.50
CA VAL B 184 2.60 10.00 27.02
C VAL B 184 2.49 10.77 25.69
N LYS B 185 1.61 10.30 24.80
CA LYS B 185 1.36 10.97 23.53
C LYS B 185 0.89 12.39 23.75
N ALA B 186 -0.07 12.56 24.67
CA ALA B 186 -0.60 13.91 24.97
C ALA B 186 0.53 14.80 25.51
N TRP B 187 1.36 14.24 26.38
CA TRP B 187 2.49 14.98 26.97
C TRP B 187 3.46 15.43 25.86
N LEU B 188 3.79 14.51 24.96
CA LEU B 188 4.71 14.85 23.85
C LEU B 188 4.16 15.91 22.93
N GLU B 189 2.84 16.03 22.89
CA GLU B 189 2.18 17.02 22.05
C GLU B 189 2.07 18.41 22.68
N THR B 190 2.46 18.54 23.95
CA THR B 190 2.44 19.87 24.60
C THR B 190 3.73 20.59 24.21
N SER B 191 3.74 21.92 24.28
CA SER B 191 4.94 22.67 23.93
C SER B 191 6.08 22.37 24.92
N GLU B 192 5.75 22.28 26.20
CA GLU B 192 6.75 21.98 27.22
C GLU B 192 7.33 20.57 27.12
N GLY B 193 6.47 19.59 26.82
CA GLY B 193 6.94 18.22 26.67
C GLY B 193 7.90 18.14 25.49
N PHE B 194 7.48 18.70 24.36
CA PHE B 194 8.32 18.73 23.17
C PHE B 194 9.63 19.46 23.49
N ALA B 195 9.54 20.62 24.14
CA ALA B 195 10.74 21.38 24.49
C ALA B 195 11.78 20.54 25.24
N VAL B 196 11.34 19.79 26.24
CA VAL B 196 12.21 18.92 27.04
C VAL B 196 12.85 17.84 26.16
N ILE B 197 12.05 17.29 25.25
CA ILE B 197 12.53 16.25 24.37
C ILE B 197 13.53 16.81 23.37
N LYS B 198 13.23 17.98 22.80
CA LYS B 198 14.11 18.63 21.83
C LYS B 198 15.48 18.95 22.46
N GLU B 199 15.47 19.46 23.69
CA GLU B 199 16.72 19.79 24.37
C GLU B 199 17.62 18.55 24.49
N ALA B 200 17.05 17.45 24.95
CA ALA B 200 17.83 16.23 25.08
C ALA B 200 18.32 15.73 23.72
N PHE B 201 17.45 15.77 22.72
CA PHE B 201 17.78 15.34 21.34
C PHE B 201 18.90 16.21 20.75
N ASP B 202 18.70 17.52 20.78
CA ASP B 202 19.69 18.46 20.19
C ASP B 202 21.07 18.51 20.85
N SER B 203 21.15 18.04 22.08
CA SER B 203 22.40 18.05 22.84
C SER B 203 23.45 17.04 22.36
N THR B 204 23.03 16.08 21.54
CA THR B 204 23.97 15.03 21.11
C THR B 204 24.82 15.34 19.90
N SER B 205 24.55 16.46 19.24
CA SER B 205 25.29 16.78 18.05
C SER B 205 25.31 18.26 17.74
N ARG B 206 26.30 18.63 16.95
CA ARG B 206 26.45 20.01 16.53
C ARG B 206 25.44 20.37 15.41
N PHE B 207 25.00 19.36 14.65
CA PHE B 207 24.07 19.62 13.53
C PHE B 207 22.65 19.06 13.64
N ALA B 208 22.45 18.03 14.46
CA ALA B 208 21.11 17.43 14.61
C ALA B 208 20.17 18.31 15.41
N ARG B 209 19.09 18.78 14.75
CA ARG B 209 18.07 19.64 15.37
C ARG B 209 16.63 19.13 15.16
N LEU B 210 15.98 18.72 16.25
CA LEU B 210 14.62 18.17 16.21
C LEU B 210 13.56 19.17 15.73
N GLN B 211 12.92 18.86 14.61
CA GLN B 211 11.89 19.73 14.04
C GLN B 211 10.50 19.36 14.50
N LYS B 212 10.22 18.08 14.58
CA LYS B 212 8.88 17.66 14.97
C LYS B 212 8.81 16.19 15.34
N LEU B 213 7.66 15.84 15.91
CA LEU B 213 7.37 14.49 16.35
C LEU B 213 6.02 14.04 15.76
N HIS B 214 5.97 12.82 15.25
CA HIS B 214 4.70 12.29 14.79
C HIS B 214 4.54 11.05 15.67
N THR B 215 3.56 11.09 16.55
CA THR B 215 3.33 9.98 17.50
C THR B 215 2.10 9.17 17.17
N SER B 216 2.28 7.85 17.16
CA SER B 216 1.21 6.93 16.81
C SER B 216 1.09 5.80 17.85
N ILE B 217 -0.14 5.50 18.23
CA ILE B 217 -0.41 4.47 19.21
C ILE B 217 -0.99 3.15 18.68
N ALA B 218 -0.60 2.03 19.31
CA ALA B 218 -1.13 0.70 18.99
C ALA B 218 -1.35 0.05 20.37
N GLY B 219 -2.48 0.38 20.99
CA GLY B 219 -2.76 -0.14 22.33
C GLY B 219 -1.75 0.48 23.28
N ARG B 220 -1.07 -0.35 24.07
CA ARG B 220 -0.06 0.17 25.01
C ARG B 220 1.29 0.50 24.36
N ASN B 221 1.41 0.24 23.06
CA ASN B 221 2.64 0.55 22.32
C ASN B 221 2.57 1.99 21.84
N LEU B 222 3.72 2.63 21.74
CA LEU B 222 3.75 4.00 21.25
C LEU B 222 4.93 4.08 20.29
N TYR B 223 4.64 4.53 19.07
CA TYR B 223 5.66 4.71 18.04
C TYR B 223 5.87 6.21 17.90
N ILE B 224 7.12 6.64 18.07
CA ILE B 224 7.46 8.06 18.01
C ILE B 224 8.40 8.31 16.86
N ARG B 225 7.91 9.06 15.87
CA ARG B 225 8.72 9.39 14.72
C ARG B 225 9.46 10.74 14.98
N PHE B 226 10.75 10.67 15.26
CA PHE B 226 11.58 11.87 15.48
C PHE B 226 12.05 12.36 14.11
N GLN B 227 11.86 13.65 13.82
CA GLN B 227 12.29 14.19 12.53
C GLN B 227 13.21 15.37 12.83
N SER B 228 14.41 15.30 12.28
CA SER B 228 15.44 16.30 12.53
C SER B 228 16.33 16.61 11.35
N ARG B 229 16.84 17.85 11.31
CA ARG B 229 17.80 18.28 10.31
C ARG B 229 19.08 17.54 10.70
N SER B 230 20.07 17.52 9.81
CA SER B 230 21.31 16.81 10.10
C SER B 230 22.47 17.42 9.30
N GLY B 231 22.45 18.72 9.07
CA GLY B 231 23.49 19.37 8.28
C GLY B 231 23.61 18.72 6.90
N ASP B 232 24.84 18.43 6.47
CA ASP B 232 25.08 17.79 5.17
C ASP B 232 25.17 16.26 5.26
N ALA B 233 24.94 15.70 6.45
CA ALA B 233 25.00 14.23 6.59
C ALA B 233 23.64 13.59 6.27
N MET B 234 23.64 12.35 5.79
CA MET B 234 22.34 11.69 5.54
C MET B 234 21.66 11.67 6.93
N GLY B 235 22.48 11.50 7.97
CA GLY B 235 21.99 11.63 9.34
C GLY B 235 21.52 10.47 10.16
N MET B 236 21.52 9.26 9.62
CA MET B 236 21.02 8.11 10.36
C MET B 236 21.67 7.85 11.73
N ASN B 237 23.00 7.79 11.80
CA ASN B 237 23.64 7.57 13.11
C ASN B 237 23.37 8.76 14.03
N MET B 238 23.45 9.97 13.48
CA MET B 238 23.22 11.19 14.24
C MET B 238 21.82 11.21 14.86
N ILE B 239 20.82 10.94 14.03
CA ILE B 239 19.42 10.93 14.46
C ILE B 239 19.20 9.82 15.48
N SER B 240 19.83 8.66 15.26
CA SER B 240 19.67 7.53 16.17
C SER B 240 20.24 7.87 17.54
N LYS B 241 21.41 8.51 17.55
CA LYS B 241 22.06 8.93 18.80
C LYS B 241 21.18 9.95 19.53
N GLY B 242 20.59 10.88 18.79
CA GLY B 242 19.72 11.89 19.38
C GLY B 242 18.47 11.23 19.96
N THR B 243 17.94 10.26 19.22
CA THR B 243 16.74 9.54 19.65
C THR B 243 17.00 8.83 20.97
N GLU B 244 18.14 8.16 21.02
CA GLU B 244 18.55 7.42 22.19
C GLU B 244 18.56 8.31 23.45
N LYS B 245 19.14 9.51 23.34
CA LYS B 245 19.17 10.40 24.48
C LYS B 245 17.79 10.96 24.85
N ALA B 246 17.00 11.27 23.83
CA ALA B 246 15.66 11.78 24.05
C ALA B 246 14.75 10.76 24.75
N LEU B 247 14.89 9.47 24.40
CA LEU B 247 14.08 8.43 25.04
C LEU B 247 14.53 8.28 26.50
N SER B 248 15.83 8.41 26.76
CA SER B 248 16.33 8.32 28.14
C SER B 248 15.70 9.43 28.98
N LYS B 249 15.61 10.61 28.40
CA LYS B 249 14.99 11.74 29.06
C LYS B 249 13.49 11.49 29.32
N LEU B 250 12.80 10.94 28.32
CA LEU B 250 11.35 10.64 28.44
C LEU B 250 11.09 9.68 29.61
N HIS B 251 11.99 8.71 29.75
CA HIS B 251 11.93 7.70 30.81
C HIS B 251 11.97 8.36 32.20
N GLU B 252 12.70 9.46 32.32
CA GLU B 252 12.76 10.14 33.61
C GLU B 252 11.37 10.61 34.01
N TYR B 253 10.59 11.06 33.03
CA TYR B 253 9.23 11.52 33.28
C TYR B 253 8.21 10.39 33.38
N PHE B 254 8.51 9.27 32.69
CA PHE B 254 7.64 8.08 32.69
C PHE B 254 8.51 6.84 32.93
N PRO B 255 8.90 6.61 34.20
CA PRO B 255 9.75 5.44 34.49
C PRO B 255 9.12 4.08 34.17
N GLU B 256 7.81 4.05 33.98
CA GLU B 256 7.08 2.82 33.64
C GLU B 256 7.28 2.47 32.17
N MET B 257 7.78 3.43 31.38
CA MET B 257 8.00 3.20 29.96
C MET B 257 9.15 2.26 29.68
N GLN B 258 8.91 1.30 28.78
CA GLN B 258 9.91 0.34 28.37
C GLN B 258 10.26 0.63 26.91
N ILE B 259 11.54 0.84 26.65
CA ILE B 259 11.98 1.07 25.29
C ILE B 259 12.19 -0.32 24.70
N LEU B 260 11.45 -0.66 23.64
CA LEU B 260 11.60 -1.99 23.05
C LEU B 260 12.68 -2.01 21.98
N ALA B 261 12.76 -0.96 21.18
CA ALA B 261 13.79 -0.88 20.14
C ALA B 261 13.93 0.54 19.64
N VAL B 262 15.18 0.95 19.44
CA VAL B 262 15.45 2.30 18.97
C VAL B 262 14.85 2.50 17.58
N SER B 263 14.71 1.42 16.82
CA SER B 263 13.99 1.49 15.54
C SER B 263 12.86 0.49 15.63
N GLY B 264 11.62 0.99 15.60
CA GLY B 264 10.44 0.14 15.62
C GLY B 264 9.80 0.10 14.23
N ASN B 265 10.61 0.40 13.21
CA ASN B 265 10.19 0.43 11.82
C ASN B 265 9.22 1.56 11.48
N TYR B 266 9.11 2.55 12.36
CA TYR B 266 8.20 3.67 12.10
C TYR B 266 8.96 4.87 11.48
N CYS B 267 10.23 4.65 11.12
CA CYS B 267 11.07 5.71 10.54
C CYS B 267 10.62 6.23 9.16
N THR B 268 10.56 5.40 8.11
CA THR B 268 10.90 3.96 8.09
C THR B 268 12.19 3.86 7.25
N ASP B 269 13.18 3.12 7.76
CA ASP B 269 14.45 2.97 7.05
C ASP B 269 14.58 1.68 6.25
N LYS B 270 14.81 1.83 4.96
CA LYS B 270 15.07 0.71 4.06
C LYS B 270 14.00 -0.35 3.83
N LYS B 271 12.75 0.01 4.10
CA LYS B 271 11.61 -0.86 3.82
C LYS B 271 10.58 0.05 3.18
N PRO B 272 9.80 -0.46 2.23
CA PRO B 272 8.79 0.41 1.63
C PRO B 272 7.78 0.82 2.72
N ALA B 273 7.32 2.06 2.71
CA ALA B 273 6.37 2.49 3.73
C ALA B 273 5.65 3.74 3.30
N ALA B 274 4.32 3.69 3.41
CA ALA B 274 3.51 4.83 3.02
C ALA B 274 3.85 6.06 3.86
N ILE B 275 4.35 5.88 5.07
CA ILE B 275 4.70 7.03 5.90
C ILE B 275 5.80 7.92 5.29
N ASN B 276 6.74 7.31 4.57
CA ASN B 276 7.84 8.06 3.93
C ASN B 276 7.27 8.81 2.73
N TRP B 277 6.39 8.15 1.99
CA TRP B 277 5.75 8.74 0.83
C TRP B 277 4.90 9.96 1.19
N ILE B 278 4.14 9.81 2.26
CA ILE B 278 3.22 10.85 2.69
C ILE B 278 3.82 11.99 3.52
N GLU B 279 4.67 11.65 4.49
CA GLU B 279 5.27 12.67 5.35
C GLU B 279 6.66 13.12 4.91
N GLY B 280 7.28 12.33 4.03
CA GLY B 280 8.63 12.65 3.58
C GLY B 280 9.67 12.07 4.53
N ARG B 281 10.88 11.90 4.02
CA ARG B 281 12.01 11.41 4.81
C ARG B 281 13.26 11.92 4.10
N GLY B 282 14.14 12.55 4.86
CA GLY B 282 15.32 13.10 4.25
C GLY B 282 14.88 14.35 3.50
N LYS B 283 15.25 14.45 2.22
CA LYS B 283 14.87 15.59 1.43
C LYS B 283 13.70 15.36 0.48
N SER B 284 12.75 16.29 0.49
CA SER B 284 11.59 16.20 -0.41
C SER B 284 11.91 17.22 -1.47
N VAL B 285 11.86 16.78 -2.72
CA VAL B 285 12.24 17.63 -3.85
C VAL B 285 11.30 17.53 -5.04
N VAL B 286 11.27 18.58 -5.86
CA VAL B 286 10.47 18.60 -7.07
C VAL B 286 11.31 19.26 -8.18
N CYS B 287 11.19 18.74 -9.40
CA CYS B 287 11.90 19.33 -10.52
C CYS B 287 11.00 19.30 -11.74
N GLU B 288 11.22 20.23 -12.67
CA GLU B 288 10.38 20.33 -13.86
C GLU B 288 11.11 20.92 -15.06
N ALA B 289 10.53 20.70 -16.24
CA ALA B 289 11.08 21.21 -17.52
C ALA B 289 10.05 21.15 -18.62
N VAL B 290 10.27 21.93 -19.68
CA VAL B 290 9.39 21.90 -20.83
C VAL B 290 10.27 21.53 -22.01
N ILE B 291 9.91 20.46 -22.71
CA ILE B 291 10.71 20.03 -23.85
C ILE B 291 9.98 20.44 -25.13
N PRO B 292 10.59 21.31 -25.93
CA PRO B 292 10.01 21.77 -27.19
C PRO B 292 9.68 20.58 -28.11
N ALA B 293 8.58 20.69 -28.85
CA ALA B 293 8.15 19.65 -29.77
C ALA B 293 9.27 19.15 -30.70
N LYS B 294 10.07 20.08 -31.24
CA LYS B 294 11.16 19.73 -32.14
C LYS B 294 12.21 18.83 -31.48
N VAL B 295 12.48 19.10 -30.21
CA VAL B 295 13.44 18.32 -29.44
C VAL B 295 12.88 16.92 -29.15
N VAL B 296 11.61 16.86 -28.72
CA VAL B 296 10.96 15.59 -28.44
C VAL B 296 11.05 14.73 -29.71
N ARG B 297 10.92 15.40 -30.86
CA ARG B 297 10.97 14.72 -32.13
C ARG B 297 12.37 14.28 -32.56
N GLU B 298 13.33 15.19 -32.50
CA GLU B 298 14.68 14.89 -32.95
C GLU B 298 15.59 14.19 -31.95
N VAL B 299 15.51 14.59 -30.68
CA VAL B 299 16.33 13.96 -29.65
C VAL B 299 15.66 12.71 -29.09
N LEU B 300 14.39 12.82 -28.73
CA LEU B 300 13.66 11.69 -28.13
C LEU B 300 13.03 10.69 -29.11
N LYS B 301 12.97 11.09 -30.38
CA LYS B 301 12.45 10.25 -31.47
C LYS B 301 10.99 9.86 -31.32
N THR B 302 10.18 10.79 -30.82
CA THR B 302 8.75 10.49 -30.61
C THR B 302 7.94 11.79 -30.62
N THR B 303 6.73 11.75 -30.09
CA THR B 303 5.86 12.92 -30.02
C THR B 303 5.37 13.14 -28.59
N THR B 304 4.98 14.37 -28.29
CA THR B 304 4.48 14.71 -26.96
C THR B 304 3.20 13.88 -26.66
N GLU B 305 2.30 13.76 -27.64
CA GLU B 305 1.08 12.99 -27.43
C GLU B 305 1.39 11.54 -27.04
N ALA B 306 2.34 10.90 -27.74
CA ALA B 306 2.69 9.52 -27.44
C ALA B 306 3.26 9.38 -26.03
N MET B 307 4.14 10.31 -25.65
CA MET B 307 4.74 10.27 -24.33
C MET B 307 3.72 10.45 -23.20
N ILE B 308 2.74 11.33 -23.41
CA ILE B 308 1.70 11.56 -22.42
C ILE B 308 0.80 10.31 -22.29
N GLU B 309 0.44 9.70 -23.43
CA GLU B 309 -0.41 8.51 -23.34
C GLU B 309 0.32 7.40 -22.58
N VAL B 310 1.62 7.23 -22.83
CA VAL B 310 2.36 6.22 -22.10
C VAL B 310 2.48 6.62 -20.62
N ASN B 311 2.78 7.88 -20.32
CA ASN B 311 2.91 8.25 -18.91
C ASN B 311 1.65 8.04 -18.09
N ILE B 312 0.51 8.48 -18.61
CA ILE B 312 -0.73 8.32 -17.88
C ILE B 312 -1.09 6.83 -17.69
N ASN B 313 -1.01 6.07 -18.77
CA ASN B 313 -1.39 4.68 -18.66
C ASN B 313 -0.41 3.72 -18.02
N LYS B 314 0.87 4.11 -17.94
CA LYS B 314 1.90 3.28 -17.31
C LYS B 314 2.22 3.74 -15.88
N ASN B 315 2.68 4.99 -15.77
CA ASN B 315 3.06 5.55 -14.48
C ASN B 315 1.94 5.88 -13.53
N LEU B 316 0.74 6.14 -14.05
CA LEU B 316 -0.39 6.39 -13.15
C LEU B 316 -1.29 5.15 -13.09
N VAL B 317 -1.99 4.85 -14.19
CA VAL B 317 -2.90 3.69 -14.17
C VAL B 317 -2.19 2.37 -13.94
N GLY B 318 -1.06 2.15 -14.62
CA GLY B 318 -0.34 0.92 -14.45
C GLY B 318 0.14 0.66 -13.02
N SER B 319 0.73 1.69 -12.42
CA SER B 319 1.23 1.56 -11.04
C SER B 319 0.05 1.35 -10.09
N ALA B 320 -1.07 1.99 -10.40
CA ALA B 320 -2.28 1.80 -9.58
C ALA B 320 -2.78 0.35 -9.70
N MET B 321 -2.74 -0.23 -10.90
CA MET B 321 -3.24 -1.60 -11.08
C MET B 321 -2.34 -2.58 -10.32
N ALA B 322 -1.06 -2.22 -10.21
CA ALA B 322 -0.08 -3.06 -9.52
C ALA B 322 -0.07 -2.90 -8.01
N GLY B 323 -0.88 -1.98 -7.50
CA GLY B 323 -0.93 -1.75 -6.06
C GLY B 323 0.36 -1.11 -5.55
N SER B 324 0.84 -0.10 -6.26
CA SER B 324 2.05 0.59 -5.85
C SER B 324 1.77 1.71 -4.85
N ILE B 325 2.67 1.89 -3.90
CA ILE B 325 2.57 3.02 -2.98
C ILE B 325 3.90 3.72 -3.25
N GLY B 326 3.86 4.85 -3.94
CA GLY B 326 5.08 5.59 -4.23
C GLY B 326 5.84 5.27 -5.50
N GLY B 327 5.39 4.26 -6.24
CA GLY B 327 6.10 3.89 -7.46
C GLY B 327 5.43 4.36 -8.74
N TYR B 328 5.11 5.65 -8.80
CA TYR B 328 4.45 6.22 -9.98
C TYR B 328 5.47 6.84 -10.94
N ASN B 329 6.38 6.00 -11.40
CA ASN B 329 7.46 6.42 -12.28
C ASN B 329 7.97 5.23 -13.08
N ALA B 330 8.80 5.48 -14.10
CA ALA B 330 9.33 4.41 -14.95
C ALA B 330 10.56 3.71 -14.36
N HIS B 331 11.60 4.48 -14.05
CA HIS B 331 12.81 3.91 -13.48
C HIS B 331 13.68 4.83 -12.62
N ALA B 332 13.04 5.59 -11.72
CA ALA B 332 13.79 6.47 -10.83
C ALA B 332 14.89 5.68 -10.11
N ALA B 333 14.56 4.45 -9.72
CA ALA B 333 15.51 3.60 -8.99
C ALA B 333 16.85 3.39 -9.71
N ASN B 334 16.83 3.27 -11.04
CA ASN B 334 18.05 3.09 -11.80
C ASN B 334 18.99 4.29 -11.60
N ILE B 335 18.46 5.50 -11.78
CA ILE B 335 19.25 6.72 -11.62
C ILE B 335 19.71 6.89 -10.18
N VAL B 336 18.78 6.77 -9.22
CA VAL B 336 19.13 6.89 -7.80
C VAL B 336 20.26 5.91 -7.44
N THR B 337 20.11 4.65 -7.88
CA THR B 337 21.11 3.65 -7.55
C THR B 337 22.50 3.95 -8.10
N ALA B 338 22.58 4.33 -9.38
CA ALA B 338 23.84 4.63 -10.03
C ALA B 338 24.55 5.83 -9.38
N ILE B 339 23.80 6.88 -9.06
CA ILE B 339 24.41 8.05 -8.44
C ILE B 339 24.85 7.71 -7.03
N TYR B 340 24.01 6.96 -6.32
CA TYR B 340 24.33 6.56 -4.95
C TYR B 340 25.62 5.75 -4.87
N ILE B 341 25.77 4.78 -5.75
CA ILE B 341 26.99 3.97 -5.72
C ILE B 341 28.21 4.84 -6.06
N ALA B 342 28.05 5.73 -7.03
CA ALA B 342 29.14 6.61 -7.46
C ALA B 342 29.56 7.64 -6.41
N CYS B 343 28.59 8.10 -5.62
CA CYS B 343 28.86 9.17 -4.66
C CYS B 343 28.94 8.80 -3.20
N GLY B 344 29.13 7.52 -2.90
CA GLY B 344 29.30 7.09 -1.52
C GLY B 344 28.05 7.12 -0.63
N GLN B 345 26.88 7.08 -1.27
CA GLN B 345 25.60 7.05 -0.55
C GLN B 345 25.31 5.62 -0.12
N ASP B 346 24.18 5.42 0.57
CA ASP B 346 23.79 4.08 1.03
C ASP B 346 22.84 3.52 -0.03
N ALA B 347 23.37 2.65 -0.89
CA ALA B 347 22.57 2.08 -1.99
C ALA B 347 21.31 1.32 -1.54
N ALA B 348 21.35 0.76 -0.33
CA ALA B 348 20.21 0.05 0.22
C ALA B 348 19.05 1.01 0.44
N GLN B 349 19.36 2.31 0.55
CA GLN B 349 18.31 3.32 0.73
C GLN B 349 17.56 3.66 -0.57
N ASN B 350 17.91 2.98 -1.66
CA ASN B 350 17.20 3.15 -2.93
C ASN B 350 15.74 2.71 -2.71
N VAL B 351 15.50 1.85 -1.72
CA VAL B 351 14.15 1.38 -1.43
C VAL B 351 13.19 2.57 -1.27
N GLY B 352 13.50 3.49 -0.36
CA GLY B 352 12.65 4.66 -0.20
C GLY B 352 13.10 5.89 -0.99
N SER B 353 14.39 6.01 -1.27
CA SER B 353 14.89 7.18 -2.00
C SER B 353 14.37 7.27 -3.44
N SER B 354 13.99 6.14 -4.00
CA SER B 354 13.44 6.09 -5.36
C SER B 354 11.96 6.46 -5.48
N ASN B 355 11.28 6.69 -4.35
CA ASN B 355 9.87 7.09 -4.38
C ASN B 355 9.77 8.29 -5.34
N CYS B 356 8.86 8.23 -6.30
CA CYS B 356 8.75 9.29 -7.26
C CYS B 356 7.46 9.25 -8.07
N ILE B 357 6.84 10.41 -8.28
CA ILE B 357 5.70 10.47 -9.17
C ILE B 357 6.13 11.38 -10.32
N THR B 358 6.10 10.80 -11.53
CA THR B 358 6.48 11.46 -12.77
C THR B 358 5.20 11.85 -13.52
N LEU B 359 5.05 13.13 -13.79
CA LEU B 359 3.87 13.64 -14.48
C LEU B 359 4.27 14.31 -15.80
N MET B 360 3.40 14.18 -16.80
CA MET B 360 3.61 14.76 -18.12
C MET B 360 2.33 15.42 -18.62
N GLU B 361 2.47 16.54 -19.30
CA GLU B 361 1.30 17.28 -19.75
C GLU B 361 1.61 18.02 -21.06
N ALA B 362 0.61 18.16 -21.94
CA ALA B 362 0.81 18.89 -23.21
C ALA B 362 0.95 20.35 -22.83
N SER B 363 1.84 21.06 -23.51
CA SER B 363 2.08 22.46 -23.19
C SER B 363 2.33 23.23 -24.47
N GLY B 364 2.36 24.55 -24.34
CA GLY B 364 2.67 25.37 -25.50
C GLY B 364 1.50 25.84 -26.33
N PRO B 365 1.80 26.61 -27.39
CA PRO B 365 0.89 27.22 -28.38
C PRO B 365 -0.05 26.22 -29.05
N THR B 366 0.48 25.07 -29.43
CA THR B 366 -0.31 24.05 -30.11
C THR B 366 -0.39 22.76 -29.29
N ASN B 367 -0.09 22.86 -28.00
CA ASN B 367 -0.09 21.71 -27.10
C ASN B 367 0.79 20.58 -27.58
N GLU B 368 1.89 20.94 -28.23
CA GLU B 368 2.84 19.96 -28.75
C GLU B 368 4.16 19.94 -27.98
N ASP B 369 4.30 20.79 -26.98
CA ASP B 369 5.53 20.79 -26.20
C ASP B 369 5.25 19.94 -24.96
N LEU B 370 6.29 19.29 -24.43
CA LEU B 370 6.13 18.41 -23.28
C LEU B 370 6.53 19.00 -21.92
N TYR B 371 5.54 19.18 -21.04
CA TYR B 371 5.84 19.65 -19.70
C TYR B 371 6.03 18.35 -18.89
N ILE B 372 7.09 18.29 -18.09
CA ILE B 372 7.35 17.12 -17.25
C ILE B 372 7.78 17.54 -15.85
N SER B 373 7.33 16.81 -14.84
CA SER B 373 7.70 17.06 -13.46
C SER B 373 7.93 15.74 -12.74
N CYS B 374 8.89 15.74 -11.83
CA CYS B 374 9.19 14.57 -10.98
C CYS B 374 9.24 15.09 -9.55
N THR B 375 8.48 14.43 -8.68
CA THR B 375 8.39 14.79 -7.27
C THR B 375 8.87 13.59 -6.44
N MET B 376 9.93 13.80 -5.66
CA MET B 376 10.55 12.77 -4.85
C MET B 376 10.54 13.26 -3.41
N PRO B 377 9.63 12.72 -2.61
CA PRO B 377 9.48 13.13 -1.21
C PRO B 377 10.43 12.55 -0.20
N SER B 378 11.20 11.54 -0.59
CA SER B 378 12.06 10.90 0.38
C SER B 378 13.46 10.50 -0.05
N ILE B 379 14.22 11.47 -0.53
CA ILE B 379 15.61 11.25 -0.96
C ILE B 379 16.51 11.30 0.29
N GLU B 380 17.07 10.15 0.64
CA GLU B 380 17.94 10.02 1.81
C GLU B 380 19.36 10.16 1.27
N ILE B 381 19.98 11.29 1.60
CA ILE B 381 21.29 11.58 1.03
C ILE B 381 22.20 12.46 1.92
N GLY B 382 23.50 12.43 1.66
CA GLY B 382 24.44 13.22 2.45
C GLY B 382 25.77 13.39 1.70
N THR B 383 26.57 14.38 2.12
CA THR B 383 27.87 14.63 1.46
C THR B 383 29.02 14.53 2.50
N VAL B 384 28.65 14.11 3.69
CA VAL B 384 29.54 13.93 4.83
C VAL B 384 29.12 12.60 5.49
N GLY B 385 30.09 11.84 5.99
CA GLY B 385 29.82 10.57 6.64
C GLY B 385 29.69 9.35 5.73
N GLY B 386 29.73 8.16 6.33
CA GLY B 386 29.63 6.92 5.60
C GLY B 386 30.61 6.76 4.45
N GLY B 387 30.09 6.29 3.31
CA GLY B 387 30.91 6.10 2.12
C GLY B 387 31.50 7.37 1.55
N THR B 388 30.97 8.54 1.93
CA THR B 388 31.52 9.78 1.39
C THR B 388 32.89 10.11 2.02
N ASN B 389 33.34 9.26 2.93
CA ASN B 389 34.65 9.42 3.59
C ASN B 389 35.76 8.85 2.69
N LEU B 390 35.38 8.08 1.68
CA LEU B 390 36.36 7.46 0.80
C LEU B 390 36.75 8.37 -0.38
N LEU B 391 38.03 8.30 -0.77
CA LEU B 391 38.52 9.16 -1.85
C LEU B 391 37.87 9.04 -3.23
N PRO B 392 37.70 7.81 -3.75
CA PRO B 392 37.06 7.79 -5.08
C PRO B 392 35.65 8.38 -5.03
N GLN B 393 34.86 8.04 -4.01
CA GLN B 393 33.54 8.63 -3.97
C GLN B 393 33.58 10.15 -3.75
N GLN B 394 34.60 10.64 -3.05
CA GLN B 394 34.74 12.10 -2.86
C GLN B 394 35.02 12.76 -4.22
N ALA B 395 35.68 12.04 -5.12
CA ALA B 395 36.01 12.56 -6.46
C ALA B 395 34.74 12.81 -7.24
N CYS B 396 33.79 11.86 -7.15
CA CYS B 396 32.51 12.02 -7.82
C CYS B 396 31.69 13.17 -7.20
N LEU B 397 31.76 13.32 -5.86
CA LEU B 397 31.07 14.42 -5.17
C LEU B 397 31.70 15.78 -5.61
N GLN B 398 33.02 15.78 -5.78
CA GLN B 398 33.74 17.00 -6.23
C GLN B 398 33.33 17.38 -7.65
N MET B 399 33.18 16.36 -8.49
CA MET B 399 32.76 16.52 -9.88
C MET B 399 31.48 17.38 -9.90
N LEU B 400 30.63 17.17 -8.89
CA LEU B 400 29.36 17.87 -8.74
C LEU B 400 29.43 19.15 -7.91
N GLY B 401 30.59 19.41 -7.29
CA GLY B 401 30.76 20.59 -6.46
C GLY B 401 30.06 20.54 -5.11
N VAL B 402 29.83 19.33 -4.60
CA VAL B 402 29.13 19.20 -3.33
C VAL B 402 29.85 18.33 -2.31
N GLN B 403 31.14 18.07 -2.53
CA GLN B 403 31.88 17.22 -1.59
C GLN B 403 32.02 17.82 -0.19
N GLY B 404 31.74 17.00 0.82
CA GLY B 404 31.88 17.42 2.21
C GLY B 404 30.92 18.45 2.76
N ALA B 405 31.32 19.08 3.85
CA ALA B 405 30.51 20.10 4.51
C ALA B 405 30.45 21.40 3.74
N CYS B 406 29.29 22.04 3.73
CA CYS B 406 29.16 23.34 3.09
C CYS B 406 29.43 24.33 4.24
N LYS B 407 30.66 24.84 4.28
CA LYS B 407 31.09 25.78 5.31
C LYS B 407 30.21 27.01 5.47
N ASP B 408 29.93 27.69 4.36
CA ASP B 408 29.12 28.89 4.35
C ASP B 408 27.62 28.73 4.66
N ASN B 409 27.11 27.49 4.57
CA ASN B 409 25.69 27.21 4.82
C ASN B 409 25.51 25.70 5.03
N PRO B 410 25.61 25.23 6.28
CA PRO B 410 25.46 23.80 6.60
C PRO B 410 24.20 23.21 5.99
N GLY B 411 24.35 22.07 5.31
CA GLY B 411 23.22 21.42 4.69
C GLY B 411 23.02 21.72 3.20
N GLU B 412 23.64 22.81 2.72
CA GLU B 412 23.49 23.19 1.33
C GLU B 412 24.12 22.19 0.33
N ASN B 413 25.22 21.54 0.70
CA ASN B 413 25.80 20.56 -0.21
C ASN B 413 24.87 19.35 -0.37
N ALA B 414 24.28 18.90 0.73
CA ALA B 414 23.36 17.75 0.65
C ALA B 414 22.12 18.17 -0.13
N ARG B 415 21.58 19.37 0.13
CA ARG B 415 20.41 19.82 -0.60
C ARG B 415 20.68 19.91 -2.10
N GLN B 416 21.88 20.40 -2.45
CA GLN B 416 22.22 20.52 -3.86
C GLN B 416 22.34 19.13 -4.49
N LEU B 417 22.89 18.17 -3.76
CA LEU B 417 23.00 16.82 -4.29
C LEU B 417 21.61 16.21 -4.50
N ALA B 418 20.69 16.50 -3.58
CA ALA B 418 19.32 15.95 -3.71
C ALA B 418 18.67 16.56 -4.95
N ARG B 419 18.91 17.85 -5.20
CA ARG B 419 18.35 18.49 -6.38
C ARG B 419 18.89 17.88 -7.67
N ILE B 420 20.18 17.55 -7.67
CA ILE B 420 20.80 16.91 -8.84
C ILE B 420 20.19 15.52 -9.10
N VAL B 421 19.99 14.75 -8.04
CA VAL B 421 19.39 13.41 -8.17
C VAL B 421 17.99 13.50 -8.80
N CYS B 422 17.16 14.42 -8.32
CA CYS B 422 15.79 14.58 -8.85
C CYS B 422 15.80 14.98 -10.33
N GLY B 423 16.70 15.91 -10.67
CA GLY B 423 16.80 16.36 -12.05
C GLY B 423 17.32 15.25 -12.95
N THR B 424 18.25 14.44 -12.44
CA THR B 424 18.81 13.36 -13.25
C THR B 424 17.75 12.26 -13.42
N VAL B 425 16.93 12.04 -12.40
CA VAL B 425 15.83 11.06 -12.50
C VAL B 425 14.89 11.54 -13.62
N MET B 426 14.61 12.85 -13.66
CA MET B 426 13.72 13.40 -14.70
C MET B 426 14.31 13.17 -16.10
N ALA B 427 15.62 13.39 -16.22
CA ALA B 427 16.29 13.17 -17.50
C ALA B 427 16.11 11.69 -17.91
N GLY B 428 16.30 10.78 -16.94
CA GLY B 428 16.15 9.35 -17.19
C GLY B 428 14.72 8.94 -17.57
N GLU B 429 13.74 9.52 -16.88
CA GLU B 429 12.33 9.29 -17.15
C GLU B 429 12.00 9.70 -18.56
N LEU B 430 12.48 10.89 -18.95
CA LEU B 430 12.23 11.41 -20.30
C LEU B 430 12.68 10.42 -21.38
N SER B 431 13.92 9.94 -21.25
CA SER B 431 14.49 9.05 -22.25
C SER B 431 13.86 7.65 -22.26
N LEU B 432 13.65 7.06 -21.09
CA LEU B 432 13.02 5.74 -21.08
C LEU B 432 11.59 5.83 -21.60
N MET B 433 10.84 6.83 -21.14
CA MET B 433 9.46 6.99 -21.59
C MET B 433 9.37 7.20 -23.11
N ALA B 434 10.36 7.89 -23.67
CA ALA B 434 10.38 8.11 -25.12
C ALA B 434 10.69 6.78 -25.81
N ALA B 435 11.61 6.00 -25.26
CA ALA B 435 11.94 4.70 -25.85
C ALA B 435 10.73 3.76 -25.82
N LEU B 436 9.97 3.80 -24.73
CA LEU B 436 8.78 2.97 -24.62
C LEU B 436 7.70 3.40 -25.58
N ALA B 437 7.55 4.72 -25.76
CA ALA B 437 6.53 5.26 -26.67
C ALA B 437 6.83 4.90 -28.13
N ALA B 438 8.10 4.96 -28.51
CA ALA B 438 8.53 4.66 -29.88
C ALA B 438 8.77 3.17 -30.17
N GLY B 439 8.79 2.35 -29.11
CA GLY B 439 9.03 0.92 -29.24
C GLY B 439 10.50 0.53 -29.39
N HIS B 440 11.38 1.31 -28.77
CA HIS B 440 12.83 1.10 -28.83
C HIS B 440 13.52 0.45 -27.63
N LEU B 441 12.74 0.05 -26.61
CA LEU B 441 13.34 -0.55 -25.41
C LEU B 441 14.23 -1.77 -25.67
N VAL B 442 13.64 -2.84 -26.19
CA VAL B 442 14.37 -4.08 -26.45
C VAL B 442 15.59 -3.87 -27.34
N LYS B 443 15.38 -3.23 -28.49
CA LYS B 443 16.43 -2.96 -29.47
C LYS B 443 17.72 -2.30 -28.98
N SER B 444 17.79 -1.92 -27.70
CA SER B 444 19.02 -1.28 -27.21
C SER B 444 19.74 -1.94 -26.03
N HIS B 445 19.04 -2.17 -24.92
CA HIS B 445 19.65 -2.82 -23.76
C HIS B 445 19.11 -4.22 -23.61
N ILE C 47 -51.41 12.06 -12.96
CA ILE C 47 -50.55 11.03 -13.64
C ILE C 47 -50.49 11.24 -15.16
N GLN C 48 -51.66 11.29 -15.81
CA GLN C 48 -51.73 11.51 -17.26
C GLN C 48 -51.02 12.83 -17.58
N LEU C 49 -51.11 13.75 -16.62
CA LEU C 49 -50.48 15.06 -16.70
C LEU C 49 -48.96 14.89 -16.78
N VAL C 50 -48.41 14.19 -15.79
CA VAL C 50 -46.99 13.92 -15.69
C VAL C 50 -46.44 13.23 -16.94
N ASN C 51 -47.14 12.20 -17.39
CA ASN C 51 -46.74 11.42 -18.57
C ASN C 51 -46.88 12.21 -19.86
N ALA C 52 -47.75 13.22 -19.86
CA ALA C 52 -47.97 14.07 -21.01
C ALA C 52 -46.86 15.11 -21.11
N LYS C 53 -46.77 15.97 -20.09
CA LYS C 53 -45.75 17.02 -20.04
C LYS C 53 -44.34 16.48 -19.81
N HIS C 54 -44.24 15.16 -19.68
CA HIS C 54 -42.96 14.47 -19.46
C HIS C 54 -42.31 14.96 -18.16
N ILE C 55 -43.12 15.41 -17.20
CA ILE C 55 -42.64 15.90 -15.91
C ILE C 55 -41.85 14.83 -15.15
N PRO C 56 -40.71 15.22 -14.53
CA PRO C 56 -39.86 14.31 -13.76
C PRO C 56 -40.48 14.00 -12.40
N ALA C 57 -40.42 12.72 -12.02
CA ALA C 57 -40.98 12.26 -10.76
C ALA C 57 -40.43 12.95 -9.51
N TYR C 58 -39.16 13.38 -9.57
CA TYR C 58 -38.55 14.04 -8.41
C TYR C 58 -39.20 15.38 -8.04
N LYS C 59 -39.83 16.01 -9.02
CA LYS C 59 -40.52 17.30 -8.79
C LYS C 59 -41.97 17.14 -8.33
N LEU C 60 -42.35 15.93 -7.90
CA LEU C 60 -43.72 15.69 -7.45
C LEU C 60 -44.17 16.44 -6.20
N GLU C 61 -43.32 16.51 -5.18
CA GLU C 61 -43.68 17.21 -3.94
C GLU C 61 -44.04 18.68 -4.12
N THR C 62 -43.47 19.33 -5.14
CA THR C 62 -43.77 20.73 -5.37
C THR C 62 -45.21 20.91 -5.83
N LEU C 63 -45.63 20.02 -6.72
CA LEU C 63 -46.97 20.03 -7.28
C LEU C 63 -48.06 19.67 -6.25
N ILE C 64 -47.75 18.69 -5.39
CA ILE C 64 -48.70 18.25 -4.36
C ILE C 64 -48.47 19.00 -3.05
N GLU C 65 -49.46 18.96 -2.16
CA GLU C 65 -49.36 19.64 -0.87
C GLU C 65 -49.21 18.68 0.31
N THR C 66 -48.74 17.47 0.03
CA THR C 66 -48.53 16.45 1.05
C THR C 66 -47.29 15.65 0.67
N HIS C 67 -46.39 15.47 1.64
CA HIS C 67 -45.17 14.71 1.41
C HIS C 67 -45.52 13.25 1.10
N GLU C 68 -46.37 12.64 1.93
CA GLU C 68 -46.77 11.25 1.75
C GLU C 68 -47.51 10.99 0.42
N ARG C 69 -48.36 11.92 0.01
CA ARG C 69 -49.09 11.75 -1.24
C ARG C 69 -48.13 11.84 -2.42
N GLY C 70 -47.08 12.63 -2.25
CA GLY C 70 -46.07 12.76 -3.31
C GLY C 70 -45.40 11.41 -3.50
N VAL C 71 -45.08 10.78 -2.38
CA VAL C 71 -44.45 9.46 -2.35
C VAL C 71 -45.42 8.43 -2.95
N SER C 72 -46.69 8.48 -2.55
CA SER C 72 -47.70 7.54 -3.09
C SER C 72 -47.80 7.60 -4.60
N ILE C 73 -47.91 8.81 -5.13
CA ILE C 73 -48.02 9.01 -6.56
C ILE C 73 -46.72 8.60 -7.26
N ARG C 74 -45.56 8.86 -6.63
CA ARG C 74 -44.31 8.44 -7.26
C ARG C 74 -44.24 6.91 -7.36
N ARG C 75 -44.74 6.22 -6.32
CA ARG C 75 -44.75 4.75 -6.29
C ARG C 75 -45.64 4.18 -7.39
N GLN C 76 -46.77 4.85 -7.64
CA GLN C 76 -47.71 4.43 -8.68
C GLN C 76 -47.07 4.58 -10.06
N LEU C 77 -46.45 5.73 -10.29
CA LEU C 77 -45.77 5.95 -11.58
C LEU C 77 -44.70 4.89 -11.76
N LEU C 78 -43.87 4.70 -10.72
CA LEU C 78 -42.79 3.72 -10.79
C LEU C 78 -43.25 2.28 -11.01
N SER C 79 -44.33 1.88 -10.35
CA SER C 79 -44.82 0.51 -10.47
C SER C 79 -45.20 0.12 -11.89
N LYS C 80 -45.68 1.09 -12.67
CA LYS C 80 -46.08 0.84 -14.06
C LYS C 80 -44.90 0.49 -14.97
N LYS C 81 -43.72 1.01 -14.62
CA LYS C 81 -42.50 0.79 -15.38
C LYS C 81 -41.77 -0.50 -15.04
N LEU C 82 -42.20 -1.18 -13.98
CA LEU C 82 -41.52 -2.40 -13.53
C LEU C 82 -41.92 -3.68 -14.24
N SER C 83 -40.99 -4.63 -14.31
CA SER C 83 -41.23 -5.93 -14.93
C SER C 83 -42.37 -6.62 -14.18
N GLU C 84 -42.35 -6.47 -12.85
CA GLU C 84 -43.39 -7.03 -11.97
C GLU C 84 -43.98 -5.83 -11.23
N PRO C 85 -45.12 -5.29 -11.69
CA PRO C 85 -45.75 -4.14 -11.05
C PRO C 85 -46.09 -4.26 -9.56
N SER C 86 -46.34 -5.48 -9.11
CA SER C 86 -46.68 -5.71 -7.70
C SER C 86 -45.46 -5.71 -6.76
N SER C 87 -44.27 -5.47 -7.31
CA SER C 87 -43.03 -5.46 -6.53
C SER C 87 -43.02 -4.53 -5.30
N LEU C 88 -43.45 -3.29 -5.49
CA LEU C 88 -43.46 -2.31 -4.41
C LEU C 88 -44.36 -2.59 -3.22
N GLN C 89 -45.26 -3.55 -3.37
CA GLN C 89 -46.21 -3.93 -2.32
C GLN C 89 -45.56 -4.14 -0.94
N TYR C 90 -44.44 -4.84 -0.92
CA TYR C 90 -43.76 -5.10 0.34
C TYR C 90 -42.73 -4.06 0.81
N LEU C 91 -42.55 -2.99 0.04
CA LEU C 91 -41.67 -1.90 0.46
C LEU C 91 -42.59 -0.91 1.15
N PRO C 92 -42.46 -0.75 2.48
CA PRO C 92 -43.31 0.19 3.24
C PRO C 92 -43.04 1.67 2.98
N TYR C 93 -44.04 2.50 3.26
CA TYR C 93 -43.90 3.95 3.08
C TYR C 93 -44.82 4.78 3.97
N ARG C 94 -45.86 4.15 4.50
CA ARG C 94 -46.85 4.84 5.32
C ARG C 94 -46.39 5.20 6.74
N ASP C 95 -46.99 6.26 7.28
CA ASP C 95 -46.71 6.76 8.64
C ASP C 95 -45.24 7.04 8.95
N TYR C 96 -44.57 7.72 8.03
CA TYR C 96 -43.17 8.06 8.19
C TYR C 96 -43.08 9.56 7.96
N ASN C 97 -42.21 10.23 8.70
CA ASN C 97 -42.10 11.67 8.54
C ASN C 97 -41.15 12.12 7.46
N TYR C 98 -41.69 12.30 6.26
CA TYR C 98 -40.91 12.73 5.11
C TYR C 98 -40.45 14.18 5.13
N SER C 99 -41.14 15.03 5.91
CA SER C 99 -40.72 16.42 5.99
C SER C 99 -39.29 16.54 6.52
N LEU C 100 -38.89 15.62 7.40
CA LEU C 100 -37.52 15.65 7.94
C LEU C 100 -36.50 15.17 6.91
N VAL C 101 -36.93 14.30 6.01
CA VAL C 101 -36.07 13.75 4.96
C VAL C 101 -35.81 14.75 3.82
N MET C 102 -36.90 15.33 3.30
CA MET C 102 -36.86 16.30 2.22
C MET C 102 -35.97 17.49 2.54
N GLY C 103 -34.97 17.74 1.69
CA GLY C 103 -34.08 18.86 1.91
C GLY C 103 -32.92 18.55 2.83
N ALA C 104 -32.85 17.32 3.30
CA ALA C 104 -31.76 16.97 4.17
C ALA C 104 -31.15 15.59 3.97
N CYS C 105 -31.98 14.58 3.70
CA CYS C 105 -31.48 13.20 3.61
C CYS C 105 -31.73 12.35 2.38
N CYS C 106 -32.69 12.69 1.54
CA CYS C 106 -32.95 11.83 0.37
C CYS C 106 -33.86 12.53 -0.62
N GLU C 107 -33.73 12.14 -1.89
CA GLU C 107 -34.57 12.68 -2.97
C GLU C 107 -35.31 11.56 -3.70
N ASN C 108 -36.34 11.93 -4.46
CA ASN C 108 -37.13 10.99 -5.27
C ASN C 108 -37.52 9.77 -4.44
N VAL C 109 -38.04 10.05 -3.25
CA VAL C 109 -38.40 9.05 -2.24
C VAL C 109 -39.61 8.18 -2.56
N ILE C 110 -39.45 6.87 -2.39
CA ILE C 110 -40.51 5.89 -2.66
C ILE C 110 -40.92 5.10 -1.41
N GLY C 111 -40.26 5.38 -0.30
CA GLY C 111 -40.58 4.70 0.96
C GLY C 111 -39.38 4.59 1.88
N TYR C 112 -39.34 3.54 2.69
CA TYR C 112 -38.21 3.31 3.58
C TYR C 112 -37.89 1.83 3.71
N MET C 113 -36.63 1.55 4.06
CA MET C 113 -36.15 0.19 4.21
C MET C 113 -35.91 -0.11 5.68
N PRO C 114 -36.68 -1.04 6.27
CA PRO C 114 -36.49 -1.39 7.68
C PRO C 114 -35.30 -2.32 7.84
N ILE C 115 -34.36 -1.94 8.70
CA ILE C 115 -33.20 -2.78 8.98
C ILE C 115 -33.40 -3.24 10.42
N PRO C 116 -33.44 -4.57 10.64
CA PRO C 116 -33.62 -5.07 12.01
C PRO C 116 -32.59 -4.49 12.97
N VAL C 117 -33.05 -4.07 14.16
CA VAL C 117 -32.15 -3.52 15.19
C VAL C 117 -32.14 -4.41 16.42
N GLY C 118 -30.93 -4.85 16.78
CA GLY C 118 -30.73 -5.70 17.95
C GLY C 118 -29.90 -4.92 18.96
N VAL C 119 -29.76 -5.43 20.17
CA VAL C 119 -28.99 -4.71 21.19
C VAL C 119 -27.98 -5.63 21.85
N ALA C 120 -26.77 -5.09 22.05
CA ALA C 120 -25.70 -5.83 22.68
C ALA C 120 -25.26 -5.05 23.89
N GLY C 121 -25.04 -5.76 25.00
CA GLY C 121 -24.61 -5.10 26.20
C GLY C 121 -25.12 -5.80 27.44
N PRO C 122 -24.83 -5.25 28.64
CA PRO C 122 -24.08 -4.01 28.82
C PRO C 122 -22.60 -4.02 28.41
N LEU C 123 -22.14 -2.92 27.83
CA LEU C 123 -20.74 -2.75 27.46
C LEU C 123 -20.23 -1.88 28.60
N CYS C 124 -19.38 -2.46 29.45
CA CYS C 124 -18.81 -1.75 30.59
C CYS C 124 -17.55 -1.04 30.10
N LEU C 125 -17.70 0.27 29.92
CA LEU C 125 -16.66 1.10 29.36
C LEU C 125 -16.51 2.37 30.16
N ASP C 126 -15.27 2.64 30.57
CA ASP C 126 -14.94 3.83 31.35
C ASP C 126 -15.86 4.07 32.54
N GLU C 127 -16.15 2.99 33.27
CA GLU C 127 -16.99 3.01 34.46
C GLU C 127 -18.47 3.35 34.21
N LYS C 128 -18.88 3.19 32.95
CA LYS C 128 -20.26 3.41 32.52
C LYS C 128 -20.74 2.12 31.85
N GLU C 129 -22.05 1.96 31.71
CA GLU C 129 -22.59 0.77 31.03
C GLU C 129 -23.44 1.24 29.87
N PHE C 130 -23.22 0.66 28.68
CA PHE C 130 -23.96 1.05 27.50
C PHE C 130 -24.74 -0.10 26.91
N GLN C 131 -25.93 0.20 26.38
CA GLN C 131 -26.75 -0.78 25.67
C GLN C 131 -26.65 -0.29 24.23
N VAL C 132 -25.86 -1.03 23.45
CA VAL C 132 -25.55 -0.65 22.08
C VAL C 132 -26.52 -1.17 21.00
N PRO C 133 -27.18 -0.25 20.28
CA PRO C 133 -28.12 -0.62 19.22
C PRO C 133 -27.32 -0.93 17.92
N MET C 134 -27.69 -2.04 17.27
CA MET C 134 -27.00 -2.48 16.06
C MET C 134 -28.00 -2.89 14.99
N ALA C 135 -27.95 -2.20 13.85
CA ALA C 135 -28.86 -2.47 12.73
C ALA C 135 -28.15 -3.35 11.72
N THR C 136 -28.67 -4.56 11.51
CA THR C 136 -27.99 -5.46 10.59
C THR C 136 -28.93 -6.58 10.11
N THR C 137 -28.49 -7.29 9.08
CA THR C 137 -29.20 -8.45 8.56
C THR C 137 -28.25 -9.64 8.59
N GLU C 138 -27.10 -9.47 9.26
CA GLU C 138 -26.15 -10.57 9.36
C GLU C 138 -26.37 -11.33 10.66
N GLY C 139 -26.92 -12.54 10.56
CA GLY C 139 -27.13 -13.37 11.73
C GLY C 139 -25.78 -13.63 12.39
N CYS C 140 -25.81 -13.73 13.72
CA CYS C 140 -24.63 -13.96 14.57
C CYS C 140 -23.95 -12.68 15.03
N LEU C 141 -24.09 -11.61 14.27
CA LEU C 141 -23.40 -10.37 14.64
C LEU C 141 -23.80 -9.85 16.03
N VAL C 142 -25.09 -9.68 16.28
CA VAL C 142 -25.50 -9.17 17.59
C VAL C 142 -25.17 -10.16 18.70
N ALA C 143 -25.37 -11.45 18.43
CA ALA C 143 -25.09 -12.47 19.44
C ALA C 143 -23.61 -12.47 19.84
N SER C 144 -22.73 -12.45 18.83
CA SER C 144 -21.29 -12.46 19.02
C SER C 144 -20.82 -11.19 19.75
N THR C 145 -21.34 -10.03 19.36
CA THR C 145 -20.94 -8.79 20.01
C THR C 145 -21.41 -8.81 21.48
N ASN C 146 -22.61 -9.33 21.70
CA ASN C 146 -23.15 -9.42 23.07
C ASN C 146 -22.24 -10.35 23.91
N ARG C 147 -21.76 -11.43 23.30
CA ARG C 147 -20.88 -12.35 24.00
C ARG C 147 -19.58 -11.66 24.40
N GLY C 148 -19.05 -10.83 23.50
CA GLY C 148 -17.82 -10.10 23.78
C GLY C 148 -18.03 -9.10 24.91
N CYS C 149 -19.20 -8.47 24.95
CA CYS C 149 -19.51 -7.52 26.01
C CYS C 149 -19.54 -8.24 27.34
N ARG C 150 -20.10 -9.44 27.35
CA ARG C 150 -20.19 -10.25 28.55
C ARG C 150 -18.79 -10.60 29.07
N ALA C 151 -17.89 -11.01 28.17
CA ALA C 151 -16.52 -11.33 28.59
C ALA C 151 -15.86 -10.10 29.18
N ILE C 152 -15.99 -8.97 28.50
CA ILE C 152 -15.42 -7.73 28.99
C ILE C 152 -15.97 -7.35 30.38
N GLY C 153 -17.29 -7.48 30.55
CA GLY C 153 -17.91 -7.15 31.83
C GLY C 153 -17.45 -8.01 32.98
N LEU C 154 -17.31 -9.30 32.74
CA LEU C 154 -16.85 -10.22 33.77
C LEU C 154 -15.36 -9.98 34.06
N GLY C 155 -14.68 -9.33 33.12
CA GLY C 155 -13.26 -9.02 33.29
C GLY C 155 -13.00 -7.68 33.98
N GLY C 156 -14.06 -7.03 34.46
CA GLY C 156 -13.87 -5.75 35.13
C GLY C 156 -13.98 -4.51 34.25
N GLY C 157 -14.38 -4.67 32.99
CA GLY C 157 -14.55 -3.52 32.11
C GLY C 157 -13.42 -3.05 31.20
N ALA C 158 -13.80 -2.19 30.27
CA ALA C 158 -12.86 -1.65 29.29
C ALA C 158 -12.57 -0.19 29.57
N SER C 159 -11.42 0.26 29.09
CA SER C 159 -11.01 1.67 29.22
C SER C 159 -10.70 2.19 27.82
N SER C 160 -11.07 3.43 27.53
CA SER C 160 -10.82 4.03 26.22
C SER C 160 -10.34 5.45 26.32
N ARG C 161 -9.67 5.93 25.28
CA ARG C 161 -9.22 7.31 25.23
C ARG C 161 -9.31 7.82 23.80
N VAL C 162 -9.72 9.08 23.67
CA VAL C 162 -9.78 9.76 22.38
C VAL C 162 -8.39 10.43 22.25
N LEU C 163 -7.69 10.12 21.17
CA LEU C 163 -6.33 10.61 20.90
C LEU C 163 -6.25 11.86 20.04
N ALA C 164 -7.23 12.03 19.16
CA ALA C 164 -7.25 13.17 18.26
C ALA C 164 -8.67 13.31 17.76
N ASP C 165 -8.95 14.48 17.21
CA ASP C 165 -10.27 14.83 16.67
C ASP C 165 -10.16 15.89 15.61
N GLY C 166 -10.28 15.50 14.35
CA GLY C 166 -10.27 16.48 13.28
C GLY C 166 -10.71 15.94 11.94
N MET C 167 -11.85 16.42 11.43
CA MET C 167 -12.31 16.02 10.11
C MET C 167 -11.42 16.76 9.09
N THR C 168 -11.27 16.20 7.88
CA THR C 168 -10.40 16.80 6.88
C THR C 168 -11.03 16.93 5.50
N ARG C 169 -10.41 17.79 4.69
CA ARG C 169 -10.80 17.96 3.30
C ARG C 169 -9.49 18.25 2.58
N GLY C 170 -9.28 17.55 1.47
CA GLY C 170 -8.05 17.72 0.72
C GLY C 170 -8.22 18.12 -0.73
N PRO C 171 -8.46 19.41 -0.99
CA PRO C 171 -8.63 19.92 -2.36
C PRO C 171 -7.34 19.86 -3.16
N VAL C 172 -7.47 19.91 -4.48
CA VAL C 172 -6.30 19.99 -5.33
C VAL C 172 -6.39 21.30 -6.13
N VAL C 173 -5.28 22.03 -6.15
CA VAL C 173 -5.19 23.28 -6.88
C VAL C 173 -3.93 23.15 -7.71
N ARG C 174 -3.78 24.04 -8.70
CA ARG C 174 -2.60 24.01 -9.55
C ARG C 174 -2.12 25.42 -9.85
N LEU C 175 -0.81 25.54 -9.96
CA LEU C 175 -0.14 26.79 -10.31
C LEU C 175 0.54 26.57 -11.66
N PRO C 176 0.95 27.66 -12.34
CA PRO C 176 1.60 27.50 -13.65
C PRO C 176 2.83 26.58 -13.63
N ARG C 177 3.61 26.64 -12.56
CA ARG C 177 4.82 25.85 -12.41
C ARG C 177 5.00 25.24 -11.02
N ALA C 178 5.86 24.24 -10.93
CA ALA C 178 6.16 23.58 -9.67
C ALA C 178 6.89 24.56 -8.74
N CYS C 179 7.68 25.47 -9.31
CA CYS C 179 8.37 26.45 -8.48
C CYS C 179 7.33 27.35 -7.82
N ASP C 180 6.21 27.58 -8.50
CA ASP C 180 5.11 28.41 -7.98
C ASP C 180 4.36 27.64 -6.88
N SER C 181 4.03 26.37 -7.13
CA SER C 181 3.33 25.60 -6.11
C SER C 181 4.19 25.45 -4.85
N ALA C 182 5.52 25.32 -5.03
CA ALA C 182 6.44 25.22 -3.90
C ALA C 182 6.34 26.52 -3.06
N GLU C 183 6.18 27.66 -3.73
CA GLU C 183 6.04 28.95 -3.06
C GLU C 183 4.77 29.01 -2.21
N VAL C 184 3.67 28.50 -2.76
CA VAL C 184 2.39 28.49 -2.06
C VAL C 184 2.48 27.59 -0.84
N LYS C 185 3.11 26.42 -0.99
CA LYS C 185 3.31 25.49 0.13
C LYS C 185 4.13 26.19 1.24
N ALA C 186 5.21 26.90 0.88
CA ALA C 186 6.02 27.59 1.89
C ALA C 186 5.18 28.66 2.58
N TRP C 187 4.34 29.36 1.80
CA TRP C 187 3.47 30.39 2.33
C TRP C 187 2.49 29.84 3.35
N LEU C 188 1.84 28.72 3.00
CA LEU C 188 0.88 28.04 3.89
C LEU C 188 1.55 27.53 5.16
N GLU C 189 2.87 27.33 5.09
CA GLU C 189 3.64 26.85 6.23
C GLU C 189 4.21 27.94 7.16
N THR C 190 3.92 29.21 6.87
CA THR C 190 4.36 30.30 7.74
C THR C 190 3.20 30.53 8.70
N SER C 191 3.49 30.95 9.93
CA SER C 191 2.41 31.20 10.89
C SER C 191 1.45 32.30 10.41
N GLU C 192 1.97 33.26 9.66
CA GLU C 192 1.10 34.32 9.17
C GLU C 192 0.16 33.78 8.09
N GLY C 193 0.70 32.96 7.18
CA GLY C 193 -0.12 32.38 6.13
C GLY C 193 -1.23 31.51 6.71
N PHE C 194 -0.87 30.66 7.65
CA PHE C 194 -1.85 29.79 8.29
C PHE C 194 -2.96 30.61 9.00
N ALA C 195 -2.56 31.73 9.61
CA ALA C 195 -3.51 32.57 10.33
C ALA C 195 -4.58 33.15 9.41
N VAL C 196 -4.17 33.64 8.25
CA VAL C 196 -5.15 34.21 7.33
C VAL C 196 -6.08 33.12 6.79
N ILE C 197 -5.51 31.95 6.50
CA ILE C 197 -6.31 30.84 6.00
C ILE C 197 -7.31 30.38 7.08
N LYS C 198 -6.86 30.32 8.33
CA LYS C 198 -7.72 29.89 9.44
C LYS C 198 -8.88 30.87 9.68
N GLU C 199 -8.55 32.16 9.58
CA GLU C 199 -9.55 33.21 9.77
C GLU C 199 -10.67 33.06 8.75
N ALA C 200 -10.28 32.83 7.49
CA ALA C 200 -11.27 32.66 6.42
C ALA C 200 -12.09 31.38 6.63
N PHE C 201 -11.42 30.30 7.01
CA PHE C 201 -12.05 29.00 7.24
C PHE C 201 -13.09 29.06 8.38
N ASP C 202 -12.63 29.50 9.54
CA ASP C 202 -13.47 29.56 10.75
C ASP C 202 -14.66 30.51 10.68
N SER C 203 -14.58 31.51 9.81
CA SER C 203 -15.65 32.50 9.65
C SER C 203 -16.93 31.92 9.04
N THR C 204 -16.85 30.71 8.47
CA THR C 204 -18.03 30.09 7.87
C THR C 204 -18.85 29.29 8.86
N SER C 205 -18.41 29.25 10.12
CA SER C 205 -19.08 28.40 11.10
C SER C 205 -18.89 28.80 12.56
N ARG C 206 -19.83 28.39 13.38
CA ARG C 206 -19.73 28.65 14.82
C ARG C 206 -18.94 27.54 15.50
N PHE C 207 -18.73 26.42 14.80
CA PHE C 207 -18.03 25.26 15.37
C PHE C 207 -16.76 24.78 14.66
N ALA C 208 -16.73 24.89 13.33
CA ALA C 208 -15.54 24.47 12.57
C ALA C 208 -14.36 25.36 12.91
N ARG C 209 -13.33 24.78 13.53
CA ARG C 209 -12.11 25.51 13.90
C ARG C 209 -10.88 24.79 13.34
N LEU C 210 -10.26 25.39 12.32
CA LEU C 210 -9.08 24.81 11.66
C LEU C 210 -7.95 24.59 12.65
N GLN C 211 -7.38 23.38 12.65
CA GLN C 211 -6.29 23.05 13.55
C GLN C 211 -4.92 23.03 12.85
N LYS C 212 -4.85 22.44 11.66
CA LYS C 212 -3.58 22.36 10.94
C LYS C 212 -3.76 22.05 9.47
N LEU C 213 -2.67 22.17 8.74
CA LEU C 213 -2.66 21.87 7.30
C LEU C 213 -1.51 20.91 7.03
N HIS C 214 -1.73 20.03 6.06
CA HIS C 214 -0.67 19.14 5.58
C HIS C 214 -0.72 19.40 4.09
N THR C 215 0.32 20.04 3.56
CA THR C 215 0.35 20.37 2.14
C THR C 215 1.37 19.51 1.43
N SER C 216 0.99 18.95 0.29
CA SER C 216 1.89 18.11 -0.47
C SER C 216 1.82 18.43 -1.96
N ILE C 217 2.97 18.37 -2.60
CA ILE C 217 3.07 18.71 -4.01
C ILE C 217 3.29 17.54 -4.96
N ALA C 218 2.78 17.69 -6.19
CA ALA C 218 2.97 16.73 -7.28
C ALA C 218 3.18 17.66 -8.50
N GLY C 219 4.43 18.06 -8.70
CA GLY C 219 4.76 18.98 -9.77
C GLY C 219 4.08 20.32 -9.51
N ARG C 220 3.31 20.79 -10.49
CA ARG C 220 2.62 22.07 -10.34
C ARG C 220 1.30 21.95 -9.56
N ASN C 221 0.91 20.72 -9.24
CA ASN C 221 -0.31 20.45 -8.45
C ASN C 221 0.03 20.62 -6.97
N LEU C 222 -0.90 21.15 -6.20
CA LEU C 222 -0.72 21.27 -4.75
C LEU C 222 -1.97 20.69 -4.09
N TYR C 223 -1.76 19.75 -3.18
CA TYR C 223 -2.87 19.13 -2.43
C TYR C 223 -2.75 19.69 -1.01
N ILE C 224 -3.86 20.23 -0.50
CA ILE C 224 -3.87 20.85 0.83
C ILE C 224 -4.89 20.15 1.71
N ARG C 225 -4.39 19.44 2.73
CA ARG C 225 -5.24 18.72 3.66
C ARG C 225 -5.60 19.62 4.85
N PHE C 226 -6.82 20.13 4.86
CA PHE C 226 -7.32 20.95 5.95
C PHE C 226 -7.84 20.04 7.06
N GLN C 227 -7.40 20.24 8.29
CA GLN C 227 -7.87 19.43 9.41
C GLN C 227 -8.49 20.38 10.40
N SER C 228 -9.75 20.11 10.74
CA SER C 228 -10.53 20.99 11.60
C SER C 228 -11.46 20.28 12.57
N ARG C 229 -11.65 20.90 13.74
CA ARG C 229 -12.60 20.43 14.74
C ARG C 229 -13.95 20.74 14.09
N SER C 230 -15.02 20.12 14.60
CA SER C 230 -16.35 20.34 14.01
C SER C 230 -17.47 20.18 15.03
N GLY C 231 -17.20 20.53 16.30
CA GLY C 231 -18.23 20.38 17.31
C GLY C 231 -18.64 18.91 17.37
N ASP C 232 -19.95 18.68 17.43
CA ASP C 232 -20.50 17.34 17.51
C ASP C 232 -20.87 16.75 16.14
N ALA C 233 -20.61 17.49 15.08
CA ALA C 233 -20.94 17.03 13.72
C ALA C 233 -19.81 16.17 13.14
N MET C 234 -20.15 15.23 12.25
CA MET C 234 -19.09 14.44 11.57
C MET C 234 -18.28 15.51 10.83
N GLY C 235 -18.98 16.54 10.34
CA GLY C 235 -18.34 17.68 9.72
C GLY C 235 -18.02 17.79 8.25
N MET C 236 -18.34 16.80 7.42
CA MET C 236 -17.99 16.94 6.00
C MET C 236 -18.50 18.21 5.29
N ASN C 237 -19.77 18.55 5.51
CA ASN C 237 -20.31 19.75 4.86
C ASN C 237 -19.64 21.00 5.46
N MET C 238 -19.61 21.09 6.79
CA MET C 238 -19.00 22.22 7.50
C MET C 238 -17.56 22.45 7.05
N ILE C 239 -16.80 21.35 6.98
CA ILE C 239 -15.40 21.45 6.56
C ILE C 239 -15.24 21.83 5.08
N SER C 240 -16.13 21.31 4.22
CA SER C 240 -16.05 21.62 2.78
C SER C 240 -16.35 23.12 2.60
N LYS C 241 -17.33 23.62 3.37
CA LYS C 241 -17.72 25.03 3.31
C LYS C 241 -16.54 25.92 3.71
N GLY C 242 -15.88 25.56 4.81
CA GLY C 242 -14.72 26.30 5.29
C GLY C 242 -13.58 26.27 4.28
N THR C 243 -13.38 25.11 3.65
CA THR C 243 -12.33 24.93 2.65
C THR C 243 -12.55 25.84 1.45
N GLU C 244 -13.79 25.84 0.97
CA GLU C 244 -14.18 26.64 -0.17
C GLU C 244 -13.85 28.12 0.11
N LYS C 245 -14.22 28.61 1.28
CA LYS C 245 -13.93 30.01 1.61
C LYS C 245 -12.43 30.27 1.73
N ALA C 246 -11.72 29.32 2.35
CA ALA C 246 -10.27 29.41 2.53
C ALA C 246 -9.51 29.48 1.20
N LEU C 247 -9.93 28.65 0.24
CA LEU C 247 -9.29 28.64 -1.07
C LEU C 247 -9.52 29.97 -1.81
N SER C 248 -10.71 30.55 -1.66
CA SER C 248 -11.00 31.84 -2.30
C SER C 248 -10.04 32.88 -1.75
N LYS C 249 -9.82 32.86 -0.43
CA LYS C 249 -8.92 33.78 0.24
C LYS C 249 -7.45 33.59 -0.25
N LEU C 250 -7.02 32.33 -0.39
CA LEU C 250 -5.67 32.01 -0.88
C LEU C 250 -5.50 32.55 -2.31
N HIS C 251 -6.58 32.47 -3.08
CA HIS C 251 -6.56 32.93 -4.46
C HIS C 251 -6.34 34.45 -4.55
N GLU C 252 -6.64 35.17 -3.48
CA GLU C 252 -6.44 36.61 -3.43
C GLU C 252 -4.95 36.88 -3.38
N TYR C 253 -4.24 35.97 -2.73
CA TYR C 253 -2.79 36.07 -2.60
C TYR C 253 -2.05 35.49 -3.81
N PHE C 254 -2.65 34.48 -4.46
CA PHE C 254 -2.05 33.87 -5.65
C PHE C 254 -3.11 33.76 -6.72
N PRO C 255 -3.34 34.86 -7.46
CA PRO C 255 -4.33 34.91 -8.53
C PRO C 255 -4.07 33.99 -9.70
N GLU C 256 -2.85 33.45 -9.80
CA GLU C 256 -2.57 32.51 -10.89
C GLU C 256 -2.95 31.09 -10.48
N MET C 257 -3.36 30.91 -9.22
CA MET C 257 -3.76 29.59 -8.74
C MET C 257 -5.14 29.17 -9.29
N GLN C 258 -5.20 27.97 -9.88
CA GLN C 258 -6.47 27.42 -10.37
C GLN C 258 -6.99 26.43 -9.33
N ILE C 259 -8.24 26.59 -8.92
CA ILE C 259 -8.80 25.68 -7.96
C ILE C 259 -9.47 24.58 -8.79
N LEU C 260 -8.86 23.41 -8.82
CA LEU C 260 -9.38 22.31 -9.60
C LEU C 260 -10.60 21.60 -9.01
N ALA C 261 -10.51 21.22 -7.73
CA ALA C 261 -11.62 20.54 -7.08
C ALA C 261 -11.50 20.70 -5.59
N VAL C 262 -12.63 21.02 -4.95
CA VAL C 262 -12.67 21.18 -3.50
C VAL C 262 -12.21 19.86 -2.82
N SER C 263 -12.40 18.73 -3.52
CA SER C 263 -11.90 17.44 -3.02
C SER C 263 -11.03 16.84 -4.13
N GLY C 264 -9.73 16.73 -3.83
CA GLY C 264 -8.81 16.13 -4.76
C GLY C 264 -8.38 14.76 -4.27
N ASN C 265 -9.20 14.14 -3.42
CA ASN C 265 -8.94 12.80 -2.86
C ASN C 265 -7.80 12.73 -1.86
N TYR C 266 -7.37 13.87 -1.33
CA TYR C 266 -6.28 13.88 -0.35
C TYR C 266 -6.83 14.01 1.09
N CYS C 267 -8.16 13.91 1.23
CA CYS C 267 -8.82 14.01 2.54
C CYS C 267 -8.44 12.91 3.53
N THR C 268 -8.74 11.64 3.25
CA THR C 268 -9.43 11.13 2.03
C THR C 268 -10.82 10.61 2.46
N ASP C 269 -11.86 10.97 1.70
CA ASP C 269 -13.22 10.54 2.06
C ASP C 269 -13.75 9.35 1.27
N LYS C 270 -14.14 8.31 2.00
CA LYS C 270 -14.75 7.13 1.41
C LYS C 270 -13.97 6.29 0.43
N LYS C 271 -12.64 6.38 0.48
CA LYS C 271 -11.74 5.54 -0.30
C LYS C 271 -10.62 5.11 0.65
N PRO C 272 -10.12 3.89 0.49
CA PRO C 272 -9.03 3.40 1.35
C PRO C 272 -7.82 4.30 1.08
N ALA C 273 -7.16 4.75 2.13
CA ALA C 273 -6.00 5.62 1.93
C ALA C 273 -5.08 5.58 3.13
N ALA C 274 -3.79 5.40 2.87
CA ALA C 274 -2.79 5.34 3.92
C ALA C 274 -2.73 6.62 4.75
N ILE C 275 -3.05 7.75 4.12
CA ILE C 275 -3.03 9.02 4.84
C ILE C 275 -3.99 9.05 6.04
N ASN C 276 -5.17 8.41 5.93
CA ASN C 276 -6.13 8.36 7.05
C ASN C 276 -5.61 7.46 8.16
N TRP C 277 -4.99 6.36 7.77
CA TRP C 277 -4.41 5.40 8.70
C TRP C 277 -3.26 6.03 9.47
N ILE C 278 -2.44 6.79 8.76
CA ILE C 278 -1.26 7.37 9.37
C ILE C 278 -1.46 8.68 10.13
N GLU C 279 -2.26 9.57 9.55
CA GLU C 279 -2.52 10.87 10.16
C GLU C 279 -3.78 10.97 10.99
N GLY C 280 -4.66 9.98 10.80
CA GLY C 280 -5.95 9.99 11.47
C GLY C 280 -6.95 10.80 10.65
N ARG C 281 -8.24 10.65 10.95
CA ARG C 281 -9.30 11.41 10.29
C ARG C 281 -10.51 11.26 11.21
N GLY C 282 -11.13 12.40 11.54
CA GLY C 282 -12.25 12.36 12.45
C GLY C 282 -11.64 12.09 13.82
N LYS C 283 -12.12 11.06 14.50
CA LYS C 283 -11.64 10.71 15.83
C LYS C 283 -10.72 9.48 15.89
N SER C 284 -9.58 9.63 16.57
CA SER C 284 -8.63 8.53 16.75
C SER C 284 -8.87 8.08 18.17
N VAL C 285 -9.11 6.79 18.32
CA VAL C 285 -9.47 6.24 19.62
C VAL C 285 -8.73 4.94 19.89
N VAL C 286 -8.56 4.62 21.16
CA VAL C 286 -7.94 3.36 21.56
C VAL C 286 -8.75 2.83 22.75
N CYS C 287 -8.89 1.52 22.86
CA CYS C 287 -9.58 0.94 24.02
C CYS C 287 -8.91 -0.39 24.38
N GLU C 288 -9.08 -0.82 25.63
CA GLU C 288 -8.41 -2.03 26.06
C GLU C 288 -9.18 -2.69 27.18
N ALA C 289 -8.81 -3.94 27.47
CA ALA C 289 -9.41 -4.73 28.55
C ALA C 289 -8.57 -5.97 28.83
N VAL C 290 -8.76 -6.57 30.01
CA VAL C 290 -8.09 -7.81 30.38
C VAL C 290 -9.21 -8.82 30.70
N ILE C 291 -9.17 -9.98 30.04
CA ILE C 291 -10.18 -11.01 30.23
C ILE C 291 -9.57 -12.17 31.03
N PRO C 292 -10.10 -12.46 32.23
CA PRO C 292 -9.60 -13.55 33.08
C PRO C 292 -9.62 -14.87 32.34
N ALA C 293 -8.59 -15.70 32.57
CA ALA C 293 -8.47 -17.01 31.92
C ALA C 293 -9.74 -17.83 32.01
N LYS C 294 -10.38 -17.79 33.18
CA LYS C 294 -11.60 -18.56 33.41
C LYS C 294 -12.74 -18.10 32.51
N VAL C 295 -12.81 -16.80 32.27
CA VAL C 295 -13.84 -16.21 31.41
C VAL C 295 -13.56 -16.61 29.96
N VAL C 296 -12.29 -16.54 29.56
CA VAL C 296 -11.93 -16.95 28.21
C VAL C 296 -12.37 -18.41 27.94
N ARG C 297 -12.18 -19.28 28.93
CA ARG C 297 -12.58 -20.68 28.77
C ARG C 297 -14.10 -20.84 28.79
N GLU C 298 -14.74 -20.30 29.82
CA GLU C 298 -16.18 -20.45 29.99
C GLU C 298 -17.09 -19.65 29.09
N VAL C 299 -16.78 -18.37 28.89
CA VAL C 299 -17.61 -17.52 28.02
C VAL C 299 -17.18 -17.65 26.55
N LEU C 300 -15.88 -17.52 26.30
CA LEU C 300 -15.35 -17.60 24.95
C LEU C 300 -15.06 -18.99 24.38
N LYS C 301 -15.17 -20.03 25.22
CA LYS C 301 -14.95 -21.42 24.79
C LYS C 301 -13.60 -21.68 24.13
N THR C 302 -12.54 -21.05 24.63
CA THR C 302 -11.20 -21.22 24.06
C THR C 302 -10.18 -20.93 25.16
N THR C 303 -8.92 -20.66 24.77
CA THR C 303 -7.88 -20.34 25.75
C THR C 303 -7.12 -19.07 25.32
N THR C 304 -6.48 -18.43 26.29
CA THR C 304 -5.72 -17.22 26.01
C THR C 304 -4.64 -17.47 24.98
N GLU C 305 -3.94 -18.59 25.11
CA GLU C 305 -2.87 -18.95 24.17
C GLU C 305 -3.40 -19.08 22.73
N ALA C 306 -4.51 -19.78 22.56
CA ALA C 306 -5.09 -19.97 21.22
C ALA C 306 -5.49 -18.63 20.59
N MET C 307 -6.09 -17.76 21.40
CA MET C 307 -6.52 -16.43 20.96
C MET C 307 -5.33 -15.64 20.43
N ILE C 308 -4.25 -15.61 21.21
CA ILE C 308 -3.04 -14.87 20.85
C ILE C 308 -2.43 -15.39 19.55
N GLU C 309 -2.32 -16.71 19.46
CA GLU C 309 -1.77 -17.37 18.29
C GLU C 309 -2.61 -17.03 17.03
N VAL C 310 -3.94 -16.99 17.17
CA VAL C 310 -4.78 -16.63 16.03
C VAL C 310 -4.63 -15.14 15.72
N ASN C 311 -4.64 -14.32 16.76
CA ASN C 311 -4.52 -12.89 16.52
C ASN C 311 -3.26 -12.53 15.76
N ILE C 312 -2.12 -13.02 16.22
CA ILE C 312 -0.84 -12.73 15.55
C ILE C 312 -0.79 -13.24 14.10
N ASN C 313 -1.16 -14.50 13.89
CA ASN C 313 -1.09 -15.07 12.54
C ASN C 313 -2.18 -14.68 11.55
N LYS C 314 -3.28 -14.15 12.05
CA LYS C 314 -4.37 -13.70 11.19
C LYS C 314 -4.36 -12.17 11.02
N ASN C 315 -4.53 -11.46 12.15
CA ASN C 315 -4.62 -10.00 12.12
C ASN C 315 -3.33 -9.24 11.82
N LEU C 316 -2.18 -9.88 12.08
CA LEU C 316 -0.90 -9.27 11.75
C LEU C 316 -0.30 -9.93 10.53
N VAL C 317 0.07 -11.20 10.65
CA VAL C 317 0.71 -11.86 9.51
C VAL C 317 -0.16 -12.04 8.27
N GLY C 318 -1.39 -12.49 8.45
CA GLY C 318 -2.29 -12.68 7.32
C GLY C 318 -2.64 -11.37 6.62
N SER C 319 -2.89 -10.30 7.39
CA SER C 319 -3.22 -9.01 6.78
C SER C 319 -2.01 -8.47 6.03
N ALA C 320 -0.82 -8.78 6.53
CA ALA C 320 0.41 -8.34 5.86
C ALA C 320 0.57 -9.12 4.52
N MET C 321 0.28 -10.43 4.53
CA MET C 321 0.37 -11.29 3.34
C MET C 321 -0.61 -10.80 2.28
N ALA C 322 -1.78 -10.33 2.74
CA ALA C 322 -2.84 -9.83 1.86
C ALA C 322 -2.53 -8.42 1.33
N GLY C 323 -1.53 -7.75 1.90
CA GLY C 323 -1.23 -6.41 1.44
C GLY C 323 -2.25 -5.40 1.94
N SER C 324 -2.61 -5.51 3.21
CA SER C 324 -3.57 -4.60 3.80
C SER C 324 -2.91 -3.36 4.38
N ILE C 325 -3.59 -2.22 4.23
CA ILE C 325 -3.12 -0.98 4.85
C ILE C 325 -4.31 -0.62 5.76
N GLY C 326 -4.15 -0.76 7.07
CA GLY C 326 -5.24 -0.42 8.00
C GLY C 326 -6.19 -1.54 8.38
N GLY C 327 -6.10 -2.70 7.74
CA GLY C 327 -7.01 -3.80 8.06
C GLY C 327 -6.43 -4.89 8.95
N TYR C 328 -5.80 -4.50 10.06
CA TYR C 328 -5.21 -5.46 11.00
C TYR C 328 -6.18 -5.84 12.09
N ASN C 329 -7.32 -6.39 11.65
CA ASN C 329 -8.40 -6.73 12.57
C ASN C 329 -9.26 -7.81 11.94
N ALA C 330 -10.15 -8.39 12.73
CA ALA C 330 -11.02 -9.45 12.22
C ALA C 330 -12.28 -8.92 11.54
N HIS C 331 -13.10 -8.16 12.24
CA HIS C 331 -14.31 -7.62 11.62
C HIS C 331 -14.83 -6.30 12.18
N ALA C 332 -13.91 -5.37 12.44
CA ALA C 332 -14.28 -4.05 12.94
C ALA C 332 -15.39 -3.48 12.05
N ALA C 333 -15.27 -3.68 10.75
CA ALA C 333 -16.27 -3.19 9.81
C ALA C 333 -17.71 -3.62 10.10
N ASN C 334 -17.89 -4.83 10.63
CA ASN C 334 -19.26 -5.29 10.94
C ASN C 334 -19.88 -4.44 12.04
N ILE C 335 -19.08 -4.18 13.07
CA ILE C 335 -19.57 -3.38 14.21
C ILE C 335 -19.83 -1.93 13.82
N VAL C 336 -18.86 -1.34 13.13
CA VAL C 336 -18.97 0.05 12.71
C VAL C 336 -20.22 0.24 11.85
N THR C 337 -20.40 -0.63 10.87
CA THR C 337 -21.54 -0.50 9.97
C THR C 337 -22.89 -0.60 10.69
N ALA C 338 -23.02 -1.58 11.58
CA ALA C 338 -24.28 -1.79 12.29
C ALA C 338 -24.62 -0.63 13.22
N ILE C 339 -23.62 -0.07 13.90
CA ILE C 339 -23.89 1.06 14.80
C ILE C 339 -24.19 2.29 13.93
N TYR C 340 -23.46 2.41 12.83
CA TYR C 340 -23.65 3.56 11.95
C TYR C 340 -25.04 3.62 11.36
N ILE C 341 -25.53 2.49 10.89
CA ILE C 341 -26.86 2.48 10.31
C ILE C 341 -27.90 2.74 11.42
N ALA C 342 -27.69 2.17 12.58
CA ALA C 342 -28.66 2.36 13.67
C ALA C 342 -28.71 3.81 14.15
N CYS C 343 -27.54 4.45 14.18
CA CYS C 343 -27.43 5.81 14.71
C CYS C 343 -27.39 6.97 13.73
N GLY C 344 -27.79 6.75 12.48
CA GLY C 344 -27.81 7.87 11.54
C GLY C 344 -26.46 8.39 11.05
N GLN C 345 -25.43 7.57 11.14
CA GLN C 345 -24.10 7.94 10.64
C GLN C 345 -24.07 7.70 9.12
N ASP C 346 -22.96 8.07 8.48
CA ASP C 346 -22.81 7.87 7.04
C ASP C 346 -22.21 6.48 6.85
N ALA C 347 -23.05 5.49 6.55
CA ALA C 347 -22.55 4.11 6.41
C ALA C 347 -21.47 3.91 5.37
N ALA C 348 -21.44 4.77 4.36
CA ALA C 348 -20.42 4.69 3.31
C ALA C 348 -19.04 4.99 3.92
N GLN C 349 -18.99 5.70 5.05
CA GLN C 349 -17.71 5.99 5.70
C GLN C 349 -17.14 4.80 6.46
N ASN C 350 -17.80 3.66 6.36
CA ASN C 350 -17.28 2.44 6.97
C ASN C 350 -15.93 2.14 6.28
N VAL C 351 -15.76 2.62 5.05
CA VAL C 351 -14.50 2.38 4.32
C VAL C 351 -13.24 2.73 5.15
N GLY C 352 -13.14 3.97 5.63
CA GLY C 352 -12.02 4.36 6.48
C GLY C 352 -12.31 4.27 8.00
N SER C 353 -13.58 4.41 8.41
CA SER C 353 -13.92 4.33 9.85
C SER C 353 -13.60 2.97 10.47
N SER C 354 -13.61 1.94 9.63
CA SER C 354 -13.28 0.56 10.05
C SER C 354 -11.80 0.32 10.29
N ASN C 355 -10.92 1.24 9.85
CA ASN C 355 -9.47 1.08 10.08
C ASN C 355 -9.26 0.68 11.55
N CYS C 356 -8.52 -0.40 11.77
CA CYS C 356 -8.30 -0.86 13.12
C CYS C 356 -7.16 -1.87 13.23
N ILE C 357 -6.42 -1.80 14.33
CA ILE C 357 -5.40 -2.79 14.59
C ILE C 357 -5.78 -3.37 15.96
N THR C 358 -6.01 -4.68 15.97
CA THR C 358 -6.40 -5.43 17.16
C THR C 358 -5.19 -6.20 17.64
N LEU C 359 -4.84 -6.01 18.91
CA LEU C 359 -3.68 -6.66 19.49
C LEU C 359 -4.05 -7.48 20.74
N MET C 360 -3.36 -8.61 20.92
CA MET C 360 -3.60 -9.50 22.05
C MET C 360 -2.29 -10.02 22.66
N GLU C 361 -2.26 -10.12 23.98
CA GLU C 361 -1.07 -10.63 24.65
C GLU C 361 -1.43 -11.27 25.99
N ALA C 362 -0.57 -12.15 26.49
CA ALA C 362 -0.81 -12.82 27.77
C ALA C 362 -0.58 -11.81 28.89
N SER C 363 -1.40 -11.91 29.93
CA SER C 363 -1.31 -10.98 31.05
C SER C 363 -1.63 -11.71 32.36
N GLY C 364 -1.50 -10.99 33.47
CA GLY C 364 -1.79 -11.55 34.77
C GLY C 364 -0.67 -12.28 35.46
N PRO C 365 -0.91 -12.73 36.71
CA PRO C 365 0.03 -13.46 37.58
C PRO C 365 0.76 -14.62 36.90
N THR C 366 0.04 -15.43 36.13
CA THR C 366 0.64 -16.58 35.47
C THR C 366 0.56 -16.48 33.94
N ASN C 367 0.43 -15.26 33.43
CA ASN C 367 0.31 -15.03 31.99
C ASN C 367 -0.74 -15.90 31.32
N GLU C 368 -1.87 -16.06 32.01
CA GLU C 368 -2.98 -16.85 31.48
C GLU C 368 -4.21 -16.01 31.18
N ASP C 369 -4.17 -14.73 31.51
CA ASP C 369 -5.30 -13.84 31.24
C ASP C 369 -5.02 -13.17 29.89
N LEU C 370 -6.09 -12.70 29.25
CA LEU C 370 -5.98 -12.10 27.94
C LEU C 370 -6.10 -10.59 27.90
N TYR C 371 -5.02 -9.94 27.49
CA TYR C 371 -5.05 -8.49 27.35
C TYR C 371 -5.40 -8.24 25.87
N ILE C 372 -6.33 -7.33 25.62
CA ILE C 372 -6.71 -6.98 24.26
C ILE C 372 -6.80 -5.46 24.09
N SER C 373 -6.38 -4.97 22.94
CA SER C 373 -6.49 -3.54 22.64
C SER C 373 -6.90 -3.40 21.17
N CYS C 374 -7.68 -2.35 20.89
CA CYS C 374 -8.12 -2.01 19.54
C CYS C 374 -7.81 -0.53 19.39
N THR C 375 -7.12 -0.20 18.30
CA THR C 375 -6.79 1.19 18.00
C THR C 375 -7.41 1.54 16.64
N MET C 376 -8.25 2.60 16.63
CA MET C 376 -8.97 3.06 15.44
C MET C 376 -8.64 4.54 15.25
N PRO C 377 -7.72 4.82 14.31
CA PRO C 377 -7.29 6.18 14.03
C PRO C 377 -8.20 7.05 13.22
N SER C 378 -9.22 6.48 12.61
CA SER C 378 -10.05 7.28 11.73
C SER C 378 -11.55 7.07 11.76
N ILE C 379 -12.13 7.19 12.95
CA ILE C 379 -13.58 7.05 13.11
C ILE C 379 -14.27 8.38 12.73
N GLU C 380 -15.04 8.35 11.65
CA GLU C 380 -15.74 9.53 11.14
C GLU C 380 -17.14 9.42 11.69
N ILE C 381 -17.47 10.29 12.65
CA ILE C 381 -18.74 10.16 13.33
C ILE C 381 -19.30 11.51 13.87
N GLY C 382 -20.60 11.54 14.17
CA GLY C 382 -21.21 12.75 14.68
C GLY C 382 -22.55 12.50 15.31
N THR C 383 -23.03 13.46 16.09
CA THR C 383 -24.33 13.33 16.76
C THR C 383 -25.31 14.45 16.40
N VAL C 384 -24.91 15.28 15.45
CA VAL C 384 -25.71 16.39 14.89
C VAL C 384 -25.49 16.34 13.37
N GLY C 385 -26.51 16.68 12.58
CA GLY C 385 -26.38 16.66 11.12
C GLY C 385 -26.65 15.33 10.45
N GLY C 386 -26.82 15.38 9.12
CA GLY C 386 -27.08 14.18 8.34
C GLY C 386 -28.23 13.32 8.84
N GLY C 387 -28.02 12.01 8.84
CA GLY C 387 -29.05 11.08 9.30
C GLY C 387 -29.45 11.23 10.76
N THR C 388 -28.63 11.93 11.57
CA THR C 388 -28.95 12.12 12.98
C THR C 388 -30.08 13.13 13.17
N ASN C 389 -30.54 13.69 12.06
CA ASN C 389 -31.66 14.62 12.09
C ASN C 389 -32.98 13.84 12.10
N LEU C 390 -32.93 12.53 11.85
CA LEU C 390 -34.15 11.73 11.79
C LEU C 390 -34.47 11.14 13.16
N LEU C 391 -35.76 11.01 13.46
CA LEU C 391 -36.23 10.54 14.77
C LEU C 391 -35.84 9.15 15.25
N PRO C 392 -36.04 8.12 14.42
CA PRO C 392 -35.65 6.78 14.89
C PRO C 392 -34.15 6.75 15.17
N GLN C 393 -33.35 7.38 14.30
CA GLN C 393 -31.93 7.36 14.60
C GLN C 393 -31.56 8.20 15.82
N GLN C 394 -32.33 9.24 16.13
CA GLN C 394 -32.06 10.04 17.33
C GLN C 394 -32.40 9.14 18.52
N ALA C 395 -33.39 8.26 18.35
CA ALA C 395 -33.78 7.35 19.43
C ALA C 395 -32.60 6.44 19.80
N CYS C 396 -31.91 5.91 18.81
CA CYS C 396 -30.76 5.05 19.07
C CYS C 396 -29.62 5.83 19.71
N LEU C 397 -29.43 7.08 19.28
CA LEU C 397 -28.37 7.92 19.88
C LEU C 397 -28.73 8.22 21.34
N GLN C 398 -30.03 8.37 21.62
CA GLN C 398 -30.50 8.64 22.97
C GLN C 398 -30.36 7.43 23.87
N MET C 399 -30.43 6.24 23.29
CA MET C 399 -30.23 5.00 24.06
C MET C 399 -28.82 5.03 24.66
N LEU C 400 -27.91 5.65 23.92
CA LEU C 400 -26.51 5.77 24.31
C LEU C 400 -26.21 7.05 25.07
N GLY C 401 -27.20 7.94 25.15
CA GLY C 401 -27.02 9.21 25.87
C GLY C 401 -26.11 10.22 25.20
N VAL C 402 -26.05 10.20 23.86
CA VAL C 402 -25.18 11.12 23.12
C VAL C 402 -25.88 11.86 22.00
N GLN C 403 -27.21 11.85 22.00
CA GLN C 403 -27.94 12.52 20.92
C GLN C 403 -27.81 14.04 20.89
N GLY C 404 -27.62 14.58 19.69
CA GLY C 404 -27.52 16.01 19.54
C GLY C 404 -26.27 16.69 20.05
N ALA C 405 -26.38 18.01 20.20
CA ALA C 405 -25.29 18.85 20.65
C ALA C 405 -24.99 18.78 22.13
N CYS C 406 -23.71 18.83 22.49
CA CYS C 406 -23.35 18.90 23.89
C CYS C 406 -23.21 20.41 24.01
N LYS C 407 -24.30 21.03 24.44
CA LYS C 407 -24.35 22.48 24.57
C LYS C 407 -23.20 23.13 25.34
N ASP C 408 -22.82 22.55 26.47
CA ASP C 408 -21.75 23.11 27.30
C ASP C 408 -20.33 22.85 26.82
N ASN C 409 -20.15 21.89 25.91
CA ASN C 409 -18.82 21.56 25.43
C ASN C 409 -18.96 20.83 24.09
N PRO C 410 -19.18 21.58 23.01
CA PRO C 410 -19.33 21.00 21.68
C PRO C 410 -18.24 20.02 21.32
N GLY C 411 -18.69 18.84 20.90
CA GLY C 411 -17.76 17.79 20.52
C GLY C 411 -17.78 16.64 21.51
N GLU C 412 -18.24 16.88 22.73
CA GLU C 412 -18.24 15.81 23.72
C GLU C 412 -19.17 14.64 23.41
N ASN C 413 -20.32 14.91 22.80
CA ASN C 413 -21.25 13.82 22.47
C ASN C 413 -20.66 12.95 21.34
N ALA C 414 -20.08 13.58 20.33
CA ALA C 414 -19.46 12.81 19.24
C ALA C 414 -18.26 12.02 19.75
N ARG C 415 -17.46 12.64 20.64
CA ARG C 415 -16.30 11.95 21.18
C ARG C 415 -16.72 10.71 21.97
N GLN C 416 -17.80 10.84 22.76
CA GLN C 416 -18.30 9.71 23.54
C GLN C 416 -18.81 8.59 22.63
N LEU C 417 -19.50 8.96 21.56
CA LEU C 417 -20.00 7.95 20.61
C LEU C 417 -18.82 7.21 19.98
N ALA C 418 -17.75 7.93 19.65
CA ALA C 418 -16.57 7.30 19.06
C ALA C 418 -15.96 6.28 20.01
N ARG C 419 -15.91 6.60 21.31
CA ARG C 419 -15.38 5.67 22.30
C ARG C 419 -16.25 4.41 22.38
N ILE C 420 -17.58 4.57 22.33
CA ILE C 420 -18.51 3.42 22.34
C ILE C 420 -18.27 2.54 21.09
N VAL C 421 -18.08 3.17 19.93
CA VAL C 421 -17.82 2.39 18.71
C VAL C 421 -16.57 1.53 18.88
N CYS C 422 -15.47 2.15 19.33
CA CYS C 422 -14.20 1.44 19.54
C CYS C 422 -14.35 0.30 20.53
N GLY C 423 -15.03 0.59 21.65
CA GLY C 423 -15.25 -0.42 22.66
C GLY C 423 -16.13 -1.56 22.15
N THR C 424 -17.13 -1.25 21.33
CA THR C 424 -18.02 -2.30 20.79
C THR C 424 -17.26 -3.15 19.76
N VAL C 425 -16.40 -2.50 18.96
CA VAL C 425 -15.55 -3.21 18.01
C VAL C 425 -14.68 -4.22 18.79
N MET C 426 -14.09 -3.77 19.90
CA MET C 426 -13.27 -4.66 20.73
C MET C 426 -14.08 -5.88 21.24
N ALA C 427 -15.33 -5.66 21.66
CA ALA C 427 -16.19 -6.78 22.09
C ALA C 427 -16.39 -7.73 20.91
N GLY C 428 -16.73 -7.18 19.75
CA GLY C 428 -16.91 -8.01 18.56
C GLY C 428 -15.64 -8.78 18.20
N GLU C 429 -14.50 -8.09 18.30
CA GLU C 429 -13.21 -8.71 17.99
C GLU C 429 -12.91 -9.93 18.87
N LEU C 430 -13.19 -9.79 20.17
CA LEU C 430 -12.97 -10.86 21.14
C LEU C 430 -13.77 -12.10 20.80
N SER C 431 -15.06 -11.90 20.56
CA SER C 431 -15.92 -13.03 20.26
C SER C 431 -15.62 -13.76 18.95
N LEU C 432 -15.47 -13.03 17.85
CA LEU C 432 -15.15 -13.67 16.55
C LEU C 432 -13.80 -14.40 16.64
N MET C 433 -12.81 -13.73 17.22
CA MET C 433 -11.51 -14.37 17.35
C MET C 433 -11.60 -15.67 18.16
N ALA C 434 -12.45 -15.71 19.18
CA ALA C 434 -12.59 -16.92 19.99
C ALA C 434 -13.26 -18.02 19.17
N ALA C 435 -14.27 -17.65 18.39
CA ALA C 435 -14.97 -18.59 17.53
C ALA C 435 -13.99 -19.18 16.51
N LEU C 436 -13.14 -18.32 15.93
CA LEU C 436 -12.16 -18.77 14.96
C LEU C 436 -11.13 -19.74 15.57
N ALA C 437 -10.71 -19.44 16.79
CA ALA C 437 -9.71 -20.26 17.50
C ALA C 437 -10.25 -21.63 17.85
N ALA C 438 -11.53 -21.68 18.24
CA ALA C 438 -12.17 -22.94 18.63
C ALA C 438 -12.82 -23.71 17.47
N GLY C 439 -12.85 -23.11 16.29
CA GLY C 439 -13.45 -23.75 15.12
C GLY C 439 -14.97 -23.70 15.08
N HIS C 440 -15.55 -22.62 15.61
CA HIS C 440 -17.01 -22.44 15.71
C HIS C 440 -17.71 -21.56 14.67
N LEU C 441 -16.94 -20.89 13.82
CA LEU C 441 -17.52 -19.96 12.85
C LEU C 441 -18.62 -20.49 11.94
N VAL C 442 -18.32 -21.51 11.12
CA VAL C 442 -19.31 -22.07 10.20
C VAL C 442 -20.54 -22.60 10.96
N LYS C 443 -20.28 -23.34 12.05
CA LYS C 443 -21.38 -23.90 12.86
C LYS C 443 -22.36 -22.82 13.31
N SER C 444 -21.84 -21.75 13.93
CA SER C 444 -22.68 -20.65 14.40
C SER C 444 -23.49 -19.98 13.28
N HIS C 445 -22.88 -19.80 12.11
CA HIS C 445 -23.59 -19.18 11.00
C HIS C 445 -24.68 -20.09 10.40
N MET C 446 -24.49 -21.42 10.46
CA MET C 446 -25.52 -22.36 9.96
C MET C 446 -26.74 -22.24 10.88
N ILE C 447 -26.46 -21.98 12.16
CA ILE C 447 -27.49 -21.85 13.18
C ILE C 447 -28.26 -20.53 13.15
N HIS C 448 -27.53 -19.40 13.14
CA HIS C 448 -28.16 -18.06 13.15
C HIS C 448 -28.14 -17.24 11.86
N ASN C 449 -27.45 -17.72 10.82
CA ASN C 449 -27.33 -16.94 9.58
C ASN C 449 -27.67 -17.69 8.26
N ARG C 450 -28.75 -18.47 8.28
CA ARG C 450 -29.19 -19.21 7.08
C ARG C 450 -30.65 -19.66 7.21
N PRO D 56 -32.55 -15.16 30.27
CA PRO D 56 -31.79 -14.89 29.02
C PRO D 56 -32.72 -14.20 28.03
N ALA D 57 -32.62 -12.86 27.98
CA ALA D 57 -33.46 -12.04 27.09
C ALA D 57 -33.51 -12.49 25.63
N TYR D 58 -32.38 -12.96 25.10
CA TYR D 58 -32.32 -13.41 23.71
C TYR D 58 -33.10 -14.69 23.39
N LYS D 59 -33.64 -15.35 24.42
CA LYS D 59 -34.43 -16.56 24.22
C LYS D 59 -35.93 -16.33 24.35
N LEU D 60 -36.33 -15.06 24.47
CA LEU D 60 -37.74 -14.72 24.62
C LEU D 60 -38.69 -15.37 23.61
N GLU D 61 -38.33 -15.29 22.33
CA GLU D 61 -39.16 -15.88 21.27
C GLU D 61 -39.31 -17.38 21.41
N THR D 62 -38.37 -18.02 22.11
CA THR D 62 -38.40 -19.47 22.31
C THR D 62 -39.54 -19.86 23.25
N LEU D 63 -39.73 -19.05 24.29
CA LEU D 63 -40.75 -19.31 25.31
C LEU D 63 -42.13 -18.69 25.05
N ILE D 64 -42.15 -17.45 24.56
CA ILE D 64 -43.41 -16.76 24.29
C ILE D 64 -44.02 -17.19 22.96
N GLU D 65 -45.26 -16.79 22.73
CA GLU D 65 -46.00 -17.14 21.51
C GLU D 65 -45.55 -16.37 20.26
N THR D 66 -46.02 -15.14 20.14
CA THR D 66 -45.71 -14.27 19.01
C THR D 66 -44.30 -13.71 19.08
N HIS D 67 -43.71 -13.45 17.91
CA HIS D 67 -42.37 -12.87 17.83
C HIS D 67 -42.47 -11.43 18.31
N GLU D 68 -43.54 -10.76 17.90
CA GLU D 68 -43.76 -9.36 18.25
C GLU D 68 -43.84 -9.14 19.75
N ARG D 69 -44.50 -10.05 20.46
CA ARG D 69 -44.61 -9.90 21.91
C ARG D 69 -43.25 -10.06 22.57
N GLY D 70 -42.40 -10.92 22.00
CA GLY D 70 -41.06 -11.13 22.51
C GLY D 70 -40.23 -9.87 22.34
N VAL D 71 -40.39 -9.20 21.19
CA VAL D 71 -39.69 -7.95 20.92
C VAL D 71 -40.25 -6.90 21.90
N SER D 72 -41.56 -6.90 22.09
CA SER D 72 -42.20 -5.96 23.01
C SER D 72 -41.64 -6.11 24.43
N ILE D 73 -41.53 -7.34 24.89
CA ILE D 73 -41.02 -7.61 26.22
C ILE D 73 -39.52 -7.32 26.34
N ARG D 74 -38.74 -7.65 25.29
CA ARG D 74 -37.31 -7.37 25.37
C ARG D 74 -37.12 -5.87 25.51
N ARG D 75 -37.94 -5.11 24.80
CA ARG D 75 -37.92 -3.65 24.82
C ARG D 75 -38.25 -3.11 26.23
N GLN D 76 -39.21 -3.76 26.87
CA GLN D 76 -39.61 -3.37 28.22
C GLN D 76 -38.46 -3.67 29.19
N LEU D 77 -37.80 -4.82 28.99
CA LEU D 77 -36.66 -5.18 29.83
C LEU D 77 -35.53 -4.16 29.64
N LEU D 78 -35.24 -3.83 28.37
CA LEU D 78 -34.18 -2.88 28.00
C LEU D 78 -34.43 -1.49 28.60
N SER D 79 -35.69 -1.06 28.53
CA SER D 79 -36.14 0.23 29.03
C SER D 79 -35.60 0.54 30.44
N LYS D 80 -35.62 -0.48 31.28
CA LYS D 80 -35.19 -0.35 32.66
C LYS D 80 -33.68 -0.14 32.81
N LYS D 81 -32.91 -0.42 31.75
CA LYS D 81 -31.45 -0.25 31.78
C LYS D 81 -30.97 1.05 31.12
N LEU D 82 -31.90 1.80 30.52
CA LEU D 82 -31.57 3.06 29.87
C LEU D 82 -31.72 4.24 30.79
N SER D 83 -30.82 5.21 30.64
CA SER D 83 -30.88 6.42 31.43
C SER D 83 -31.99 7.32 30.85
N GLU D 84 -32.34 7.07 29.58
CA GLU D 84 -33.40 7.80 28.87
C GLU D 84 -34.36 6.76 28.24
N PRO D 85 -35.17 6.07 29.07
CA PRO D 85 -36.10 5.06 28.56
C PRO D 85 -37.15 5.49 27.53
N SER D 86 -37.52 6.77 27.54
CA SER D 86 -38.50 7.29 26.60
C SER D 86 -37.94 7.32 25.16
N SER D 87 -36.64 7.12 25.01
CA SER D 87 -36.03 7.10 23.67
C SER D 87 -36.68 6.01 22.79
N LEU D 88 -36.95 4.86 23.41
CA LEU D 88 -37.56 3.73 22.71
C LEU D 88 -38.89 4.06 22.02
N GLN D 89 -39.54 5.14 22.44
CA GLN D 89 -40.81 5.55 21.84
C GLN D 89 -40.72 5.86 20.33
N TYR D 90 -39.54 6.32 19.90
CA TYR D 90 -39.35 6.64 18.50
C TYR D 90 -38.63 5.57 17.68
N LEU D 91 -38.36 4.42 18.29
CA LEU D 91 -37.72 3.29 17.60
C LEU D 91 -38.91 2.40 17.25
N PRO D 92 -39.27 2.31 15.96
CA PRO D 92 -40.41 1.48 15.49
C PRO D 92 -40.19 -0.02 15.74
N TYR D 93 -41.30 -0.77 15.87
CA TYR D 93 -41.21 -2.22 16.08
C TYR D 93 -42.46 -2.99 15.68
N ARG D 94 -43.61 -2.33 15.71
CA ARG D 94 -44.89 -2.96 15.38
C ARG D 94 -45.07 -3.34 13.90
N ASP D 95 -45.82 -4.42 13.67
CA ASP D 95 -46.18 -4.89 12.33
C ASP D 95 -45.03 -5.14 11.36
N TYR D 96 -44.06 -5.93 11.80
CA TYR D 96 -42.93 -6.25 10.96
C TYR D 96 -42.77 -7.77 11.00
N ASN D 97 -42.38 -8.35 9.86
CA ASN D 97 -42.19 -9.79 9.74
C ASN D 97 -40.99 -10.37 10.50
N TYR D 98 -41.06 -10.45 11.83
CA TYR D 98 -39.93 -10.97 12.61
C TYR D 98 -39.58 -12.44 12.40
N SER D 99 -40.52 -13.21 11.84
CA SER D 99 -40.31 -14.63 11.57
C SER D 99 -39.15 -14.89 10.62
N LEU D 100 -39.06 -14.05 9.59
CA LEU D 100 -37.99 -14.17 8.60
C LEU D 100 -36.62 -13.71 9.14
N VAL D 101 -36.65 -12.91 10.20
CA VAL D 101 -35.44 -12.39 10.83
C VAL D 101 -34.79 -13.41 11.77
N MET D 102 -35.58 -13.96 12.70
CA MET D 102 -35.06 -14.93 13.67
C MET D 102 -34.39 -16.13 13.01
N GLY D 103 -33.18 -16.45 13.47
CA GLY D 103 -32.44 -17.59 12.92
C GLY D 103 -31.68 -17.31 11.62
N ALA D 104 -31.84 -16.11 11.07
CA ALA D 104 -31.16 -15.80 9.82
C ALA D 104 -30.49 -14.43 9.72
N CYS D 105 -31.06 -13.40 10.36
CA CYS D 105 -30.52 -12.03 10.19
C CYS D 105 -30.22 -11.16 11.41
N CYS D 106 -30.72 -11.50 12.60
CA CYS D 106 -30.47 -10.65 13.77
C CYS D 106 -30.93 -11.31 15.08
N GLU D 107 -30.26 -10.99 16.17
CA GLU D 107 -30.59 -11.53 17.49
C GLU D 107 -30.90 -10.38 18.44
N ASN D 108 -31.51 -10.70 19.58
CA ASN D 108 -31.88 -9.73 20.62
C ASN D 108 -32.56 -8.51 20.00
N VAL D 109 -33.51 -8.80 19.10
CA VAL D 109 -34.22 -7.77 18.37
C VAL D 109 -35.14 -6.87 19.21
N ILE D 110 -35.00 -5.55 19.04
CA ILE D 110 -35.83 -4.58 19.75
C ILE D 110 -36.66 -3.71 18.81
N GLY D 111 -36.58 -3.98 17.51
CA GLY D 111 -37.32 -3.19 16.54
C GLY D 111 -36.61 -3.09 15.21
N TYR D 112 -36.87 -2.02 14.46
CA TYR D 112 -36.21 -1.85 13.17
C TYR D 112 -35.91 -0.39 12.88
N MET D 113 -34.91 -0.16 12.04
CA MET D 113 -34.49 1.19 11.67
C MET D 113 -34.87 1.50 10.23
N PRO D 114 -35.80 2.45 10.03
CA PRO D 114 -36.20 2.81 8.66
C PRO D 114 -35.12 3.67 7.97
N ILE D 115 -34.66 3.27 6.79
CA ILE D 115 -33.70 4.08 6.05
C ILE D 115 -34.45 4.56 4.82
N PRO D 116 -34.49 5.89 4.55
CA PRO D 116 -35.22 6.38 3.38
C PRO D 116 -34.68 5.74 2.10
N VAL D 117 -35.59 5.43 1.18
CA VAL D 117 -35.24 4.84 -0.11
C VAL D 117 -35.72 5.76 -1.23
N GLY D 118 -34.78 6.12 -2.08
CA GLY D 118 -35.07 6.95 -3.23
C GLY D 118 -34.80 6.14 -4.48
N VAL D 119 -35.25 6.62 -5.63
CA VAL D 119 -34.98 5.89 -6.86
C VAL D 119 -34.27 6.76 -7.90
N ALA D 120 -33.26 6.18 -8.53
CA ALA D 120 -32.52 6.88 -9.57
C ALA D 120 -32.71 6.12 -10.88
N GLY D 121 -32.95 6.86 -11.96
CA GLY D 121 -33.11 6.20 -13.24
C GLY D 121 -34.03 6.91 -14.21
N PRO D 122 -34.30 6.29 -15.37
CA PRO D 122 -33.75 4.97 -15.71
C PRO D 122 -32.24 4.86 -16.02
N LEU D 123 -31.63 3.78 -15.56
CA LEU D 123 -30.24 3.51 -15.87
C LEU D 123 -30.31 2.64 -17.12
N CYS D 124 -29.82 3.18 -18.23
CA CYS D 124 -29.82 2.49 -19.52
C CYS D 124 -28.50 1.74 -19.59
N LEU D 125 -28.63 0.42 -19.42
CA LEU D 125 -27.46 -0.43 -19.36
C LEU D 125 -27.68 -1.70 -20.16
N ASP D 126 -26.75 -1.97 -21.06
CA ASP D 126 -26.79 -3.16 -21.91
C ASP D 126 -28.14 -3.40 -22.60
N GLU D 127 -28.70 -2.35 -23.18
CA GLU D 127 -29.99 -2.42 -23.90
C GLU D 127 -31.23 -2.60 -23.02
N LYS D 128 -31.05 -2.47 -21.71
CA LYS D 128 -32.16 -2.59 -20.75
C LYS D 128 -32.25 -1.29 -19.96
N GLU D 129 -33.32 -1.11 -19.19
CA GLU D 129 -33.51 0.08 -18.36
C GLU D 129 -33.86 -0.40 -16.96
N PHE D 130 -33.14 0.15 -15.97
CA PHE D 130 -33.34 -0.21 -14.57
C PHE D 130 -33.71 1.02 -13.72
N GLN D 131 -34.62 0.82 -12.77
CA GLN D 131 -35.05 1.85 -11.82
C GLN D 131 -34.31 1.40 -10.55
N VAL D 132 -33.24 2.12 -10.23
CA VAL D 132 -32.37 1.76 -9.12
C VAL D 132 -32.76 2.27 -7.74
N PRO D 133 -33.08 1.35 -6.80
CA PRO D 133 -33.46 1.73 -5.43
C PRO D 133 -32.17 2.04 -4.62
N MET D 134 -32.22 3.11 -3.83
CA MET D 134 -31.07 3.54 -3.05
C MET D 134 -31.51 3.97 -1.65
N ALA D 135 -31.03 3.28 -0.61
CA ALA D 135 -31.37 3.59 0.78
C ALA D 135 -30.26 4.47 1.38
N THR D 136 -30.59 5.70 1.73
CA THR D 136 -29.54 6.57 2.26
C THR D 136 -30.12 7.71 3.08
N THR D 137 -29.24 8.36 3.86
CA THR D 137 -29.65 9.55 4.61
C THR D 137 -28.77 10.70 4.15
N GLU D 138 -27.97 10.48 3.10
CA GLU D 138 -27.15 11.56 2.55
C GLU D 138 -27.89 12.35 1.47
N GLY D 139 -28.30 13.58 1.81
CA GLY D 139 -28.98 14.43 0.84
C GLY D 139 -28.05 14.63 -0.36
N CYS D 140 -28.64 14.77 -1.55
CA CYS D 140 -27.92 14.91 -2.83
C CYS D 140 -27.54 13.62 -3.51
N LEU D 141 -27.36 12.54 -2.75
CA LEU D 141 -26.93 11.28 -3.38
C LEU D 141 -27.85 10.76 -4.48
N VAL D 142 -29.12 10.61 -4.16
CA VAL D 142 -30.08 10.13 -5.15
C VAL D 142 -30.17 11.13 -6.33
N ALA D 143 -30.26 12.43 -6.02
CA ALA D 143 -30.36 13.45 -7.07
C ALA D 143 -29.15 13.39 -8.01
N SER D 144 -27.95 13.32 -7.44
CA SER D 144 -26.71 13.24 -8.22
C SER D 144 -26.67 11.98 -9.06
N THR D 145 -26.99 10.84 -8.46
CA THR D 145 -26.98 9.57 -9.19
C THR D 145 -27.99 9.59 -10.34
N ASN D 146 -29.15 10.21 -10.09
CA ASN D 146 -30.22 10.33 -11.10
C ASN D 146 -29.73 11.20 -12.26
N ARG D 147 -29.01 12.27 -11.94
CA ARG D 147 -28.47 13.15 -12.98
C ARG D 147 -27.44 12.40 -13.86
N GLY D 148 -26.60 11.61 -13.21
CA GLY D 148 -25.62 10.80 -13.95
C GLY D 148 -26.31 9.80 -14.85
N CYS D 149 -27.41 9.22 -14.36
CA CYS D 149 -28.21 8.30 -15.16
C CYS D 149 -28.78 9.04 -16.38
N ARG D 150 -29.30 10.24 -16.15
CA ARG D 150 -29.88 11.07 -17.20
C ARG D 150 -28.86 11.34 -18.28
N ALA D 151 -27.64 11.71 -17.87
CA ALA D 151 -26.55 11.96 -18.82
C ALA D 151 -26.23 10.70 -19.64
N ILE D 152 -26.11 9.55 -18.98
CA ILE D 152 -25.83 8.29 -19.66
C ILE D 152 -26.95 7.91 -20.65
N GLY D 153 -28.20 8.11 -20.24
CA GLY D 153 -29.33 7.79 -21.10
C GLY D 153 -29.33 8.61 -22.38
N LEU D 154 -29.05 9.91 -22.25
CA LEU D 154 -29.00 10.81 -23.39
C LEU D 154 -27.81 10.51 -24.28
N GLY D 155 -26.81 9.82 -23.71
CA GLY D 155 -25.64 9.42 -24.45
C GLY D 155 -25.82 8.05 -25.11
N GLY D 156 -27.02 7.49 -25.02
CA GLY D 156 -27.27 6.21 -25.65
C GLY D 156 -27.11 4.97 -24.78
N GLY D 157 -26.83 5.16 -23.49
CA GLY D 157 -26.67 4.02 -22.60
C GLY D 157 -25.25 3.51 -22.40
N ALA D 158 -25.08 2.77 -21.31
CA ALA D 158 -23.78 2.19 -20.97
C ALA D 158 -23.74 0.70 -21.33
N SER D 159 -22.52 0.15 -21.43
CA SER D 159 -22.32 -1.27 -21.72
C SER D 159 -21.40 -1.80 -20.62
N SER D 160 -21.67 -3.02 -20.14
CA SER D 160 -20.84 -3.61 -19.10
C SER D 160 -20.54 -5.07 -19.39
N ARG D 161 -19.52 -5.57 -18.71
CA ARG D 161 -19.09 -6.96 -18.84
C ARG D 161 -18.65 -7.49 -17.49
N VAL D 162 -19.01 -8.74 -17.21
CA VAL D 162 -18.56 -9.37 -15.98
C VAL D 162 -17.28 -10.11 -16.42
N LEU D 163 -16.18 -9.80 -15.77
CA LEU D 163 -14.89 -10.37 -16.10
C LEU D 163 -14.53 -11.63 -15.32
N ALA D 164 -15.03 -11.73 -14.09
CA ALA D 164 -14.72 -12.85 -13.21
C ALA D 164 -15.79 -12.95 -12.15
N ASP D 165 -15.85 -14.13 -11.55
CA ASP D 165 -16.83 -14.39 -10.52
C ASP D 165 -16.35 -15.50 -9.60
N GLY D 166 -15.97 -15.11 -8.39
CA GLY D 166 -15.54 -16.09 -7.42
C GLY D 166 -15.33 -15.52 -6.03
N MET D 167 -16.18 -15.91 -5.08
CA MET D 167 -16.03 -15.50 -3.67
C MET D 167 -14.82 -16.25 -3.15
N THR D 168 -14.17 -15.73 -2.11
CA THR D 168 -12.97 -16.38 -1.58
C THR D 168 -12.95 -16.54 -0.07
N ARG D 169 -12.09 -17.43 0.39
CA ARG D 169 -11.88 -17.66 1.81
C ARG D 169 -10.39 -17.95 1.93
N GLY D 170 -9.74 -17.24 2.84
CA GLY D 170 -8.31 -17.44 3.01
C GLY D 170 -7.83 -17.87 4.39
N PRO D 171 -8.00 -19.17 4.74
CA PRO D 171 -7.56 -19.69 6.03
C PRO D 171 -6.05 -19.66 6.23
N VAL D 172 -5.66 -19.75 7.50
CA VAL D 172 -4.24 -19.86 7.80
C VAL D 172 -4.03 -21.20 8.51
N VAL D 173 -3.08 -21.99 8.02
CA VAL D 173 -2.75 -23.27 8.63
C VAL D 173 -1.25 -23.21 8.89
N ARG D 174 -0.73 -24.17 9.65
CA ARG D 174 0.71 -24.20 9.91
C ARG D 174 1.26 -25.61 10.02
N LEU D 175 2.50 -25.79 9.55
CA LEU D 175 3.20 -27.05 9.60
C LEU D 175 4.35 -26.93 10.60
N PRO D 176 4.98 -28.06 10.98
CA PRO D 176 6.10 -28.01 11.93
C PRO D 176 7.28 -27.16 11.41
N ARG D 177 7.52 -27.18 10.11
CA ARG D 177 8.63 -26.41 9.53
C ARG D 177 8.25 -25.78 8.20
N ALA D 178 9.02 -24.77 7.79
CA ALA D 178 8.82 -24.12 6.50
C ALA D 178 9.06 -25.11 5.37
N CYS D 179 9.96 -26.06 5.59
CA CYS D 179 10.23 -27.07 4.58
C CYS D 179 8.98 -27.92 4.36
N ASP D 180 8.21 -28.11 5.42
CA ASP D 180 6.97 -28.88 5.34
C ASP D 180 5.89 -28.05 4.65
N SER D 181 5.76 -26.78 5.01
CA SER D 181 4.75 -25.94 4.38
C SER D 181 5.02 -25.76 2.88
N ALA D 182 6.30 -25.73 2.51
CA ALA D 182 6.70 -25.60 1.12
C ALA D 182 6.21 -26.85 0.35
N GLU D 183 6.33 -28.00 0.98
CA GLU D 183 5.89 -29.25 0.38
C GLU D 183 4.38 -29.23 0.17
N VAL D 184 3.64 -28.71 1.16
CA VAL D 184 2.17 -28.67 1.05
C VAL D 184 1.75 -27.73 -0.07
N LYS D 185 2.47 -26.60 -0.18
CA LYS D 185 2.18 -25.62 -1.22
C LYS D 185 2.37 -26.27 -2.59
N ALA D 186 3.48 -26.96 -2.77
CA ALA D 186 3.77 -27.64 -4.04
C ALA D 186 2.73 -28.71 -4.36
N TRP D 187 2.26 -29.43 -3.34
CA TRP D 187 1.25 -30.47 -3.54
C TRP D 187 -0.07 -29.83 -4.02
N LEU D 188 -0.43 -28.72 -3.39
CA LEU D 188 -1.65 -27.99 -3.73
C LEU D 188 -1.58 -27.41 -5.13
N GLU D 189 -0.36 -27.23 -5.64
CA GLU D 189 -0.16 -26.68 -6.98
C GLU D 189 -0.16 -27.71 -8.11
N THR D 190 -0.35 -28.99 -7.77
CA THR D 190 -0.45 -30.06 -8.78
C THR D 190 -1.92 -30.21 -9.20
N SER D 191 -2.17 -30.71 -10.40
CA SER D 191 -3.56 -30.86 -10.82
C SER D 191 -4.23 -31.92 -9.94
N GLU D 192 -3.46 -32.92 -9.52
CA GLU D 192 -4.01 -33.97 -8.68
C GLU D 192 -4.38 -33.45 -7.28
N GLY D 193 -3.52 -32.60 -6.70
CA GLY D 193 -3.80 -32.06 -5.39
C GLY D 193 -5.02 -31.16 -5.46
N PHE D 194 -5.08 -30.31 -6.47
CA PHE D 194 -6.22 -29.42 -6.64
C PHE D 194 -7.50 -30.23 -6.82
N ALA D 195 -7.41 -31.28 -7.63
CA ALA D 195 -8.59 -32.13 -7.88
C ALA D 195 -9.23 -32.71 -6.62
N VAL D 196 -8.44 -33.31 -5.74
CA VAL D 196 -9.03 -33.89 -4.53
C VAL D 196 -9.54 -32.82 -3.56
N ILE D 197 -8.89 -31.66 -3.54
CA ILE D 197 -9.35 -30.59 -2.66
C ILE D 197 -10.67 -30.05 -3.18
N LYS D 198 -10.77 -29.90 -4.51
CA LYS D 198 -11.99 -29.42 -5.16
C LYS D 198 -13.14 -30.42 -4.88
N GLU D 199 -12.84 -31.70 -4.93
CA GLU D 199 -13.87 -32.71 -4.67
C GLU D 199 -14.44 -32.55 -3.27
N ALA D 200 -13.57 -32.39 -2.28
CA ALA D 200 -14.03 -32.23 -0.90
C ALA D 200 -14.79 -30.91 -0.75
N PHE D 201 -14.22 -29.84 -1.28
CA PHE D 201 -14.84 -28.52 -1.22
C PHE D 201 -16.26 -28.51 -1.83
N ASP D 202 -16.38 -29.03 -3.05
CA ASP D 202 -17.65 -29.02 -3.78
C ASP D 202 -18.77 -29.90 -3.21
N SER D 203 -18.40 -30.96 -2.49
CA SER D 203 -19.35 -31.90 -1.90
C SER D 203 -20.27 -31.28 -0.85
N THR D 204 -19.94 -30.06 -0.40
CA THR D 204 -20.74 -29.40 0.63
C THR D 204 -21.88 -28.56 0.07
N SER D 205 -21.97 -28.44 -1.24
CA SER D 205 -22.98 -27.55 -1.84
C SER D 205 -23.36 -27.93 -3.26
N ARG D 206 -24.54 -27.48 -3.69
CA ARG D 206 -24.96 -27.73 -5.06
C ARG D 206 -24.45 -26.59 -5.93
N PHE D 207 -24.04 -25.48 -5.30
CA PHE D 207 -23.56 -24.30 -6.03
C PHE D 207 -22.09 -23.92 -5.89
N ALA D 208 -21.48 -24.21 -4.74
CA ALA D 208 -20.07 -23.89 -4.53
C ALA D 208 -19.20 -24.79 -5.38
N ARG D 209 -18.55 -24.20 -6.36
CA ARG D 209 -17.69 -24.94 -7.27
C ARG D 209 -16.31 -24.27 -7.31
N LEU D 210 -15.34 -24.90 -6.64
CA LEU D 210 -13.96 -24.39 -6.55
C LEU D 210 -13.35 -24.16 -7.93
N GLN D 211 -12.83 -22.95 -8.15
CA GLN D 211 -12.24 -22.59 -9.43
C GLN D 211 -10.73 -22.57 -9.41
N LYS D 212 -10.15 -22.10 -8.31
CA LYS D 212 -8.70 -22.06 -8.19
C LYS D 212 -8.24 -21.81 -6.76
N LEU D 213 -6.94 -21.99 -6.56
CA LEU D 213 -6.31 -21.77 -5.27
C LEU D 213 -5.09 -20.88 -5.48
N HIS D 214 -4.86 -19.99 -4.52
CA HIS D 214 -3.66 -19.16 -4.52
C HIS D 214 -3.06 -19.42 -3.13
N THR D 215 -1.93 -20.10 -3.10
CA THR D 215 -1.28 -20.44 -1.83
C THR D 215 0.01 -19.63 -1.61
N SER D 216 0.14 -19.05 -0.41
CA SER D 216 1.30 -18.22 -0.05
C SER D 216 1.82 -18.59 1.34
N ILE D 217 3.14 -18.63 1.51
CA ILE D 217 3.67 -18.99 2.81
C ILE D 217 4.43 -17.87 3.50
N ALA D 218 4.51 -18.01 4.82
CA ALA D 218 5.27 -17.09 5.66
C ALA D 218 5.90 -18.07 6.64
N GLY D 219 7.06 -18.59 6.26
CA GLY D 219 7.74 -19.56 7.09
C GLY D 219 6.96 -20.85 7.14
N ARG D 220 6.67 -21.34 8.34
CA ARG D 220 5.91 -22.58 8.49
C ARG D 220 4.38 -22.38 8.36
N ASN D 221 3.96 -21.11 8.24
CA ASN D 221 2.55 -20.78 8.05
C ASN D 221 2.21 -20.87 6.57
N LEU D 222 1.01 -21.36 6.27
CA LEU D 222 0.57 -21.41 4.89
C LEU D 222 -0.81 -20.76 4.80
N TYR D 223 -0.96 -19.81 3.88
CA TYR D 223 -2.23 -19.11 3.65
C TYR D 223 -2.77 -19.64 2.30
N ILE D 224 -4.00 -20.15 2.32
CA ILE D 224 -4.60 -20.73 1.13
C ILE D 224 -5.83 -19.98 0.75
N ARG D 225 -5.80 -19.32 -0.41
CA ARG D 225 -6.95 -18.56 -0.87
C ARG D 225 -7.80 -19.45 -1.81
N PHE D 226 -8.95 -19.89 -1.31
CA PHE D 226 -9.89 -20.71 -2.08
C PHE D 226 -10.81 -19.75 -2.85
N GLN D 227 -10.94 -19.94 -4.16
CA GLN D 227 -11.84 -19.08 -4.95
C GLN D 227 -12.87 -19.98 -5.61
N SER D 228 -14.13 -19.66 -5.36
CA SER D 228 -15.22 -20.51 -5.83
C SER D 228 -16.44 -19.76 -6.29
N ARG D 229 -17.14 -20.37 -7.25
CA ARG D 229 -18.41 -19.84 -7.74
C ARG D 229 -19.37 -20.08 -6.58
N SER D 230 -20.52 -19.42 -6.61
CA SER D 230 -21.48 -19.58 -5.52
C SER D 230 -22.92 -19.34 -5.96
N GLY D 231 -23.24 -19.71 -7.21
CA GLY D 231 -24.59 -19.48 -7.71
C GLY D 231 -24.96 -18.01 -7.55
N ASP D 232 -26.18 -17.74 -7.10
CA ASP D 232 -26.65 -16.37 -6.90
C ASP D 232 -26.36 -15.77 -5.53
N ALA D 233 -25.72 -16.56 -4.66
CA ALA D 233 -25.38 -16.10 -3.32
C ALA D 233 -24.07 -15.31 -3.26
N MET D 234 -23.95 -14.40 -2.28
CA MET D 234 -22.69 -13.66 -2.13
C MET D 234 -21.65 -14.77 -1.78
N GLY D 235 -22.13 -15.78 -1.06
CA GLY D 235 -21.35 -16.97 -0.78
C GLY D 235 -20.42 -17.13 0.41
N MET D 236 -20.33 -16.15 1.30
CA MET D 236 -19.40 -16.28 2.42
C MET D 236 -19.64 -17.54 3.27
N ASN D 237 -20.89 -17.79 3.63
CA ASN D 237 -21.18 -18.99 4.44
C ASN D 237 -20.88 -20.26 3.64
N MET D 238 -21.41 -20.31 2.42
CA MET D 238 -21.24 -21.45 1.50
C MET D 238 -19.76 -21.74 1.28
N ILE D 239 -18.99 -20.69 0.99
CA ILE D 239 -17.55 -20.86 0.76
C ILE D 239 -16.81 -21.27 2.06
N SER D 240 -17.25 -20.76 3.20
CA SER D 240 -16.62 -21.12 4.47
C SER D 240 -16.82 -22.60 4.80
N LYS D 241 -18.02 -23.10 4.53
CA LYS D 241 -18.37 -24.50 4.77
C LYS D 241 -17.53 -25.39 3.85
N GLY D 242 -17.41 -25.00 2.58
CA GLY D 242 -16.60 -25.77 1.65
C GLY D 242 -15.13 -25.77 2.08
N THR D 243 -14.65 -24.62 2.56
CA THR D 243 -13.26 -24.49 3.01
C THR D 243 -12.96 -25.39 4.21
N GLU D 244 -13.87 -25.42 5.16
CA GLU D 244 -13.71 -26.23 6.36
C GLU D 244 -13.60 -27.72 5.97
N LYS D 245 -14.40 -28.15 5.00
CA LYS D 245 -14.31 -29.55 4.56
C LYS D 245 -13.02 -29.82 3.77
N ALA D 246 -12.63 -28.86 2.94
CA ALA D 246 -11.42 -29.01 2.14
C ALA D 246 -10.18 -29.05 3.07
N LEU D 247 -10.18 -28.26 4.14
CA LEU D 247 -9.06 -28.25 5.11
C LEU D 247 -9.01 -29.60 5.89
N SER D 248 -10.17 -30.13 6.21
CA SER D 248 -10.29 -31.40 6.92
C SER D 248 -9.65 -32.48 6.04
N LYS D 249 -9.92 -32.42 4.73
CA LYS D 249 -9.35 -33.36 3.77
C LYS D 249 -7.83 -33.17 3.61
N LEU D 250 -7.40 -31.91 3.56
CA LEU D 250 -5.98 -31.61 3.43
C LEU D 250 -5.24 -32.16 4.65
N HIS D 251 -5.88 -32.09 5.81
CA HIS D 251 -5.28 -32.59 7.06
C HIS D 251 -5.09 -34.11 7.01
N GLU D 252 -5.97 -34.81 6.29
CA GLU D 252 -5.86 -36.25 6.15
C GLU D 252 -4.61 -36.58 5.35
N TYR D 253 -4.24 -35.71 4.41
CA TYR D 253 -3.02 -35.92 3.62
C TYR D 253 -1.81 -35.50 4.42
N PHE D 254 -1.99 -34.48 5.26
CA PHE D 254 -0.90 -33.96 6.07
C PHE D 254 -1.31 -33.85 7.54
N PRO D 255 -1.28 -34.98 8.27
CA PRO D 255 -1.69 -35.00 9.69
C PRO D 255 -0.95 -34.02 10.64
N GLU D 256 0.27 -33.63 10.29
CA GLU D 256 1.02 -32.68 11.12
C GLU D 256 0.55 -31.23 10.96
N MET D 257 -0.32 -30.99 10.00
CA MET D 257 -0.83 -29.63 9.76
C MET D 257 -1.84 -29.16 10.81
N GLN D 258 -1.60 -27.97 11.36
CA GLN D 258 -2.54 -27.42 12.34
C GLN D 258 -3.42 -26.39 11.61
N ILE D 259 -4.74 -26.54 11.75
CA ILE D 259 -5.66 -25.58 11.14
C ILE D 259 -5.86 -24.52 12.21
N LEU D 260 -5.28 -23.35 11.98
CA LEU D 260 -5.34 -22.25 12.95
C LEU D 260 -6.62 -21.43 12.88
N ALA D 261 -7.02 -21.01 11.68
CA ALA D 261 -8.25 -20.24 11.54
C ALA D 261 -8.84 -20.41 10.15
N VAL D 262 -10.15 -20.62 10.08
CA VAL D 262 -10.81 -20.80 8.78
C VAL D 262 -10.65 -19.53 7.95
N SER D 263 -10.54 -18.38 8.63
CA SER D 263 -10.23 -17.10 7.96
C SER D 263 -8.94 -16.57 8.58
N GLY D 264 -7.87 -16.54 7.78
CA GLY D 264 -6.61 -16.02 8.26
C GLY D 264 -6.35 -14.65 7.64
N ASN D 265 -7.42 -13.95 7.23
CA ASN D 265 -7.36 -12.61 6.62
C ASN D 265 -6.73 -12.57 5.22
N TYR D 266 -6.65 -13.73 4.58
CA TYR D 266 -6.07 -13.80 3.25
C TYR D 266 -7.16 -13.85 2.19
N CYS D 267 -8.43 -13.68 2.63
CA CYS D 267 -9.58 -13.72 1.72
C CYS D 267 -9.60 -12.62 0.65
N THR D 268 -9.67 -11.34 1.00
CA THR D 268 -9.75 -10.82 2.37
C THR D 268 -11.19 -10.26 2.53
N ASP D 269 -11.84 -10.53 3.66
CA ASP D 269 -13.23 -10.08 3.86
C ASP D 269 -13.34 -8.88 4.80
N LYS D 270 -13.96 -7.81 4.29
CA LYS D 270 -14.22 -6.60 5.08
C LYS D 270 -13.06 -5.78 5.67
N LYS D 271 -11.88 -5.93 5.07
CA LYS D 271 -10.69 -5.15 5.44
C LYS D 271 -10.06 -4.79 4.10
N PRO D 272 -9.49 -3.57 3.99
CA PRO D 272 -8.86 -3.20 2.71
C PRO D 272 -7.68 -4.17 2.50
N ALA D 273 -7.46 -4.62 1.26
CA ALA D 273 -6.38 -5.55 1.00
C ALA D 273 -6.05 -5.52 -0.48
N ALA D 274 -4.76 -5.35 -0.78
CA ALA D 274 -4.31 -5.33 -2.16
C ALA D 274 -4.67 -6.61 -2.91
N ILE D 275 -4.77 -7.75 -2.21
CA ILE D 275 -5.07 -9.01 -2.89
C ILE D 275 -6.43 -8.99 -3.58
N ASN D 276 -7.40 -8.32 -2.97
CA ASN D 276 -8.74 -8.21 -3.54
C ASN D 276 -8.68 -7.33 -4.79
N TRP D 277 -7.92 -6.24 -4.71
CA TRP D 277 -7.76 -5.31 -5.81
C TRP D 277 -7.10 -5.96 -7.03
N ILE D 278 -6.04 -6.74 -6.78
CA ILE D 278 -5.27 -7.39 -7.84
C ILE D 278 -5.81 -8.70 -8.39
N GLU D 279 -6.34 -9.55 -7.51
CA GLU D 279 -6.88 -10.84 -7.94
C GLU D 279 -8.39 -10.87 -8.11
N GLY D 280 -9.07 -9.86 -7.58
CA GLY D 280 -10.53 -9.79 -7.64
C GLY D 280 -11.16 -10.60 -6.50
N ARG D 281 -12.42 -10.31 -6.18
CA ARG D 281 -13.14 -11.06 -5.16
C ARG D 281 -14.61 -10.87 -5.50
N GLY D 282 -15.35 -11.97 -5.52
CA GLY D 282 -16.74 -11.85 -5.90
C GLY D 282 -16.75 -11.62 -7.39
N LYS D 283 -17.47 -10.58 -7.81
CA LYS D 283 -17.58 -10.22 -9.21
C LYS D 283 -16.68 -9.07 -9.67
N SER D 284 -15.95 -9.27 -10.77
CA SER D 284 -15.09 -8.21 -11.33
C SER D 284 -15.90 -7.75 -12.54
N VAL D 285 -16.15 -6.44 -12.60
CA VAL D 285 -16.98 -5.86 -13.63
C VAL D 285 -16.39 -4.58 -14.20
N VAL D 286 -16.68 -4.32 -15.47
CA VAL D 286 -16.26 -3.09 -16.15
C VAL D 286 -17.51 -2.52 -16.83
N CYS D 287 -17.61 -1.18 -16.87
CA CYS D 287 -18.74 -0.48 -17.48
C CYS D 287 -18.20 0.75 -18.23
N GLU D 288 -18.88 1.17 -19.29
CA GLU D 288 -18.42 2.34 -20.07
C GLU D 288 -19.57 3.03 -20.78
N ALA D 289 -19.37 4.30 -21.12
CA ALA D 289 -20.36 5.09 -21.86
C ALA D 289 -19.66 6.29 -22.48
N VAL D 290 -20.32 6.88 -23.48
CA VAL D 290 -19.84 8.10 -24.12
C VAL D 290 -20.97 9.14 -23.96
N ILE D 291 -20.61 10.27 -23.37
CA ILE D 291 -21.56 11.35 -23.11
C ILE D 291 -21.35 12.44 -24.14
N PRO D 292 -22.41 12.79 -24.88
CA PRO D 292 -22.34 13.84 -25.91
C PRO D 292 -21.92 15.18 -25.34
N ALA D 293 -21.13 15.93 -26.11
CA ALA D 293 -20.69 17.26 -25.71
C ALA D 293 -21.83 18.15 -25.18
N LYS D 294 -22.96 18.17 -25.89
CA LYS D 294 -24.09 19.02 -25.49
C LYS D 294 -24.68 18.62 -24.13
N VAL D 295 -24.60 17.33 -23.81
CA VAL D 295 -25.11 16.79 -22.55
C VAL D 295 -24.16 17.14 -21.40
N VAL D 296 -22.86 17.04 -21.65
CA VAL D 296 -21.88 17.40 -20.62
C VAL D 296 -22.14 18.88 -20.24
N ARG D 297 -22.38 19.70 -21.26
CA ARG D 297 -22.64 21.12 -21.03
C ARG D 297 -24.02 21.37 -20.38
N GLU D 298 -25.08 20.85 -20.99
CA GLU D 298 -26.44 21.10 -20.52
C GLU D 298 -26.92 20.39 -19.27
N VAL D 299 -26.60 19.10 -19.16
CA VAL D 299 -27.02 18.33 -18.00
C VAL D 299 -26.00 18.42 -16.87
N LEU D 300 -24.73 18.19 -17.21
CA LEU D 300 -23.66 18.19 -16.21
C LEU D 300 -23.06 19.55 -15.85
N LYS D 301 -23.48 20.59 -16.57
CA LYS D 301 -23.04 21.96 -16.33
C LYS D 301 -21.51 22.16 -16.33
N THR D 302 -20.79 21.50 -17.24
CA THR D 302 -19.33 21.61 -17.26
C THR D 302 -18.82 21.33 -18.67
N THR D 303 -17.53 20.98 -18.82
CA THR D 303 -17.00 20.68 -20.15
C THR D 303 -16.27 19.36 -20.05
N THR D 304 -16.04 18.72 -21.19
CA THR D 304 -15.32 17.45 -21.23
C THR D 304 -13.87 17.65 -20.76
N GLU D 305 -13.25 18.76 -21.17
CA GLU D 305 -11.88 19.05 -20.78
C GLU D 305 -11.75 19.18 -19.25
N ALA D 306 -12.67 19.92 -18.63
CA ALA D 306 -12.63 20.11 -17.18
C ALA D 306 -12.82 18.79 -16.46
N MET D 307 -13.71 17.94 -16.99
CA MET D 307 -13.99 16.64 -16.40
C MET D 307 -12.73 15.77 -16.38
N ILE D 308 -12.07 15.69 -17.53
CA ILE D 308 -10.88 14.88 -17.69
C ILE D 308 -9.73 15.34 -16.79
N GLU D 309 -9.58 16.66 -16.71
CA GLU D 309 -8.53 17.25 -15.89
C GLU D 309 -8.78 16.95 -14.41
N VAL D 310 -10.03 17.08 -13.97
CA VAL D 310 -10.35 16.78 -12.60
C VAL D 310 -10.16 15.27 -12.35
N ASN D 311 -10.60 14.44 -13.29
CA ASN D 311 -10.46 13.00 -13.09
C ASN D 311 -9.03 12.54 -12.93
N ILE D 312 -8.13 13.04 -13.78
CA ILE D 312 -6.73 12.62 -13.71
C ILE D 312 -6.06 13.12 -12.44
N ASN D 313 -6.33 14.37 -12.12
CA ASN D 313 -5.66 14.95 -10.97
C ASN D 313 -6.23 14.61 -9.61
N LYS D 314 -7.47 14.14 -9.58
CA LYS D 314 -8.11 13.73 -8.32
C LYS D 314 -8.07 12.20 -8.17
N ASN D 315 -8.70 11.51 -9.11
CA ASN D 315 -8.80 10.05 -9.07
C ASN D 315 -7.54 9.24 -9.34
N LEU D 316 -6.56 9.82 -10.05
CA LEU D 316 -5.28 9.11 -10.27
C LEU D 316 -4.21 9.75 -9.39
N VAL D 317 -3.86 11.00 -9.67
CA VAL D 317 -2.80 11.66 -8.90
C VAL D 317 -3.13 11.84 -7.42
N GLY D 318 -4.31 12.38 -7.11
CA GLY D 318 -4.70 12.59 -5.73
C GLY D 318 -4.75 11.30 -4.93
N SER D 319 -5.37 10.25 -5.48
CA SER D 319 -5.41 8.98 -4.76
C SER D 319 -3.99 8.42 -4.60
N ALA D 320 -3.12 8.63 -5.58
CA ALA D 320 -1.73 8.16 -5.43
C ALA D 320 -1.04 8.94 -4.29
N MET D 321 -1.29 10.25 -4.20
CA MET D 321 -0.68 11.09 -3.14
C MET D 321 -1.11 10.64 -1.75
N ALA D 322 -2.37 10.21 -1.64
CA ALA D 322 -2.95 9.74 -0.37
C ALA D 322 -2.56 8.32 0.01
N GLY D 323 -1.85 7.63 -0.88
CA GLY D 323 -1.43 6.25 -0.65
C GLY D 323 -2.61 5.28 -0.70
N SER D 324 -3.47 5.43 -1.71
CA SER D 324 -4.62 4.53 -1.83
C SER D 324 -4.32 3.27 -2.63
N ILE D 325 -4.93 2.18 -2.23
CA ILE D 325 -4.81 0.93 -2.96
C ILE D 325 -6.28 0.64 -3.30
N GLY D 326 -6.65 0.84 -4.56
CA GLY D 326 -8.04 0.56 -4.95
C GLY D 326 -9.05 1.71 -4.89
N GLY D 327 -8.64 2.85 -4.34
CA GLY D 327 -9.55 4.00 -4.23
C GLY D 327 -9.33 5.05 -5.29
N TYR D 328 -9.30 4.63 -6.56
CA TYR D 328 -9.07 5.55 -7.70
C TYR D 328 -10.40 6.00 -8.31
N ASN D 329 -11.25 6.52 -7.42
CA ASN D 329 -12.58 6.97 -7.80
C ASN D 329 -13.02 8.11 -6.87
N ALA D 330 -14.13 8.76 -7.22
CA ALA D 330 -14.67 9.86 -6.43
C ALA D 330 -15.55 9.39 -5.26
N HIS D 331 -16.60 8.62 -5.57
CA HIS D 331 -17.47 8.14 -4.49
C HIS D 331 -18.23 6.85 -4.76
N ALA D 332 -17.54 5.86 -5.33
CA ALA D 332 -18.18 4.55 -5.59
C ALA D 332 -18.83 4.00 -4.30
N ALA D 333 -18.18 4.22 -3.15
CA ALA D 333 -18.71 3.72 -1.89
C ALA D 333 -20.12 4.22 -1.56
N ASN D 334 -20.44 5.46 -1.97
CA ASN D 334 -21.78 6.01 -1.72
C ASN D 334 -22.85 5.20 -2.45
N ILE D 335 -22.61 4.93 -3.73
CA ILE D 335 -23.56 4.17 -4.55
C ILE D 335 -23.66 2.73 -4.05
N VAL D 336 -22.51 2.08 -3.92
CA VAL D 336 -22.47 0.72 -3.42
C VAL D 336 -23.26 0.60 -2.08
N THR D 337 -22.96 1.49 -1.13
CA THR D 337 -23.62 1.41 0.16
C THR D 337 -25.15 1.58 0.11
N ALA D 338 -25.62 2.54 -0.67
CA ALA D 338 -27.05 2.79 -0.79
C ALA D 338 -27.78 1.63 -1.45
N ILE D 339 -27.19 1.04 -2.49
CA ILE D 339 -27.84 -0.08 -3.17
C ILE D 339 -27.82 -1.30 -2.27
N TYR D 340 -26.71 -1.47 -1.56
CA TYR D 340 -26.55 -2.62 -0.67
C TYR D 340 -27.58 -2.63 0.44
N ILE D 341 -27.79 -1.46 1.06
CA ILE D 341 -28.75 -1.38 2.16
C ILE D 341 -30.18 -1.61 1.64
N ALA D 342 -30.50 -1.03 0.48
CA ALA D 342 -31.82 -1.20 -0.10
C ALA D 342 -32.10 -2.65 -0.54
N CYS D 343 -31.07 -3.34 -1.02
CA CYS D 343 -31.21 -4.69 -1.56
C CYS D 343 -30.81 -5.88 -0.68
N GLY D 344 -30.71 -5.66 0.64
CA GLY D 344 -30.37 -6.75 1.55
C GLY D 344 -28.96 -7.34 1.45
N GLN D 345 -28.03 -6.57 0.89
CA GLN D 345 -26.64 -6.99 0.78
C GLN D 345 -25.97 -6.76 2.14
N ASP D 346 -24.71 -7.16 2.25
CA ASP D 346 -23.96 -6.97 3.48
C ASP D 346 -23.26 -5.62 3.37
N ALA D 347 -23.82 -4.60 4.01
CA ALA D 347 -23.25 -3.25 3.89
C ALA D 347 -21.80 -3.10 4.38
N ALA D 348 -21.34 -3.99 5.25
CA ALA D 348 -19.98 -3.92 5.77
C ALA D 348 -18.98 -4.30 4.66
N GLN D 349 -19.47 -5.00 3.63
CA GLN D 349 -18.60 -5.35 2.49
C GLN D 349 -18.35 -4.19 1.54
N ASN D 350 -18.93 -3.03 1.85
CA ASN D 350 -18.63 -1.83 1.05
C ASN D 350 -17.09 -1.58 1.13
N VAL D 351 -16.44 -2.12 2.16
CA VAL D 351 -15.00 -1.90 2.30
C VAL D 351 -14.22 -2.33 1.02
N GLY D 352 -14.40 -3.56 0.58
CA GLY D 352 -13.76 -3.99 -0.66
C GLY D 352 -14.64 -3.86 -1.91
N SER D 353 -15.96 -3.91 -1.75
CA SER D 353 -16.87 -3.82 -2.90
C SER D 353 -16.79 -2.47 -3.62
N SER D 354 -16.37 -1.44 -2.87
CA SER D 354 -16.19 -0.09 -3.39
C SER D 354 -14.95 0.11 -4.25
N ASN D 355 -14.00 -0.84 -4.20
CA ASN D 355 -12.76 -0.74 -5.01
C ASN D 355 -13.18 -0.37 -6.46
N CYS D 356 -12.55 0.67 -7.00
CA CYS D 356 -12.92 1.14 -8.32
C CYS D 356 -11.93 2.10 -8.93
N ILE D 357 -11.66 1.93 -10.22
CA ILE D 357 -10.86 2.92 -10.91
C ILE D 357 -11.76 3.53 -11.99
N THR D 358 -11.90 4.85 -11.91
CA THR D 358 -12.70 5.63 -12.85
C THR D 358 -11.76 6.34 -13.82
N LEU D 359 -12.02 6.17 -15.11
CA LEU D 359 -11.19 6.77 -16.16
C LEU D 359 -12.04 7.56 -17.14
N MET D 360 -11.44 8.66 -17.64
CA MET D 360 -12.12 9.53 -18.59
C MET D 360 -11.16 10.00 -19.68
N GLU D 361 -11.68 10.13 -20.91
CA GLU D 361 -10.92 10.58 -22.08
C GLU D 361 -11.88 11.34 -22.98
N ALA D 362 -11.30 12.06 -23.93
CA ALA D 362 -12.05 12.83 -24.91
C ALA D 362 -12.41 11.89 -26.07
N SER D 363 -13.52 12.15 -26.73
CA SER D 363 -13.98 11.31 -27.84
C SER D 363 -14.69 12.20 -28.87
N GLY D 364 -14.97 11.67 -30.05
CA GLY D 364 -15.64 12.49 -31.06
C GLY D 364 -14.63 13.18 -31.97
N PRO D 365 -15.10 13.73 -33.10
CA PRO D 365 -14.29 14.42 -34.13
C PRO D 365 -13.42 15.54 -33.59
N THR D 366 -13.96 16.34 -32.68
CA THR D 366 -13.19 17.42 -32.10
C THR D 366 -12.90 17.19 -30.61
N ASN D 367 -12.90 15.93 -30.19
CA ASN D 367 -12.62 15.59 -28.80
C ASN D 367 -13.49 16.31 -27.79
N GLU D 368 -14.76 16.51 -28.12
CA GLU D 368 -15.66 17.20 -27.19
C GLU D 368 -16.58 16.29 -26.43
N ASP D 369 -16.71 15.05 -26.89
CA ASP D 369 -17.58 14.08 -26.19
C ASP D 369 -16.74 13.49 -25.06
N LEU D 370 -17.40 13.01 -24.00
CA LEU D 370 -16.68 12.43 -22.84
C LEU D 370 -16.83 10.91 -22.74
N TYR D 371 -15.72 10.18 -22.85
CA TYR D 371 -15.75 8.73 -22.69
C TYR D 371 -15.45 8.49 -21.21
N ILE D 372 -16.17 7.56 -20.58
CA ILE D 372 -15.95 7.24 -19.17
C ILE D 372 -16.05 5.75 -18.96
N SER D 373 -15.22 5.23 -18.06
CA SER D 373 -15.27 3.82 -17.73
C SER D 373 -14.99 3.63 -16.26
N CYS D 374 -15.67 2.66 -15.65
CA CYS D 374 -15.45 2.32 -14.26
C CYS D 374 -15.13 0.83 -14.21
N THR D 375 -14.08 0.47 -13.47
CA THR D 375 -13.68 -0.92 -13.33
C THR D 375 -13.67 -1.24 -11.83
N MET D 376 -14.47 -2.25 -11.46
CA MET D 376 -14.64 -2.69 -10.06
C MET D 376 -14.34 -4.17 -10.02
N PRO D 377 -13.12 -4.52 -9.56
CA PRO D 377 -12.69 -5.93 -9.49
C PRO D 377 -13.19 -6.76 -8.34
N SER D 378 -13.85 -6.15 -7.35
CA SER D 378 -14.26 -6.94 -6.17
C SER D 378 -15.63 -6.67 -5.58
N ILE D 379 -16.66 -6.76 -6.42
CA ILE D 379 -18.03 -6.56 -5.98
C ILE D 379 -18.56 -7.83 -5.33
N GLU D 380 -18.79 -7.76 -4.02
CA GLU D 380 -19.30 -8.90 -3.24
C GLU D 380 -20.81 -8.71 -3.13
N ILE D 381 -21.56 -9.56 -3.84
CA ILE D 381 -22.99 -9.39 -3.91
C ILE D 381 -23.79 -10.69 -4.15
N GLY D 382 -25.09 -10.68 -3.89
CA GLY D 382 -25.90 -11.87 -4.10
C GLY D 382 -27.38 -11.53 -4.08
N THR D 383 -28.21 -12.43 -4.61
CA THR D 383 -29.65 -12.23 -4.66
C THR D 383 -30.42 -13.28 -3.85
N VAL D 384 -29.70 -14.20 -3.21
CA VAL D 384 -30.29 -15.20 -2.32
C VAL D 384 -29.42 -15.19 -1.05
N GLY D 385 -30.02 -15.51 0.09
CA GLY D 385 -29.30 -15.54 1.34
C GLY D 385 -29.19 -14.23 2.11
N GLY D 386 -28.87 -14.33 3.40
CA GLY D 386 -28.72 -13.15 4.23
C GLY D 386 -29.92 -12.21 4.21
N GLY D 387 -29.63 -10.92 4.09
CA GLY D 387 -30.67 -9.91 4.06
C GLY D 387 -31.66 -10.03 2.90
N THR D 388 -31.30 -10.79 1.85
CA THR D 388 -32.22 -10.92 0.71
C THR D 388 -33.36 -11.86 1.03
N ASN D 389 -33.39 -12.38 2.25
CA ASN D 389 -34.45 -13.26 2.71
C ASN D 389 -35.61 -12.43 3.23
N LEU D 390 -35.40 -11.12 3.44
CA LEU D 390 -36.47 -10.27 3.97
C LEU D 390 -37.34 -9.66 2.86
N LEU D 391 -38.62 -9.45 3.15
CA LEU D 391 -39.57 -8.92 2.16
C LEU D 391 -39.28 -7.53 1.60
N PRO D 392 -39.07 -6.52 2.46
CA PRO D 392 -38.81 -5.21 1.85
C PRO D 392 -37.57 -5.24 0.93
N GLN D 393 -36.49 -5.90 1.37
CA GLN D 393 -35.33 -5.94 0.49
C GLN D 393 -35.61 -6.75 -0.79
N GLN D 394 -36.51 -7.73 -0.71
CA GLN D 394 -36.90 -8.51 -1.89
C GLN D 394 -37.66 -7.61 -2.85
N ALA D 395 -38.43 -6.67 -2.30
CA ALA D 395 -39.17 -5.73 -3.14
C ALA D 395 -38.17 -4.90 -3.99
N CYS D 396 -37.08 -4.45 -3.36
CA CYS D 396 -36.08 -3.69 -4.11
C CYS D 396 -35.35 -4.58 -5.14
N LEU D 397 -35.04 -5.82 -4.77
CA LEU D 397 -34.42 -6.73 -5.73
C LEU D 397 -35.37 -6.99 -6.92
N GLN D 398 -36.67 -7.08 -6.63
CA GLN D 398 -37.70 -7.30 -7.67
C GLN D 398 -37.79 -6.09 -8.59
N MET D 399 -37.61 -4.90 -8.03
CA MET D 399 -37.62 -3.66 -8.80
C MET D 399 -36.60 -3.75 -9.94
N LEU D 400 -35.48 -4.41 -9.66
CA LEU D 400 -34.38 -4.60 -10.61
C LEU D 400 -34.48 -5.89 -11.43
N GLY D 401 -35.47 -6.71 -11.12
CA GLY D 401 -35.69 -7.97 -11.83
C GLY D 401 -34.67 -9.04 -11.50
N VAL D 402 -34.04 -8.95 -10.33
CA VAL D 402 -33.03 -9.93 -9.98
C VAL D 402 -33.26 -10.65 -8.67
N GLN D 403 -34.49 -10.59 -8.13
CA GLN D 403 -34.78 -11.22 -6.85
C GLN D 403 -34.71 -12.76 -6.82
N GLY D 404 -33.97 -13.27 -5.84
CA GLY D 404 -33.85 -14.71 -5.68
C GLY D 404 -32.98 -15.44 -6.67
N ALA D 405 -33.17 -16.75 -6.74
CA ALA D 405 -32.38 -17.59 -7.62
C ALA D 405 -32.76 -17.41 -9.09
N CYS D 406 -31.77 -17.48 -9.96
CA CYS D 406 -32.06 -17.44 -11.38
C CYS D 406 -32.19 -18.93 -11.65
N LYS D 407 -33.42 -19.43 -11.55
CA LYS D 407 -33.70 -20.86 -11.69
C LYS D 407 -33.18 -21.53 -12.95
N ASP D 408 -33.29 -20.85 -14.09
CA ASP D 408 -32.80 -21.40 -15.35
C ASP D 408 -31.28 -21.41 -15.47
N ASN D 409 -30.63 -20.46 -14.80
CA ASN D 409 -29.17 -20.35 -14.88
C ASN D 409 -28.61 -19.72 -13.60
N PRO D 410 -28.43 -20.54 -12.56
CA PRO D 410 -27.92 -20.07 -11.27
C PRO D 410 -26.66 -19.23 -11.38
N GLY D 411 -26.73 -18.03 -10.81
CA GLY D 411 -25.60 -17.12 -10.88
C GLY D 411 -25.91 -15.90 -11.71
N GLU D 412 -26.88 -16.02 -12.62
CA GLU D 412 -27.19 -14.90 -13.50
C GLU D 412 -27.86 -13.68 -12.85
N ASN D 413 -28.67 -13.88 -11.82
CA ASN D 413 -29.30 -12.75 -11.12
C ASN D 413 -28.23 -11.95 -10.36
N ALA D 414 -27.30 -12.64 -9.70
CA ALA D 414 -26.24 -11.93 -8.96
C ALA D 414 -25.31 -11.21 -9.95
N ARG D 415 -24.98 -11.87 -11.06
CA ARG D 415 -24.14 -11.24 -12.06
C ARG D 415 -24.83 -10.00 -12.61
N GLN D 416 -26.14 -10.09 -12.85
CA GLN D 416 -26.87 -8.94 -13.36
C GLN D 416 -26.86 -7.79 -12.31
N LEU D 417 -27.04 -8.15 -11.04
CA LEU D 417 -27.03 -7.12 -9.99
C LEU D 417 -25.66 -6.42 -9.92
N ALA D 418 -24.58 -7.18 -10.11
CA ALA D 418 -23.22 -6.61 -10.07
C ALA D 418 -23.04 -5.61 -11.23
N ARG D 419 -23.59 -5.93 -12.40
CA ARG D 419 -23.50 -5.02 -13.55
C ARG D 419 -24.28 -3.71 -13.25
N ILE D 420 -25.45 -3.83 -12.63
CA ILE D 420 -26.26 -2.65 -12.26
C ILE D 420 -25.46 -1.78 -11.29
N VAL D 421 -24.84 -2.40 -10.30
CA VAL D 421 -24.04 -1.64 -9.33
C VAL D 421 -22.90 -0.87 -10.02
N CYS D 422 -22.17 -1.54 -10.92
CA CYS D 422 -21.06 -0.86 -11.62
C CYS D 422 -21.59 0.28 -12.49
N GLY D 423 -22.70 0.03 -13.18
CA GLY D 423 -23.33 1.06 -14.00
C GLY D 423 -23.81 2.25 -13.17
N THR D 424 -24.38 1.98 -11.98
CA THR D 424 -24.89 3.07 -11.13
C THR D 424 -23.72 3.87 -10.52
N VAL D 425 -22.62 3.18 -10.20
CA VAL D 425 -21.44 3.84 -9.66
C VAL D 425 -20.95 4.80 -10.76
N MET D 426 -20.93 4.32 -12.00
CA MET D 426 -20.50 5.16 -13.11
C MET D 426 -21.41 6.39 -13.24
N ALA D 427 -22.72 6.23 -13.08
CA ALA D 427 -23.61 7.41 -13.13
C ALA D 427 -23.26 8.35 -11.96
N GLY D 428 -23.03 7.78 -10.78
CA GLY D 428 -22.65 8.58 -9.61
C GLY D 428 -21.34 9.35 -9.86
N GLU D 429 -20.33 8.67 -10.39
CA GLU D 429 -19.03 9.28 -10.69
C GLU D 429 -19.15 10.46 -11.63
N LEU D 430 -19.97 10.30 -12.68
CA LEU D 430 -20.18 11.35 -13.67
C LEU D 430 -20.73 12.63 -13.05
N SER D 431 -21.78 12.48 -12.23
CA SER D 431 -22.41 13.64 -11.63
C SER D 431 -21.52 14.34 -10.60
N LEU D 432 -20.88 13.57 -9.71
CA LEU D 432 -20.01 14.20 -8.70
C LEU D 432 -18.82 14.90 -9.36
N MET D 433 -18.19 14.25 -10.33
CA MET D 433 -17.03 14.85 -10.99
C MET D 433 -17.42 16.13 -11.69
N ALA D 434 -18.62 16.15 -12.27
CA ALA D 434 -19.08 17.38 -12.92
C ALA D 434 -19.28 18.47 -11.87
N ALA D 435 -19.87 18.12 -10.72
CA ALA D 435 -20.09 19.13 -9.67
C ALA D 435 -18.75 19.68 -9.13
N LEU D 436 -17.76 18.80 -9.01
CA LEU D 436 -16.43 19.23 -8.55
C LEU D 436 -15.78 20.15 -9.57
N ALA D 437 -15.85 19.76 -10.85
CA ALA D 437 -15.25 20.57 -11.92
C ALA D 437 -15.91 21.95 -12.01
N ALA D 438 -17.22 22.00 -11.80
CA ALA D 438 -17.98 23.24 -11.87
C ALA D 438 -18.01 24.10 -10.60
N GLY D 439 -17.58 23.54 -9.48
CA GLY D 439 -17.58 24.26 -8.21
C GLY D 439 -18.96 24.27 -7.55
N HIS D 440 -19.73 23.21 -7.77
CA HIS D 440 -21.10 23.10 -7.26
C HIS D 440 -21.30 22.18 -6.04
N LEU D 441 -20.24 21.52 -5.56
CA LEU D 441 -20.43 20.60 -4.43
C LEU D 441 -21.06 21.18 -3.18
N VAL D 442 -20.42 22.18 -2.58
CA VAL D 442 -20.93 22.77 -1.34
C VAL D 442 -22.34 23.32 -1.50
N LYS D 443 -22.58 24.05 -2.58
CA LYS D 443 -23.90 24.63 -2.83
C LYS D 443 -25.01 23.57 -2.90
N SER D 444 -24.78 22.47 -3.61
CA SER D 444 -25.79 21.42 -3.71
C SER D 444 -26.09 20.79 -2.35
N HIS D 445 -25.05 20.59 -1.54
CA HIS D 445 -25.27 20.03 -0.21
C HIS D 445 -25.94 20.99 0.77
N MET D 446 -25.74 22.29 0.60
CA MET D 446 -26.41 23.25 1.48
C MET D 446 -27.91 23.21 1.15
N ILE D 447 -28.21 22.95 -0.12
CA ILE D 447 -29.58 22.88 -0.59
C ILE D 447 -30.32 21.59 -0.20
N HIS D 448 -29.71 20.43 -0.46
CA HIS D 448 -30.35 19.14 -0.21
C HIS D 448 -29.86 18.29 0.96
N ASN D 449 -28.78 18.73 1.62
CA ASN D 449 -28.20 17.92 2.67
C ASN D 449 -27.94 18.69 3.97
N ARG D 450 -28.88 19.57 4.32
CA ARG D 450 -28.81 20.36 5.54
C ARG D 450 -30.19 20.86 5.95
N SER D 451 -30.62 20.54 7.16
CA SER D 451 -31.94 20.99 7.62
C SER D 451 -31.97 22.51 7.83
N1A COA E . 34.14 -8.48 12.01
C2A COA E . 33.49 -9.57 11.67
N3A COA E . 32.71 -10.33 12.43
C4A COA E . 32.54 -9.89 13.81
C5A COA E . 33.25 -8.68 14.23
C6A COA E . 34.05 -8.00 13.23
N6A COA E . 34.71 -6.90 13.54
N7A COA E . 33.00 -8.38 15.56
C8A COA E . 32.16 -9.42 15.86
N9A COA E . 31.82 -10.37 14.90
C1B COA E . 30.91 -11.54 14.98
C2B COA E . 31.58 -12.92 15.01
O2B COA E . 30.95 -13.82 14.12
C3B COA E . 31.32 -13.44 16.42
O3B COA E . 32.51 -13.57 17.19
P3B COA E . 33.38 -14.92 17.26
O7A COA E . 34.84 -14.58 16.73
O8A COA E . 33.46 -15.40 18.78
O9A COA E . 32.74 -16.09 16.38
C4B COA E . 30.19 -12.55 17.00
O4B COA E . 30.17 -11.38 16.18
C5B COA E . 30.29 -12.07 18.46
O5B COA E . 31.45 -11.28 18.68
P1A COA E . 31.53 -10.31 19.98
O1A COA E . 30.99 -11.14 21.22
O2A COA E . 33.06 -9.86 20.20
O3A COA E . 30.70 -8.94 19.80
P2A COA E . 29.10 -8.69 19.80
O4A COA E . 28.26 -10.02 20.08
O5A COA E . 28.80 -7.55 20.86
O6A COA E . 28.72 -8.17 18.32
CBP COA E . 28.57 -6.58 16.50
CCP COA E . 29.42 -7.08 17.70
CDP COA E . 29.26 -5.29 15.89
CEP COA E . 28.62 -7.71 15.44
CAP COA E . 27.10 -6.29 17.02
OAP COA E . 27.13 -5.16 17.90
C9P COA E . 26.04 -6.03 15.93
O9P COA E . 25.81 -6.94 15.10
N8P COA E . 25.40 -4.86 15.92
C7P COA E . 24.32 -4.69 14.96
C6P COA E . 24.83 -3.93 13.72
C5P COA E . 23.70 -3.89 12.71
O5P COA E . 23.17 -4.96 12.40
N4P COA E . 23.34 -2.73 12.18
C3P COA E . 22.36 -2.72 11.06
C2P COA E . 22.92 -2.04 9.84
S1P COA E . 24.38 -2.95 9.22
C1 MAH F . 20.74 0.15 9.15
C2 MAH F . 19.31 -0.40 9.13
C3 MAH F . 18.34 0.03 10.25
C4 MAH F . 16.98 -0.65 9.94
C5 MAH F . 15.90 -0.61 11.02
C6 MAH F . 18.84 -0.28 11.70
O1 MAH F . 21.36 0.24 8.09
O2 MAH F . 21.27 0.53 10.21
O3 MAH F . 15.91 -1.52 11.90
O4 MAH F . 15.03 0.29 10.97
O7 MAH F . 18.12 1.43 10.19
PA NAP G . 20.66 -11.39 -21.09
O1A NAP G . 22.25 -11.30 -21.31
O2A NAP G . 19.97 -10.16 -21.81
O5B NAP G . 20.12 -12.77 -21.68
C5B NAP G . 20.73 -14.05 -21.40
C4B NAP G . 21.50 -14.54 -22.63
O4B NAP G . 22.38 -15.61 -22.24
C3B NAP G . 20.58 -15.11 -23.72
O3B NAP G . 21.07 -14.74 -25.02
C2B NAP G . 20.63 -16.61 -23.45
O2B NAP G . 20.27 -17.38 -24.60
C1B NAP G . 22.08 -16.80 -22.99
N9A NAP G . 22.24 -17.96 -22.10
C8A NAP G . 23.17 -19.00 -22.13
N7A NAP G . 23.20 -19.98 -21.23
C5A NAP G . 22.06 -19.53 -20.43
C6A NAP G . 21.43 -20.05 -19.24
N6A NAP G . 21.81 -21.15 -18.60
N1A NAP G . 20.39 -19.44 -18.70
C2A NAP G . 19.93 -18.33 -19.24
N3A NAP G . 20.35 -17.70 -20.30
C4A NAP G . 21.51 -18.31 -20.99
O3 NAP G . 20.41 -11.40 -19.50
PN NAP G . 19.06 -10.85 -18.91
O1N NAP G . 18.90 -11.50 -17.47
O2N NAP G . 17.80 -11.20 -19.83
O5D NAP G . 19.22 -9.26 -18.68
C5D NAP G . 20.10 -8.75 -17.65
C4D NAP G . 20.37 -7.27 -17.84
O4D NAP G . 19.13 -6.59 -18.08
C3D NAP G . 21.03 -6.54 -16.62
O3D NAP G . 22.22 -5.85 -17.00
C2D NAP G . 19.92 -5.61 -16.11
O2D NAP G . 20.49 -4.44 -15.53
C1D NAP G . 19.16 -5.32 -17.39
N1N NAP G . 17.75 -4.86 -17.21
C2N NAP G . 17.04 -4.66 -18.30
C3N NAP G . 15.71 -4.25 -18.28
C7N NAP G . 14.91 -4.03 -19.55
O7N NAP G . 13.69 -4.15 -19.64
N7N NAP G . 15.48 -3.68 -20.70
C4N NAP G . 15.13 -4.05 -17.00
C5N NAP G . 15.89 -4.26 -15.82
C6N NAP G . 17.22 -4.68 -15.99
P2B NAP G . 18.97 -16.99 -25.50
O1X NAP G . 17.81 -16.50 -24.54
O2X NAP G . 19.36 -15.81 -26.51
O3X NAP G . 18.49 -18.29 -26.30
N1A COA H . 26.61 6.98 -24.93
C2A COA H . 26.20 8.09 -24.35
N3A COA H . 25.21 8.88 -24.70
C4A COA H . 24.45 8.46 -25.89
C5A COA H . 24.87 7.23 -26.56
C6A COA H . 25.99 6.51 -26.00
N6A COA H . 26.44 5.39 -26.54
N7A COA H . 24.08 6.95 -27.66
C8A COA H . 23.23 8.02 -27.58
N9A COA H . 23.36 8.97 -26.58
C1B COA H . 22.54 10.18 -26.29
C2B COA H . 23.17 11.54 -26.61
O2B COA H . 23.18 12.40 -25.46
C3B COA H . 22.27 12.19 -27.66
O3B COA H . 22.95 12.58 -28.86
P3B COA H . 24.03 13.80 -28.91
O7A COA H . 25.38 13.22 -29.52
O8A COA H . 23.46 15.01 -29.80
O9A COA H . 24.32 14.35 -27.42
C4B COA H . 21.03 11.24 -27.78
O4B COA H . 21.37 10.05 -27.09
C5B COA H . 20.53 10.77 -29.15
O5B COA H . 21.51 10.01 -29.86
P1A COA H . 21.06 9.03 -31.07
O1A COA H . 20.03 9.83 -32.02
O2A COA H . 22.37 8.60 -31.89
O3A COA H . 20.38 7.68 -30.56
P2A COA H . 18.89 7.49 -29.92
O4A COA H . 18.01 8.83 -29.94
O5A COA H . 18.19 6.31 -30.73
O6A COA H . 19.10 7.02 -28.41
CBP COA H . 19.52 5.37 -26.70
CCP COA H . 19.85 5.83 -28.13
CDP COA H . 20.34 4.06 -26.41
CEP COA H . 20.00 6.51 -25.75
CAP COA H . 17.96 5.13 -26.61
OAP COA H . 17.57 4.13 -27.56
C9P COA H . 17.49 4.74 -25.20
O9P COA H . 17.63 5.56 -24.30
N8P COA H . 16.94 3.52 -25.00
C7P COA H . 17.10 2.84 -23.70
C6P COA H . 16.27 3.64 -22.71
C5P COA H . 16.33 3.17 -21.27
O5P COA H . 16.29 4.04 -20.41
N4P COA H . 16.42 1.85 -20.99
C3P COA H . 16.02 1.28 -19.68
C2P COA H . 16.94 1.75 -18.55
S1P COA H . 18.67 1.37 -18.95
C1 MAH I . 15.14 -1.09 -16.89
C2 MAH I . 13.90 -0.51 -16.26
C3 MAH I . 12.53 -0.94 -16.79
C4 MAH I . 11.46 -0.20 -15.95
C5 MAH I . 10.03 -0.18 -16.48
C6 MAH I . 12.35 -0.70 -18.32
O1 MAH I . 16.15 -1.20 -16.21
O2 MAH I . 15.14 -1.45 -18.09
O3 MAH I . 9.70 0.73 -17.29
O4 MAH I . 9.23 -1.05 -16.09
O7 MAH I . 12.34 -2.34 -16.57
PA NAP J . 28.01 9.89 10.65
O1A NAP J . 29.50 9.65 10.13
O2A NAP J . 27.64 8.75 11.71
O5B NAP J . 27.84 11.33 11.31
C5B NAP J . 28.33 12.54 10.70
C4B NAP J . 29.53 13.05 11.50
O4B NAP J . 30.18 14.14 10.79
C3B NAP J . 29.16 13.58 12.88
O3B NAP J . 30.13 13.16 13.84
C2B NAP J . 29.13 15.09 12.66
O2B NAP J . 29.36 15.81 13.88
C1B NAP J . 30.24 15.30 11.64
N9A NAP J . 30.05 16.51 10.80
C8A NAP J . 30.92 17.55 10.52
N7A NAP J . 30.61 18.58 9.73
C5A NAP J . 29.26 18.18 9.40
C6A NAP J . 28.23 18.77 8.57
N6A NAP J . 28.35 19.92 7.87
N1A NAP J . 27.04 18.17 8.42
C2A NAP J . 26.80 17.04 9.05
N3A NAP J . 27.60 16.35 9.85
C4A NAP J . 28.93 16.92 10.07
O3 NAP J . 27.13 9.86 9.35
PN NAP J . 25.61 9.53 9.40
O1N NAP J . 24.96 10.33 8.19
O2N NAP J . 24.88 9.95 10.76
O5D NAP J . 25.48 7.98 9.08
C5D NAP J . 25.82 7.44 7.77
C4D NAP J . 26.14 5.96 7.89
O4D NAP J . 25.10 5.31 8.64
C3D NAP J . 26.22 5.17 6.54
O3D NAP J . 27.38 4.35 6.49
C2D NAP J . 24.93 4.36 6.53
O2D NAP J . 25.12 3.20 5.73
C1D NAP J . 24.79 4.06 8.02
N1N NAP J . 23.41 3.69 8.47
C2N NAP J . 23.21 3.52 9.77
C3N NAP J . 21.97 3.18 10.31
C7N NAP J . 21.71 3.00 11.80
O7N NAP J . 20.66 3.29 12.35
N7N NAP J . 22.63 2.51 12.62
C4N NAP J . 20.90 3.03 9.37
C5N NAP J . 21.12 3.21 7.99
C6N NAP J . 22.41 3.54 7.58
P2B NAP J . 28.51 15.54 15.21
O1X NAP J . 27.00 15.15 14.81
O2X NAP J . 29.13 14.31 16.04
O3X NAP J . 28.55 16.89 16.06
N1A COA K . -28.37 -13.70 21.29
C2A COA K . -27.64 -12.85 21.99
N3A COA K . -26.56 -13.08 22.69
C4A COA K . -26.09 -14.47 22.70
C5A COA K . -26.86 -15.45 21.94
C6A COA K . -28.03 -14.98 21.24
N6A COA K . -28.79 -15.82 20.52
N7A COA K . -26.33 -16.73 22.04
C8A COA K . -25.26 -16.44 22.83
N9A COA K . -25.01 -15.13 23.29
C1B COA K . -23.91 -14.59 24.14
C2B COA K . -24.31 -14.17 25.56
O2B COA K . -23.82 -12.88 25.88
C3B COA K . -23.63 -15.19 26.49
O3B COA K . -24.54 -16.05 27.18
P3B COA K . -25.24 -15.70 28.61
O7A COA K . -26.81 -15.45 28.41
O8A COA K . -25.02 -16.94 29.61
O9A COA K . -24.57 -14.38 29.24
C4B COA K . -22.55 -15.87 25.61
O4B COA K . -22.91 -15.62 24.25
C5B COA K . -22.36 -17.39 25.73
O5B COA K . -23.55 -18.10 25.37
P1A COA K . -23.46 -19.64 24.92
O1A COA K . -22.40 -20.39 25.87
O2A COA K . -24.92 -20.30 25.06
O3A COA K . -23.02 -19.79 23.38
P2A COA K . -21.55 -19.59 22.75
O4A COA K . -20.44 -19.21 23.85
O5A COA K . -21.14 -20.95 22.00
O6A COA K . -21.67 -18.41 21.69
CBP COA K . -22.26 -17.46 19.53
CCP COA K . -22.69 -18.41 20.67
CDP COA K . -23.30 -17.62 18.39
CEP COA K . -22.36 -16.00 20.08
CAP COA K . -20.79 -17.85 19.07
OAP COA K . -20.80 -19.15 18.45
C9P COA K . -20.13 -16.86 18.11
O9P COA K . -19.87 -15.71 18.54
N8P COA K . -19.87 -17.25 16.83
C7P COA K . -20.06 -16.29 15.74
C6P COA K . -18.91 -15.35 15.83
C5P COA K . -18.92 -14.19 14.87
O5P COA K . -18.46 -13.14 15.29
N4P COA K . -19.44 -14.36 13.62
C3P COA K . -18.86 -13.72 12.41
C2P COA K . -19.14 -12.20 12.30
S1P COA K . -20.89 -11.76 12.68
PA NAP L . -24.18 19.62 8.73
O1A NAP L . -25.71 19.43 9.00
O2A NAP L . -23.94 20.02 7.22
O5B NAP L . -23.65 20.79 9.66
C5B NAP L . -24.01 20.90 11.04
C4B NAP L . -24.94 22.10 11.25
O4B NAP L . -25.39 22.05 12.61
C3B NAP L . -24.22 23.43 11.08
O3B NAP L . -25.13 24.41 10.49
C2B NAP L . -23.82 23.76 12.52
O2B NAP L . -23.56 25.17 12.74
C1B NAP L . -25.01 23.25 13.30
N9A NAP L . -24.68 22.91 14.69
C8A NAP L . -25.34 23.24 15.87
N7A NAP L . -24.92 22.84 17.07
C5A NAP L . -23.77 22.09 16.62
C6A NAP L . -22.77 21.32 17.34
N6A NAP L . -22.75 21.18 18.66
N1A NAP L . -21.78 20.72 16.69
C2A NAP L . -21.70 20.80 15.38
N3A NAP L . -22.51 21.44 14.56
C4A NAP L . -23.64 22.15 15.18
O3 NAP L . -23.50 18.27 9.16
PN NAP L . -22.13 17.79 8.54
O1N NAP L . -21.49 16.83 9.60
O2N NAP L . -21.11 18.96 8.18
O5D NAP L . -22.47 16.89 7.26
C5D NAP L . -23.14 15.63 7.40
C4D NAP L . -23.67 15.16 6.06
O4D NAP L . -22.64 15.31 5.08
C3D NAP L . -24.10 13.68 5.98
O3D NAP L . -25.44 13.54 5.50
C2D NAP L . -23.05 13.04 5.06
O2D NAP L . -23.61 11.92 4.36
C1D NAP L . -22.71 14.21 4.18
N1N NAP L . -21.39 14.15 3.48
C2N NAP L . -21.06 15.19 2.73
C3N NAP L . -19.88 15.31 2.05
C7N NAP L . -19.53 16.50 1.21
O7N NAP L . -18.49 17.10 1.28
N7N NAP L . -20.39 17.00 0.33
C4N NAP L . -18.97 14.22 2.18
C5N NAP L . -19.30 13.09 2.96
C6N NAP L . -20.55 13.10 3.61
P2B NAP L . -22.74 26.11 11.73
O1X NAP L . -21.42 25.35 11.22
O2X NAP L . -23.67 26.45 10.49
O3X NAP L . -22.32 27.42 12.53
C1 MAH M . -19.58 12.77 -0.43
C2 MAH M . -18.34 12.20 -1.12
C3 MAH M . -17.14 13.12 -1.37
C4 MAH M . -16.04 12.25 -2.06
C5 MAH M . -14.86 12.99 -2.64
C6 MAH M . -17.46 14.38 -2.21
O1 MAH M . -20.35 11.99 0.16
O2 MAH M . -19.83 14.00 -0.44
O3 MAH M . -14.92 13.36 -3.84
O4 MAH M . -13.87 13.20 -1.91
O7 MAH M . -16.59 13.58 -0.14
N1A COA N . -34.02 14.82 -7.49
C2A COA N . -33.69 13.96 -8.42
N3A COA N . -32.99 14.15 -9.52
C4A COA N . -32.51 15.51 -9.74
C5A COA N . -32.85 16.52 -8.73
C6A COA N . -33.63 16.09 -7.59
N6A COA N . -33.99 16.93 -6.61
N7A COA N . -32.33 17.76 -9.07
C8A COA N . -31.71 17.44 -10.24
N9A COA N . -31.75 16.13 -10.74
C1B COA N . -31.14 15.53 -11.96
C2B COA N . -32.10 15.19 -13.10
O2B COA N . -31.96 13.82 -13.46
C3B COA N . -31.61 15.99 -14.31
O3B COA N . -32.63 16.75 -14.97
P3B COA N . -33.97 16.10 -15.60
O7A COA N . -34.09 14.52 -15.24
O8A COA N . -35.20 16.90 -14.98
O9A COA N . -33.99 16.25 -17.21
C4B COA N . -30.33 16.75 -13.85
O4B COA N . -30.19 16.48 -12.45
C5B COA N . -30.24 18.28 -14.00
O5B COA N . -31.21 19.00 -13.24
P1A COA N . -30.90 20.54 -12.89
O1A COA N . -30.35 21.26 -14.21
O2A COA N . -32.23 21.26 -12.38
O3A COA N . -29.85 20.69 -11.69
P2A COA N . -28.26 20.42 -11.68
O4A COA N . -27.67 20.02 -13.10
O5A COA N . -27.55 21.73 -11.14
O6A COA N . -28.04 19.22 -10.64
CBP COA N . -27.59 18.35 -8.43
CCP COA N . -28.40 19.36 -9.26
CDP COA N . -27.98 18.51 -6.92
CEP COA N . -28.04 16.93 -8.93
CAP COA N . -26.07 18.60 -8.67
OAP COA N . -25.73 19.89 -8.16
C9P COA N . -25.15 17.55 -8.04
O9P COA N . -25.20 16.39 -8.53
N8P COA N . -24.38 17.91 -6.99
C7P COA N . -24.16 16.94 -5.92
C6P COA N . -23.12 16.01 -6.45
C5P COA N . -22.76 14.83 -5.58
O5P COA N . -22.53 13.83 -6.18
N4P COA N . -22.73 14.93 -4.23
C3P COA N . -21.64 14.30 -3.44
C2P COA N . -21.99 12.97 -2.73
S1P COA N . -23.76 12.53 -2.76
C1 MAH O . -18.11 -12.11 8.91
C2 MAH O . -16.68 -11.60 9.02
C3 MAH O . -15.53 -12.57 8.70
C4 MAH O . -14.21 -11.78 8.87
C5 MAH O . -12.91 -12.57 8.87
C6 MAH O . -15.56 -13.85 9.56
O1 MAH O . -19.01 -11.31 8.62
O2 MAH O . -18.38 -13.33 9.09
O3 MAH O . -12.50 -13.02 9.97
O4 MAH O . -12.30 -12.73 7.80
O7 MAH O . -15.61 -12.97 7.33
PA NAP P . -26.28 -18.75 2.50
O1A NAP P . -27.77 -18.36 2.89
O2A NAP P . -25.44 -19.13 3.77
O5B NAP P . -26.23 -19.94 1.47
C5B NAP P . -27.10 -20.01 0.32
C4B NAP P . -28.10 -21.15 0.51
O4B NAP P . -29.09 -21.02 -0.52
C3B NAP P . -27.50 -22.54 0.34
O3B NAP P . -28.18 -23.47 1.20
C2B NAP P . -27.74 -22.82 -1.12
O2B NAP P . -27.69 -24.22 -1.43
C1B NAP P . -29.12 -22.22 -1.30
N9A NAP P . -29.40 -21.84 -2.68
C8A NAP P . -30.53 -22.07 -3.46
N7A NAP P . -30.65 -21.64 -4.70
C5A NAP P . -29.37 -20.98 -4.79
C6A NAP P . -28.75 -20.24 -5.86
N6A NAP P . -29.32 -20.04 -7.07
N1A NAP P . -27.53 -19.70 -5.70
C2A NAP P . -26.89 -19.86 -4.54
N3A NAP P . -27.29 -20.49 -3.46
C4A NAP P . -28.63 -21.11 -3.56
O3 NAP P . -25.77 -17.47 1.73
PN NAP P . -24.29 -16.99 1.80
O1N NAP P . -24.17 -15.99 0.60
O2N NAP P . -23.24 -18.17 1.69
O5D NAP P . -24.11 -16.13 3.14
C5D NAP P . -24.83 -14.88 3.30
C4D NAP P . -24.64 -14.32 4.72
O4D NAP P . -23.27 -14.49 5.12
C3D NAP P . -24.93 -12.82 4.91
O3D NAP P . -25.94 -12.59 5.90
C2D NAP P . -23.56 -12.22 5.27
O2D NAP P . -23.74 -11.09 6.11
C1D NAP P . -22.92 -13.40 5.98
N1N NAP P . -21.42 -13.41 6.07
C2N NAP P . -20.85 -14.47 6.63
C3N NAP P . -19.47 -14.64 6.77
C7N NAP P . -18.85 -15.87 7.42
O7N NAP P . -17.85 -16.43 7.00
N7N NAP P . -19.38 -16.44 8.49
C4N NAP P . -18.65 -13.57 6.27
C5N NAP P . -19.24 -12.43 5.67
C6N NAP P . -20.66 -12.39 5.59
P2B NAP P . -26.50 -25.22 -0.96
O1X NAP P . -25.09 -24.49 -1.06
O2X NAP P . -26.77 -25.67 0.54
O3X NAP P . -26.52 -26.45 -1.96
#